data_1V85
#
_entry.id   1V85
#
_entity_poly.entity_id   1
_entity_poly.type   'polypeptide(L)'
_entity_poly.pdbx_seq_one_letter_code
;GSSGSSGEHGLLVHKAVDKWTTEEVVLWLEQLGPWASLYRDRFLSERVNGRLLLTLTEEEFSRAPYTIENSSHRRVILTE
LERVRSGPSSG
;
_entity_poly.pdbx_strand_id   A
#
# COMPACT_ATOMS: atom_id res chain seq x y z
N GLY A 1 -14.29 9.87 -13.82
CA GLY A 1 -15.33 9.58 -14.79
C GLY A 1 -15.90 8.19 -14.65
N SER A 2 -16.24 7.57 -15.78
CA SER A 2 -16.80 6.22 -15.78
C SER A 2 -15.69 5.18 -15.92
N SER A 3 -14.59 5.39 -15.21
CA SER A 3 -13.45 4.47 -15.26
C SER A 3 -13.53 3.46 -14.11
N GLY A 4 -13.90 2.23 -14.44
CA GLY A 4 -14.01 1.19 -13.44
C GLY A 4 -14.56 1.71 -12.12
N SER A 5 -14.18 1.06 -11.02
CA SER A 5 -14.65 1.46 -9.71
C SER A 5 -14.20 2.87 -9.37
N SER A 6 -14.69 3.40 -8.25
CA SER A 6 -14.34 4.76 -7.82
C SER A 6 -12.88 4.82 -7.40
N GLY A 7 -12.05 5.43 -8.24
CA GLY A 7 -10.63 5.55 -7.93
C GLY A 7 -9.85 6.17 -9.07
N GLU A 8 -8.85 6.98 -8.73
CA GLU A 8 -8.02 7.64 -9.73
C GLU A 8 -6.54 7.47 -9.40
N HIS A 9 -5.74 7.25 -10.43
CA HIS A 9 -4.30 7.07 -10.26
C HIS A 9 -3.57 8.41 -10.27
N GLY A 10 -3.50 9.05 -9.10
CA GLY A 10 -2.83 10.33 -9.00
C GLY A 10 -3.08 11.01 -7.66
N LEU A 11 -4.34 11.01 -7.22
CA LEU A 11 -4.71 11.62 -5.95
C LEU A 11 -4.16 10.82 -4.77
N LEU A 12 -3.58 9.66 -5.08
CA LEU A 12 -3.02 8.80 -4.04
C LEU A 12 -2.16 9.60 -3.07
N VAL A 13 -1.12 10.24 -3.60
CA VAL A 13 -0.23 11.05 -2.77
C VAL A 13 -0.96 12.23 -2.16
N HIS A 14 -1.75 12.93 -2.98
CA HIS A 14 -2.51 14.08 -2.51
C HIS A 14 -3.29 13.74 -1.25
N LYS A 15 -3.73 12.49 -1.16
CA LYS A 15 -4.49 12.03 -0.01
C LYS A 15 -3.61 11.22 0.95
N ALA A 16 -3.57 11.65 2.21
CA ALA A 16 -2.77 10.98 3.22
C ALA A 16 -2.96 9.47 3.16
N VAL A 17 -1.87 8.72 3.27
CA VAL A 17 -1.93 7.27 3.22
C VAL A 17 -2.63 6.71 4.45
N ASP A 18 -2.64 7.49 5.53
CA ASP A 18 -3.29 7.06 6.77
C ASP A 18 -4.81 7.22 6.67
N LYS A 19 -5.27 7.69 5.52
CA LYS A 19 -6.70 7.88 5.29
C LYS A 19 -7.21 6.96 4.20
N TRP A 20 -6.29 6.20 3.60
CA TRP A 20 -6.67 5.27 2.53
C TRP A 20 -7.58 4.17 3.06
N THR A 21 -8.16 3.40 2.14
CA THR A 21 -9.06 2.32 2.50
C THR A 21 -8.57 0.99 1.96
N THR A 22 -9.08 -0.10 2.53
CA THR A 22 -8.69 -1.44 2.10
C THR A 22 -8.61 -1.53 0.58
N GLU A 23 -9.34 -0.65 -0.10
CA GLU A 23 -9.36 -0.63 -1.56
C GLU A 23 -8.13 0.11 -2.10
N GLU A 24 -8.02 1.39 -1.77
CA GLU A 24 -6.90 2.22 -2.23
C GLU A 24 -5.58 1.58 -1.85
N VAL A 25 -5.51 1.02 -0.64
CA VAL A 25 -4.30 0.37 -0.16
C VAL A 25 -3.78 -0.66 -1.16
N VAL A 26 -4.70 -1.49 -1.67
CA VAL A 26 -4.34 -2.52 -2.63
C VAL A 26 -4.09 -1.91 -4.02
N LEU A 27 -4.85 -0.87 -4.33
CA LEU A 27 -4.71 -0.19 -5.62
C LEU A 27 -3.32 0.41 -5.77
N TRP A 28 -2.89 1.15 -4.77
CA TRP A 28 -1.58 1.79 -4.79
C TRP A 28 -0.47 0.75 -4.89
N LEU A 29 -0.64 -0.37 -4.18
CA LEU A 29 0.34 -1.43 -4.18
C LEU A 29 0.27 -2.24 -5.48
N GLU A 30 -0.89 -2.22 -6.11
CA GLU A 30 -1.09 -2.94 -7.36
C GLU A 30 -0.49 -2.17 -8.54
N GLN A 31 0.21 -1.08 -8.23
CA GLN A 31 0.83 -0.25 -9.26
C GLN A 31 2.35 -0.42 -9.24
N LEU A 32 2.89 -0.76 -8.06
CA LEU A 32 4.33 -0.94 -7.90
C LEU A 32 4.82 -2.09 -8.78
N GLY A 33 3.94 -3.04 -9.06
CA GLY A 33 4.31 -4.17 -9.88
C GLY A 33 3.19 -5.20 -10.00
N PRO A 34 3.31 -6.09 -10.99
CA PRO A 34 2.30 -7.14 -11.23
C PRO A 34 2.29 -8.19 -10.13
N TRP A 35 3.39 -8.28 -9.39
CA TRP A 35 3.51 -9.26 -8.31
C TRP A 35 2.65 -8.85 -7.11
N ALA A 36 2.18 -7.61 -7.13
CA ALA A 36 1.34 -7.10 -6.05
C ALA A 36 0.09 -7.96 -5.87
N SER A 37 -0.34 -8.61 -6.95
CA SER A 37 -1.52 -9.47 -6.91
C SER A 37 -1.25 -10.71 -6.07
N LEU A 38 0.03 -10.98 -5.78
CA LEU A 38 0.41 -12.13 -4.99
C LEU A 38 0.29 -11.84 -3.50
N TYR A 39 0.15 -10.56 -3.16
CA TYR A 39 0.04 -10.14 -1.77
C TYR A 39 -1.31 -9.46 -1.52
N ARG A 40 -1.85 -8.82 -2.55
CA ARG A 40 -3.13 -8.13 -2.43
C ARG A 40 -4.12 -8.96 -1.62
N ASP A 41 -4.17 -10.26 -1.91
CA ASP A 41 -5.08 -11.15 -1.20
C ASP A 41 -4.91 -11.01 0.32
N ARG A 42 -3.66 -10.89 0.76
CA ARG A 42 -3.36 -10.75 2.18
C ARG A 42 -3.77 -9.37 2.69
N PHE A 43 -3.84 -8.40 1.78
CA PHE A 43 -4.23 -7.04 2.14
C PHE A 43 -5.74 -6.94 2.35
N LEU A 44 -6.50 -7.59 1.47
CA LEU A 44 -7.95 -7.58 1.56
C LEU A 44 -8.44 -8.43 2.72
N SER A 45 -8.01 -9.69 2.75
CA SER A 45 -8.41 -10.62 3.81
C SER A 45 -8.12 -10.01 5.18
N GLU A 46 -6.95 -9.42 5.33
CA GLU A 46 -6.55 -8.80 6.59
C GLU A 46 -7.08 -7.37 6.68
N ARG A 47 -7.97 -7.01 5.78
CA ARG A 47 -8.55 -5.68 5.75
C ARG A 47 -7.49 -4.63 6.05
N VAL A 48 -6.27 -4.87 5.59
CA VAL A 48 -5.16 -3.94 5.81
C VAL A 48 -5.45 -2.59 5.18
N ASN A 49 -5.81 -1.62 6.02
CA ASN A 49 -6.11 -0.27 5.54
C ASN A 49 -4.86 0.59 5.50
N GLY A 50 -4.99 1.81 4.99
CA GLY A 50 -3.86 2.71 4.91
C GLY A 50 -3.21 2.93 6.26
N ARG A 51 -3.98 3.42 7.22
CA ARG A 51 -3.45 3.68 8.56
C ARG A 51 -2.62 2.51 9.05
N LEU A 52 -3.04 1.30 8.70
CA LEU A 52 -2.32 0.09 9.12
C LEU A 52 -1.13 -0.17 8.21
N LEU A 53 -1.27 0.19 6.93
CA LEU A 53 -0.21 -0.01 5.95
C LEU A 53 1.04 0.77 6.35
N LEU A 54 0.84 1.96 6.90
CA LEU A 54 1.95 2.80 7.33
C LEU A 54 2.62 2.22 8.58
N THR A 55 1.81 1.74 9.51
CA THR A 55 2.33 1.15 10.74
C THR A 55 3.23 -0.04 10.45
N LEU A 56 2.84 -0.85 9.49
CA LEU A 56 3.62 -2.03 9.11
C LEU A 56 5.04 -1.65 8.75
N THR A 57 6.01 -2.30 9.39
CA THR A 57 7.42 -2.03 9.15
C THR A 57 8.08 -3.20 8.43
N GLU A 58 9.32 -3.00 8.00
CA GLU A 58 10.07 -4.04 7.30
C GLU A 58 9.84 -5.40 7.96
N GLU A 59 9.89 -5.43 9.29
CA GLU A 59 9.69 -6.68 10.03
C GLU A 59 8.29 -7.22 9.80
N GLU A 60 7.29 -6.50 10.32
CA GLU A 60 5.90 -6.91 10.17
C GLU A 60 5.66 -7.56 8.81
N PHE A 61 6.16 -6.92 7.76
CA PHE A 61 6.01 -7.42 6.40
C PHE A 61 6.65 -8.79 6.25
N SER A 62 7.84 -8.95 6.83
CA SER A 62 8.57 -10.21 6.76
C SER A 62 7.95 -11.25 7.69
N ARG A 63 7.08 -10.79 8.59
CA ARG A 63 6.42 -11.68 9.53
C ARG A 63 5.04 -12.08 9.03
N ALA A 64 4.60 -13.29 9.36
CA ALA A 64 3.31 -13.79 8.94
C ALA A 64 2.19 -12.86 9.40
N PRO A 65 1.01 -13.00 8.78
CA PRO A 65 0.79 -13.98 7.71
C PRO A 65 1.53 -13.62 6.43
N TYR A 66 1.74 -12.33 6.22
CA TYR A 66 2.45 -11.86 5.03
C TYR A 66 3.74 -12.63 4.81
N THR A 67 4.48 -12.85 5.90
CA THR A 67 5.74 -13.57 5.82
C THR A 67 6.45 -13.33 4.50
N ILE A 68 6.36 -12.09 4.01
CA ILE A 68 7.00 -11.72 2.74
C ILE A 68 8.42 -12.25 2.66
N GLU A 69 8.58 -13.44 2.09
CA GLU A 69 9.89 -14.06 1.95
C GLU A 69 10.64 -13.48 0.76
N ASN A 70 10.55 -12.17 0.59
CA ASN A 70 11.22 -11.49 -0.52
C ASN A 70 11.51 -10.04 -0.18
N SER A 71 12.76 -9.73 0.09
CA SER A 71 13.17 -8.37 0.44
C SER A 71 12.69 -7.38 -0.61
N SER A 72 13.11 -7.59 -1.86
CA SER A 72 12.73 -6.71 -2.95
C SER A 72 11.29 -6.24 -2.80
N HIS A 73 10.41 -7.16 -2.42
CA HIS A 73 9.00 -6.84 -2.23
C HIS A 73 8.83 -5.78 -1.15
N ARG A 74 9.55 -5.94 -0.05
CA ARG A 74 9.47 -4.99 1.07
C ARG A 74 10.06 -3.64 0.67
N ARG A 75 11.15 -3.67 -0.08
CA ARG A 75 11.81 -2.46 -0.52
C ARG A 75 10.88 -1.63 -1.41
N VAL A 76 10.08 -2.30 -2.21
CA VAL A 76 9.14 -1.64 -3.10
C VAL A 76 8.02 -0.96 -2.32
N ILE A 77 7.48 -1.68 -1.35
CA ILE A 77 6.40 -1.15 -0.52
C ILE A 77 6.89 -0.02 0.39
N LEU A 78 7.81 -0.37 1.29
CA LEU A 78 8.37 0.63 2.22
C LEU A 78 8.78 1.89 1.48
N THR A 79 9.58 1.73 0.43
CA THR A 79 10.04 2.86 -0.36
C THR A 79 8.87 3.67 -0.90
N GLU A 80 8.11 3.08 -1.81
CA GLU A 80 6.96 3.75 -2.40
C GLU A 80 6.11 4.43 -1.32
N LEU A 81 5.97 3.76 -0.19
CA LEU A 81 5.19 4.29 0.92
C LEU A 81 5.78 5.60 1.43
N GLU A 82 7.10 5.62 1.58
CA GLU A 82 7.80 6.82 2.05
C GLU A 82 7.54 8.01 1.14
N ARG A 83 7.06 7.71 -0.07
CA ARG A 83 6.77 8.75 -1.05
C ARG A 83 5.34 9.27 -0.88
N VAL A 84 4.38 8.35 -0.99
CA VAL A 84 2.97 8.71 -0.85
C VAL A 84 2.69 9.30 0.53
N ARG A 85 3.43 8.84 1.53
CA ARG A 85 3.25 9.32 2.89
C ARG A 85 3.89 10.70 3.07
N SER A 86 5.09 10.86 2.52
CA SER A 86 5.82 12.12 2.62
C SER A 86 5.53 13.01 1.41
N GLY A 87 4.85 14.13 1.67
CA GLY A 87 4.52 15.05 0.60
C GLY A 87 5.54 16.17 0.46
N PRO A 88 5.14 17.23 -0.26
CA PRO A 88 6.01 18.40 -0.48
C PRO A 88 6.23 19.21 0.79
N SER A 89 7.48 19.60 1.03
CA SER A 89 7.82 20.38 2.21
C SER A 89 7.32 21.81 2.09
N SER A 90 7.76 22.50 1.04
CA SER A 90 7.35 23.89 0.82
C SER A 90 7.80 24.79 1.96
N GLY A 91 9.09 24.75 2.25
CA GLY A 91 9.63 25.57 3.33
C GLY A 91 10.96 26.21 2.97
N GLY A 1 -17.47 10.43 -3.70
CA GLY A 1 -17.22 11.83 -3.44
C GLY A 1 -16.46 12.51 -4.55
N SER A 2 -15.19 12.82 -4.30
CA SER A 2 -14.35 13.47 -5.29
C SER A 2 -12.87 13.30 -4.96
N SER A 3 -12.11 12.81 -5.93
CA SER A 3 -10.68 12.60 -5.74
C SER A 3 -10.39 12.06 -4.34
N GLY A 4 -11.20 11.09 -3.91
CA GLY A 4 -11.03 10.50 -2.60
C GLY A 4 -11.61 9.11 -2.50
N SER A 5 -12.90 9.00 -2.83
CA SER A 5 -13.58 7.71 -2.77
C SER A 5 -12.85 6.66 -3.60
N SER A 6 -12.57 6.99 -4.85
CA SER A 6 -11.88 6.08 -5.74
C SER A 6 -10.50 6.62 -6.13
N GLY A 7 -9.62 5.73 -6.55
CA GLY A 7 -8.27 6.14 -6.94
C GLY A 7 -8.15 6.37 -8.43
N GLU A 8 -7.48 7.46 -8.81
CA GLU A 8 -7.28 7.79 -10.21
C GLU A 8 -5.80 7.87 -10.56
N HIS A 9 -4.99 7.12 -9.82
CA HIS A 9 -3.55 7.10 -10.04
C HIS A 9 -2.98 8.52 -9.99
N GLY A 10 -3.24 9.23 -8.90
CA GLY A 10 -2.75 10.58 -8.75
C GLY A 10 -2.99 11.13 -7.36
N LEU A 11 -4.25 11.39 -7.03
CA LEU A 11 -4.61 11.92 -5.71
C LEU A 11 -4.02 11.06 -4.60
N LEU A 12 -3.66 9.84 -4.94
CA LEU A 12 -3.08 8.92 -3.96
C LEU A 12 -2.09 9.64 -3.06
N VAL A 13 -0.97 10.08 -3.64
CA VAL A 13 0.06 10.78 -2.88
C VAL A 13 -0.55 11.90 -2.05
N HIS A 14 -1.37 12.73 -2.69
CA HIS A 14 -2.02 13.85 -2.02
C HIS A 14 -2.68 13.38 -0.72
N LYS A 15 -3.81 12.70 -0.84
CA LYS A 15 -4.54 12.20 0.32
C LYS A 15 -3.64 11.31 1.17
N ALA A 16 -3.44 11.70 2.43
CA ALA A 16 -2.61 10.92 3.34
C ALA A 16 -2.96 9.44 3.27
N VAL A 17 -1.92 8.60 3.33
CA VAL A 17 -2.11 7.16 3.27
C VAL A 17 -2.85 6.65 4.49
N ASP A 18 -2.68 7.34 5.61
CA ASP A 18 -3.34 6.96 6.87
C ASP A 18 -4.84 7.11 6.76
N LYS A 19 -5.30 7.64 5.62
CA LYS A 19 -6.73 7.84 5.39
C LYS A 19 -7.23 6.93 4.27
N TRP A 20 -6.32 6.17 3.68
CA TRP A 20 -6.67 5.26 2.60
C TRP A 20 -7.55 4.13 3.11
N THR A 21 -8.21 3.43 2.18
CA THR A 21 -9.10 2.33 2.53
C THR A 21 -8.57 1.00 2.02
N THR A 22 -9.02 -0.09 2.62
CA THR A 22 -8.59 -1.42 2.21
C THR A 22 -8.55 -1.55 0.69
N GLU A 23 -9.37 -0.76 0.01
CA GLU A 23 -9.43 -0.78 -1.44
C GLU A 23 -8.26 -0.01 -2.05
N GLU A 24 -8.12 1.25 -1.63
CA GLU A 24 -7.05 2.11 -2.13
C GLU A 24 -5.69 1.50 -1.81
N VAL A 25 -5.54 0.97 -0.61
CA VAL A 25 -4.30 0.36 -0.18
C VAL A 25 -3.80 -0.66 -1.20
N VAL A 26 -4.71 -1.50 -1.67
CA VAL A 26 -4.37 -2.52 -2.66
C VAL A 26 -4.15 -1.91 -4.03
N LEU A 27 -4.89 -0.84 -4.33
CA LEU A 27 -4.78 -0.17 -5.61
C LEU A 27 -3.39 0.44 -5.79
N TRP A 28 -2.93 1.16 -4.77
CA TRP A 28 -1.61 1.79 -4.81
C TRP A 28 -0.51 0.73 -4.94
N LEU A 29 -0.67 -0.38 -4.24
CA LEU A 29 0.31 -1.46 -4.27
C LEU A 29 0.23 -2.22 -5.59
N GLU A 30 -0.96 -2.24 -6.19
CA GLU A 30 -1.17 -2.93 -7.45
C GLU A 30 -0.59 -2.14 -8.61
N GLN A 31 0.09 -1.04 -8.28
CA GLN A 31 0.71 -0.19 -9.30
C GLN A 31 2.22 -0.34 -9.30
N LEU A 32 2.78 -0.71 -8.15
CA LEU A 32 4.22 -0.90 -8.02
C LEU A 32 4.70 -2.04 -8.92
N GLY A 33 3.80 -2.95 -9.24
CA GLY A 33 4.15 -4.08 -10.09
C GLY A 33 3.01 -5.08 -10.21
N PRO A 34 3.13 -5.98 -11.20
CA PRO A 34 2.11 -7.01 -11.45
C PRO A 34 2.09 -8.08 -10.36
N TRP A 35 3.20 -8.19 -9.64
CA TRP A 35 3.29 -9.17 -8.56
C TRP A 35 2.44 -8.76 -7.37
N ALA A 36 2.00 -7.51 -7.36
CA ALA A 36 1.18 -6.99 -6.27
C ALA A 36 -0.11 -7.80 -6.14
N SER A 37 -0.48 -8.51 -7.20
CA SER A 37 -1.69 -9.32 -7.20
C SER A 37 -1.47 -10.62 -6.44
N LEU A 38 -0.23 -10.88 -6.06
CA LEU A 38 0.12 -12.09 -5.32
C LEU A 38 0.01 -11.85 -3.81
N TYR A 39 -0.05 -10.58 -3.42
CA TYR A 39 -0.15 -10.23 -2.01
C TYR A 39 -1.50 -9.57 -1.71
N ARG A 40 -2.09 -8.96 -2.74
CA ARG A 40 -3.38 -8.29 -2.60
C ARG A 40 -4.30 -9.07 -1.66
N ASP A 41 -4.36 -10.38 -1.87
CA ASP A 41 -5.21 -11.24 -1.05
C ASP A 41 -4.90 -11.05 0.43
N ARG A 42 -3.62 -10.98 0.77
CA ARG A 42 -3.20 -10.79 2.14
C ARG A 42 -3.61 -9.41 2.66
N PHE A 43 -3.76 -8.47 1.75
CA PHE A 43 -4.15 -7.11 2.11
C PHE A 43 -5.66 -7.02 2.35
N LEU A 44 -6.43 -7.58 1.42
CA LEU A 44 -7.88 -7.57 1.53
C LEU A 44 -8.35 -8.42 2.71
N SER A 45 -7.94 -9.68 2.73
CA SER A 45 -8.31 -10.60 3.80
C SER A 45 -8.03 -9.98 5.16
N GLU A 46 -6.83 -9.42 5.32
CA GLU A 46 -6.44 -8.79 6.57
C GLU A 46 -6.99 -7.38 6.68
N ARG A 47 -7.97 -7.07 5.84
CA ARG A 47 -8.59 -5.74 5.84
C ARG A 47 -7.54 -4.66 6.03
N VAL A 48 -6.34 -4.90 5.50
CA VAL A 48 -5.25 -3.94 5.62
C VAL A 48 -5.65 -2.56 5.09
N ASN A 49 -5.92 -1.65 6.01
CA ASN A 49 -6.32 -0.30 5.63
C ASN A 49 -5.13 0.65 5.65
N GLY A 50 -5.28 1.80 4.99
CA GLY A 50 -4.21 2.78 4.96
C GLY A 50 -3.40 2.80 6.23
N ARG A 51 -4.03 3.26 7.31
CA ARG A 51 -3.35 3.34 8.61
C ARG A 51 -2.50 2.11 8.85
N LEU A 52 -3.09 0.94 8.64
CA LEU A 52 -2.37 -0.32 8.84
C LEU A 52 -1.13 -0.39 7.95
N LEU A 53 -1.32 -0.10 6.67
CA LEU A 53 -0.21 -0.13 5.71
C LEU A 53 0.99 0.64 6.24
N LEU A 54 0.73 1.82 6.81
CA LEU A 54 1.79 2.65 7.36
C LEU A 54 2.40 2.01 8.59
N THR A 55 1.55 1.61 9.53
CA THR A 55 2.00 0.98 10.77
C THR A 55 2.95 -0.18 10.48
N LEU A 56 2.81 -0.78 9.30
CA LEU A 56 3.66 -1.89 8.91
C LEU A 56 5.09 -1.43 8.68
N THR A 57 6.04 -2.13 9.29
CA THR A 57 7.45 -1.78 9.15
C THR A 57 8.23 -2.91 8.51
N GLU A 58 9.50 -2.66 8.18
CA GLU A 58 10.35 -3.67 7.57
C GLU A 58 10.33 -4.96 8.37
N GLU A 59 9.87 -4.87 9.61
CA GLU A 59 9.80 -6.04 10.49
C GLU A 59 8.46 -6.74 10.34
N GLU A 60 7.38 -6.01 10.63
CA GLU A 60 6.03 -6.57 10.53
C GLU A 60 5.85 -7.33 9.22
N PHE A 61 6.44 -6.81 8.15
CA PHE A 61 6.34 -7.43 6.84
C PHE A 61 7.00 -8.80 6.84
N SER A 62 8.05 -8.95 7.65
CA SER A 62 8.77 -10.21 7.74
C SER A 62 8.00 -11.22 8.57
N ARG A 63 6.78 -10.85 8.98
CA ARG A 63 5.94 -11.73 9.78
C ARG A 63 4.69 -12.14 9.01
N ALA A 64 4.23 -13.37 9.25
CA ALA A 64 3.04 -13.87 8.58
C ALA A 64 1.80 -13.07 8.98
N PRO A 65 0.72 -13.22 8.19
CA PRO A 65 0.72 -14.10 7.02
C PRO A 65 1.59 -13.58 5.89
N TYR A 66 1.94 -12.30 5.96
CA TYR A 66 2.77 -11.68 4.94
C TYR A 66 4.08 -12.43 4.77
N THR A 67 4.73 -12.74 5.90
CA THR A 67 5.99 -13.46 5.88
C THR A 67 6.79 -13.13 4.63
N ILE A 68 6.73 -11.87 4.20
CA ILE A 68 7.46 -11.43 3.01
C ILE A 68 8.92 -11.85 3.07
N GLU A 69 9.24 -12.97 2.41
CA GLU A 69 10.61 -13.47 2.39
C GLU A 69 11.44 -12.77 1.32
N ASN A 70 10.74 -12.20 0.34
CA ASN A 70 11.41 -11.49 -0.75
C ASN A 70 11.69 -10.04 -0.36
N SER A 71 12.87 -9.80 0.21
CA SER A 71 13.26 -8.46 0.63
C SER A 71 12.80 -7.42 -0.38
N SER A 72 13.10 -7.67 -1.65
CA SER A 72 12.71 -6.75 -2.72
C SER A 72 11.32 -6.18 -2.48
N HIS A 73 10.37 -7.06 -2.15
CA HIS A 73 9.00 -6.65 -1.89
C HIS A 73 8.95 -5.58 -0.80
N ARG A 74 9.67 -5.82 0.29
CA ARG A 74 9.70 -4.88 1.40
C ARG A 74 10.31 -3.55 0.98
N ARG A 75 11.25 -3.61 0.05
CA ARG A 75 11.91 -2.41 -0.45
C ARG A 75 10.96 -1.59 -1.32
N VAL A 76 10.17 -2.28 -2.14
CA VAL A 76 9.22 -1.61 -3.02
C VAL A 76 8.13 -0.92 -2.22
N ILE A 77 7.37 -1.69 -1.45
CA ILE A 77 6.30 -1.15 -0.63
C ILE A 77 6.79 0.00 0.24
N LEU A 78 7.78 -0.28 1.08
CA LEU A 78 8.35 0.72 1.97
C LEU A 78 8.75 1.97 1.18
N THR A 79 9.75 1.83 0.32
CA THR A 79 10.23 2.94 -0.49
C THR A 79 9.07 3.74 -1.08
N GLU A 80 8.22 3.05 -1.84
CA GLU A 80 7.06 3.70 -2.45
C GLU A 80 6.22 4.42 -1.41
N LEU A 81 6.03 3.77 -0.26
CA LEU A 81 5.25 4.36 0.83
C LEU A 81 5.84 5.68 1.28
N GLU A 82 7.17 5.75 1.30
CA GLU A 82 7.86 6.97 1.73
C GLU A 82 7.46 8.15 0.85
N ARG A 83 7.20 7.88 -0.43
CA ARG A 83 6.81 8.91 -1.36
C ARG A 83 5.37 9.37 -1.12
N VAL A 84 4.42 8.46 -1.36
CA VAL A 84 3.01 8.76 -1.16
C VAL A 84 2.78 9.49 0.15
N ARG A 85 3.39 8.99 1.22
CA ARG A 85 3.26 9.60 2.54
C ARG A 85 3.96 10.96 2.58
N SER A 86 5.16 11.02 2.00
CA SER A 86 5.94 12.25 1.99
C SER A 86 5.88 12.90 0.60
N GLY A 87 5.01 13.90 0.46
CA GLY A 87 4.88 14.59 -0.82
C GLY A 87 5.09 16.08 -0.69
N PRO A 88 5.67 16.69 -1.74
CA PRO A 88 5.96 18.12 -1.76
C PRO A 88 4.68 18.96 -1.85
N SER A 89 4.69 20.12 -1.20
CA SER A 89 3.53 21.00 -1.21
C SER A 89 3.41 21.73 -2.55
N SER A 90 2.56 21.22 -3.42
CA SER A 90 2.34 21.81 -4.74
C SER A 90 1.35 22.95 -4.66
N GLY A 91 1.43 23.86 -5.63
CA GLY A 91 0.51 24.99 -5.66
C GLY A 91 0.65 25.87 -4.43
N GLY A 1 -20.69 3.89 2.61
CA GLY A 1 -21.89 4.68 2.37
C GLY A 1 -21.70 5.69 1.25
N SER A 2 -21.82 6.97 1.60
CA SER A 2 -21.67 8.04 0.62
C SER A 2 -20.46 7.79 -0.27
N SER A 3 -20.60 8.13 -1.55
CA SER A 3 -19.51 7.94 -2.51
C SER A 3 -19.70 8.85 -3.72
N GLY A 4 -18.59 9.14 -4.42
CA GLY A 4 -18.66 9.98 -5.59
C GLY A 4 -17.67 9.57 -6.66
N SER A 5 -16.52 10.24 -6.70
CA SER A 5 -15.49 9.94 -7.69
C SER A 5 -15.24 8.44 -7.76
N SER A 6 -14.69 7.99 -8.88
CA SER A 6 -14.40 6.57 -9.09
C SER A 6 -12.99 6.23 -8.62
N GLY A 7 -12.03 7.09 -8.99
CA GLY A 7 -10.65 6.86 -8.61
C GLY A 7 -9.69 7.01 -9.76
N GLU A 8 -8.92 8.10 -9.76
CA GLU A 8 -7.96 8.36 -10.82
C GLU A 8 -6.54 8.28 -10.29
N HIS A 9 -5.88 7.14 -10.57
CA HIS A 9 -4.51 6.93 -10.12
C HIS A 9 -3.72 8.24 -10.14
N GLY A 10 -3.26 8.66 -8.96
CA GLY A 10 -2.50 9.89 -8.86
C GLY A 10 -2.83 10.68 -7.61
N LEU A 11 -4.11 10.77 -7.29
CA LEU A 11 -4.56 11.50 -6.10
C LEU A 11 -4.09 10.80 -4.83
N LEU A 12 -3.56 9.59 -4.98
CA LEU A 12 -3.08 8.82 -3.85
C LEU A 12 -2.11 9.64 -3.00
N VAL A 13 -1.06 10.14 -3.63
CA VAL A 13 -0.06 10.95 -2.93
C VAL A 13 -0.71 12.14 -2.23
N HIS A 14 -1.66 12.77 -2.92
CA HIS A 14 -2.35 13.93 -2.36
C HIS A 14 -3.11 13.55 -1.09
N LYS A 15 -4.07 12.63 -1.23
CA LYS A 15 -4.86 12.17 -0.10
C LYS A 15 -4.02 11.35 0.86
N ALA A 16 -3.93 11.80 2.11
CA ALA A 16 -3.16 11.10 3.12
C ALA A 16 -3.37 9.60 3.04
N VAL A 17 -2.29 8.85 3.17
CA VAL A 17 -2.36 7.39 3.11
C VAL A 17 -3.07 6.82 4.33
N ASP A 18 -3.01 7.55 5.44
CA ASP A 18 -3.65 7.11 6.67
C ASP A 18 -5.17 7.23 6.57
N LYS A 19 -5.64 7.67 5.40
CA LYS A 19 -7.08 7.81 5.17
C LYS A 19 -7.56 6.85 4.10
N TRP A 20 -6.63 6.10 3.52
CA TRP A 20 -6.95 5.13 2.48
C TRP A 20 -7.81 4.01 3.04
N THR A 21 -8.41 3.23 2.15
CA THR A 21 -9.26 2.11 2.56
C THR A 21 -8.71 0.78 2.05
N THR A 22 -9.20 -0.32 2.61
CA THR A 22 -8.77 -1.65 2.20
C THR A 22 -8.69 -1.76 0.68
N GLU A 23 -9.47 -0.94 -0.01
CA GLU A 23 -9.48 -0.96 -1.47
C GLU A 23 -8.30 -0.17 -2.03
N GLU A 24 -8.25 1.12 -1.70
CA GLU A 24 -7.17 1.98 -2.17
C GLU A 24 -5.81 1.39 -1.82
N VAL A 25 -5.69 0.89 -0.60
CA VAL A 25 -4.43 0.29 -0.14
C VAL A 25 -3.89 -0.71 -1.15
N VAL A 26 -4.76 -1.62 -1.60
CA VAL A 26 -4.36 -2.63 -2.57
C VAL A 26 -4.10 -2.01 -3.93
N LEU A 27 -4.87 -0.99 -4.28
CA LEU A 27 -4.71 -0.30 -5.55
C LEU A 27 -3.31 0.28 -5.69
N TRP A 28 -2.90 1.06 -4.69
CA TRP A 28 -1.57 1.68 -4.70
C TRP A 28 -0.49 0.62 -4.85
N LEU A 29 -0.65 -0.49 -4.14
CA LEU A 29 0.33 -1.58 -4.20
C LEU A 29 0.22 -2.35 -5.51
N GLU A 30 -0.97 -2.33 -6.10
CA GLU A 30 -1.22 -3.01 -7.36
C GLU A 30 -0.69 -2.20 -8.54
N GLN A 31 0.10 -1.17 -8.23
CA GLN A 31 0.67 -0.32 -9.27
C GLN A 31 2.18 -0.39 -9.26
N LEU A 32 2.75 -0.74 -8.11
CA LEU A 32 4.20 -0.86 -7.97
C LEU A 32 4.74 -2.01 -8.82
N GLY A 33 3.89 -3.00 -9.09
CA GLY A 33 4.30 -4.13 -9.89
C GLY A 33 3.22 -5.19 -9.99
N PRO A 34 3.39 -6.13 -10.93
CA PRO A 34 2.43 -7.22 -11.16
C PRO A 34 2.43 -8.22 -10.02
N TRP A 35 3.55 -8.30 -9.30
CA TRP A 35 3.68 -9.23 -8.18
C TRP A 35 2.77 -8.82 -7.03
N ALA A 36 2.28 -7.59 -7.07
CA ALA A 36 1.39 -7.08 -6.03
C ALA A 36 0.17 -7.98 -5.87
N SER A 37 -0.34 -8.49 -6.99
CA SER A 37 -1.52 -9.35 -6.98
C SER A 37 -1.23 -10.63 -6.19
N LEU A 38 0.04 -10.87 -5.90
CA LEU A 38 0.44 -12.05 -5.15
C LEU A 38 0.32 -11.82 -3.65
N TYR A 39 0.15 -10.56 -3.27
CA TYR A 39 0.02 -10.20 -1.86
C TYR A 39 -1.34 -9.56 -1.58
N ARG A 40 -1.86 -8.84 -2.56
CA ARG A 40 -3.14 -8.17 -2.42
C ARG A 40 -4.11 -9.02 -1.60
N ASP A 41 -4.26 -10.28 -1.99
CA ASP A 41 -5.15 -11.20 -1.28
C ASP A 41 -4.93 -11.11 0.23
N ARG A 42 -3.68 -11.07 0.64
CA ARG A 42 -3.33 -10.99 2.06
C ARG A 42 -3.75 -9.65 2.64
N PHE A 43 -3.67 -8.60 1.82
CA PHE A 43 -4.05 -7.26 2.25
C PHE A 43 -5.53 -7.19 2.58
N LEU A 44 -6.36 -7.70 1.67
CA LEU A 44 -7.80 -7.70 1.86
C LEU A 44 -8.20 -8.52 3.09
N SER A 45 -7.76 -9.78 3.10
CA SER A 45 -8.07 -10.68 4.21
C SER A 45 -7.65 -10.06 5.54
N GLU A 46 -6.49 -9.43 5.55
CA GLU A 46 -5.98 -8.79 6.77
C GLU A 46 -6.53 -7.38 6.92
N ARG A 47 -7.52 -7.04 6.09
CA ARG A 47 -8.13 -5.73 6.12
C ARG A 47 -7.07 -4.63 6.28
N VAL A 48 -5.93 -4.83 5.65
CA VAL A 48 -4.84 -3.87 5.71
C VAL A 48 -5.25 -2.53 5.11
N ASN A 49 -5.73 -1.63 5.97
CA ASN A 49 -6.16 -0.31 5.53
C ASN A 49 -5.00 0.67 5.55
N GLY A 50 -5.17 1.81 4.87
CA GLY A 50 -4.13 2.81 4.83
C GLY A 50 -3.44 2.99 6.18
N ARG A 51 -4.21 3.38 7.19
CA ARG A 51 -3.66 3.59 8.52
C ARG A 51 -2.68 2.47 8.89
N LEU A 52 -3.10 1.22 8.68
CA LEU A 52 -2.27 0.07 8.99
C LEU A 52 -1.07 0.01 8.06
N LEU A 53 -1.27 0.37 6.80
CA LEU A 53 -0.21 0.36 5.81
C LEU A 53 0.91 1.31 6.22
N LEU A 54 0.61 2.20 7.15
CA LEU A 54 1.60 3.17 7.63
C LEU A 54 2.38 2.62 8.82
N THR A 55 1.64 2.14 9.81
CA THR A 55 2.26 1.58 11.01
C THR A 55 3.08 0.33 10.68
N LEU A 56 2.71 -0.33 9.59
CA LEU A 56 3.42 -1.54 9.17
C LEU A 56 4.89 -1.24 8.88
N THR A 57 5.77 -2.11 9.37
CA THR A 57 7.20 -1.93 9.17
C THR A 57 7.81 -3.16 8.49
N GLU A 58 9.03 -3.02 8.01
CA GLU A 58 9.73 -4.11 7.34
C GLU A 58 9.39 -5.45 8.00
N GLU A 59 9.37 -5.46 9.33
CA GLU A 59 9.08 -6.66 10.08
C GLU A 59 7.71 -7.22 9.70
N GLU A 60 6.65 -6.53 10.10
CA GLU A 60 5.29 -6.95 9.79
C GLU A 60 5.22 -7.55 8.39
N PHE A 61 5.83 -6.86 7.43
CA PHE A 61 5.84 -7.32 6.04
C PHE A 61 6.52 -8.68 5.91
N SER A 62 7.63 -8.85 6.62
CA SER A 62 8.38 -10.09 6.59
C SER A 62 7.74 -11.15 7.49
N ARG A 63 6.74 -10.71 8.27
CA ARG A 63 6.04 -11.62 9.17
C ARG A 63 4.73 -12.11 8.55
N ALA A 64 4.35 -13.34 8.90
CA ALA A 64 3.12 -13.93 8.38
C ALA A 64 1.90 -13.09 8.76
N PRO A 65 0.79 -13.31 8.06
CA PRO A 65 0.72 -14.30 6.98
C PRO A 65 1.53 -13.87 5.75
N TYR A 66 1.82 -12.57 5.67
CA TYR A 66 2.58 -12.03 4.55
C TYR A 66 3.93 -12.74 4.41
N THR A 67 4.59 -12.93 5.55
CA THR A 67 5.90 -13.59 5.56
C THR A 67 6.69 -13.27 4.30
N ILE A 68 6.59 -12.03 3.84
CA ILE A 68 7.30 -11.61 2.65
C ILE A 68 8.75 -12.09 2.66
N GLU A 69 9.00 -13.19 1.96
CA GLU A 69 10.34 -13.76 1.89
C GLU A 69 11.16 -13.09 0.79
N ASN A 70 10.48 -12.32 -0.06
CA ASN A 70 11.15 -11.62 -1.15
C ASN A 70 11.43 -10.16 -0.78
N SER A 71 12.57 -9.95 -0.15
CA SER A 71 12.97 -8.60 0.27
C SER A 71 12.57 -7.56 -0.79
N SER A 72 12.99 -7.81 -2.02
CA SER A 72 12.69 -6.91 -3.13
C SER A 72 11.29 -6.32 -2.97
N HIS A 73 10.33 -7.17 -2.63
CA HIS A 73 8.95 -6.72 -2.45
C HIS A 73 8.86 -5.64 -1.38
N ARG A 74 9.40 -5.93 -0.20
CA ARG A 74 9.39 -4.99 0.91
C ARG A 74 10.03 -3.66 0.50
N ARG A 75 11.11 -3.74 -0.26
CA ARG A 75 11.81 -2.54 -0.72
C ARG A 75 10.89 -1.64 -1.52
N VAL A 76 10.06 -2.25 -2.37
CA VAL A 76 9.12 -1.50 -3.19
C VAL A 76 8.02 -0.87 -2.34
N ILE A 77 7.42 -1.67 -1.47
CA ILE A 77 6.36 -1.19 -0.60
C ILE A 77 6.85 -0.06 0.30
N LEU A 78 7.77 -0.40 1.21
CA LEU A 78 8.33 0.58 2.13
C LEU A 78 8.77 1.84 1.39
N THR A 79 9.72 1.67 0.49
CA THR A 79 10.24 2.79 -0.30
C THR A 79 9.11 3.68 -0.79
N GLU A 80 8.27 3.14 -1.67
CA GLU A 80 7.15 3.89 -2.22
C GLU A 80 6.36 4.58 -1.11
N LEU A 81 6.11 3.85 -0.03
CA LEU A 81 5.37 4.40 1.11
C LEU A 81 6.10 5.59 1.70
N GLU A 82 7.42 5.57 1.64
CA GLU A 82 8.23 6.65 2.18
C GLU A 82 8.02 7.94 1.38
N ARG A 83 7.56 7.79 0.15
CA ARG A 83 7.31 8.94 -0.71
C ARG A 83 5.88 9.44 -0.56
N VAL A 84 4.92 8.57 -0.85
CA VAL A 84 3.50 8.92 -0.74
C VAL A 84 3.21 9.62 0.58
N ARG A 85 3.85 9.15 1.65
CA ARG A 85 3.66 9.72 2.98
C ARG A 85 4.36 11.06 3.09
N SER A 86 5.59 11.13 2.59
CA SER A 86 6.37 12.36 2.65
C SER A 86 5.52 13.57 2.26
N GLY A 87 5.87 14.72 2.80
CA GLY A 87 5.12 15.93 2.51
C GLY A 87 6.02 17.16 2.37
N PRO A 88 6.63 17.31 1.18
CA PRO A 88 7.52 18.44 0.90
C PRO A 88 6.78 19.76 0.81
N SER A 89 7.52 20.83 0.53
CA SER A 89 6.93 22.15 0.41
C SER A 89 7.24 22.78 -0.94
N SER A 90 6.39 23.69 -1.39
CA SER A 90 6.57 24.36 -2.67
C SER A 90 8.04 24.68 -2.91
N GLY A 91 8.60 24.08 -3.96
CA GLY A 91 10.00 24.31 -4.28
C GLY A 91 10.57 23.25 -5.20
N GLY A 1 -18.70 11.61 -1.79
CA GLY A 1 -17.95 11.64 -3.03
C GLY A 1 -17.36 10.29 -3.39
N SER A 2 -16.54 10.26 -4.43
CA SER A 2 -15.91 9.03 -4.89
C SER A 2 -14.42 9.04 -4.61
N SER A 3 -13.76 10.13 -4.99
CA SER A 3 -12.32 10.28 -4.78
C SER A 3 -11.56 9.15 -5.46
N GLY A 4 -11.97 8.81 -6.68
CA GLY A 4 -11.31 7.75 -7.41
C GLY A 4 -12.19 6.52 -7.55
N SER A 5 -13.01 6.49 -8.60
CA SER A 5 -13.91 5.37 -8.85
C SER A 5 -13.20 4.26 -9.61
N SER A 6 -12.52 4.65 -10.70
CA SER A 6 -11.80 3.69 -11.53
C SER A 6 -10.33 4.09 -11.66
N GLY A 7 -9.52 3.59 -10.73
CA GLY A 7 -8.09 3.89 -10.75
C GLY A 7 -7.81 5.35 -10.43
N GLU A 8 -7.67 6.17 -11.45
CA GLU A 8 -7.39 7.59 -11.26
C GLU A 8 -6.05 7.79 -10.58
N HIS A 9 -5.13 6.85 -10.78
CA HIS A 9 -3.81 6.93 -10.18
C HIS A 9 -3.28 8.36 -10.20
N GLY A 10 -3.22 8.99 -9.04
CA GLY A 10 -2.73 10.35 -8.94
C GLY A 10 -3.11 11.02 -7.64
N LEU A 11 -4.39 10.93 -7.28
CA LEU A 11 -4.87 11.54 -6.04
C LEU A 11 -4.38 10.75 -4.83
N LEU A 12 -3.64 9.69 -5.08
CA LEU A 12 -3.11 8.84 -4.01
C LEU A 12 -2.16 9.64 -3.11
N VAL A 13 -1.14 10.24 -3.73
CA VAL A 13 -0.16 11.03 -3.00
C VAL A 13 -0.82 12.25 -2.35
N HIS A 14 -1.90 12.72 -2.96
CA HIS A 14 -2.62 13.88 -2.44
C HIS A 14 -3.34 13.53 -1.14
N LYS A 15 -4.24 12.56 -1.21
CA LYS A 15 -5.00 12.13 -0.04
C LYS A 15 -4.12 11.31 0.91
N ALA A 16 -4.01 11.77 2.15
CA ALA A 16 -3.21 11.06 3.15
C ALA A 16 -3.41 9.56 3.06
N VAL A 17 -2.31 8.81 3.17
CA VAL A 17 -2.36 7.35 3.09
C VAL A 17 -3.13 6.78 4.27
N ASP A 18 -3.03 7.44 5.42
CA ASP A 18 -3.71 6.99 6.62
C ASP A 18 -5.22 7.18 6.49
N LYS A 19 -5.65 7.71 5.35
CA LYS A 19 -7.06 7.94 5.10
C LYS A 19 -7.57 7.00 4.01
N TRP A 20 -6.69 6.18 3.47
CA TRP A 20 -7.05 5.23 2.42
C TRP A 20 -7.96 4.14 2.98
N THR A 21 -8.45 3.28 2.08
CA THR A 21 -9.33 2.19 2.48
C THR A 21 -8.79 0.85 2.00
N THR A 22 -9.27 -0.24 2.60
CA THR A 22 -8.83 -1.57 2.24
C THR A 22 -8.71 -1.72 0.72
N GLU A 23 -9.47 -0.92 -0.01
CA GLU A 23 -9.45 -0.95 -1.46
C GLU A 23 -8.24 -0.20 -2.01
N GLU A 24 -8.19 1.10 -1.75
CA GLU A 24 -7.08 1.94 -2.21
C GLU A 24 -5.75 1.31 -1.84
N VAL A 25 -5.62 0.88 -0.59
CA VAL A 25 -4.39 0.26 -0.11
C VAL A 25 -3.86 -0.75 -1.12
N VAL A 26 -4.74 -1.63 -1.60
CA VAL A 26 -4.35 -2.65 -2.57
C VAL A 26 -4.10 -2.03 -3.94
N LEU A 27 -4.86 -1.00 -4.27
CA LEU A 27 -4.72 -0.32 -5.56
C LEU A 27 -3.32 0.27 -5.70
N TRP A 28 -2.91 1.03 -4.70
CA TRP A 28 -1.58 1.66 -4.72
C TRP A 28 -0.49 0.62 -4.89
N LEU A 29 -0.64 -0.51 -4.19
CA LEU A 29 0.34 -1.59 -4.27
C LEU A 29 0.24 -2.32 -5.61
N GLU A 30 -0.94 -2.29 -6.21
CA GLU A 30 -1.16 -2.95 -7.48
C GLU A 30 -0.56 -2.14 -8.62
N GLN A 31 0.16 -1.08 -8.27
CA GLN A 31 0.78 -0.21 -9.27
C GLN A 31 2.29 -0.38 -9.26
N LEU A 32 2.84 -0.71 -8.09
CA LEU A 32 4.28 -0.88 -7.95
C LEU A 32 4.77 -2.03 -8.82
N GLY A 33 3.89 -2.98 -9.09
CA GLY A 33 4.26 -4.12 -9.92
C GLY A 33 3.14 -5.14 -10.03
N PRO A 34 3.26 -6.05 -10.99
CA PRO A 34 2.26 -7.10 -11.23
C PRO A 34 2.25 -8.14 -10.12
N TRP A 35 3.38 -8.29 -9.44
CA TRP A 35 3.49 -9.26 -8.35
C TRP A 35 2.62 -8.84 -7.17
N ALA A 36 2.19 -7.59 -7.16
CA ALA A 36 1.34 -7.08 -6.09
C ALA A 36 0.07 -7.91 -5.94
N SER A 37 -0.38 -8.47 -7.06
CA SER A 37 -1.59 -9.29 -7.06
C SER A 37 -1.36 -10.59 -6.31
N LEU A 38 -0.11 -10.87 -5.98
CA LEU A 38 0.25 -12.09 -5.26
C LEU A 38 0.14 -11.88 -3.75
N TYR A 39 0.04 -10.62 -3.34
CA TYR A 39 -0.07 -10.29 -1.92
C TYR A 39 -1.40 -9.60 -1.62
N ARG A 40 -1.97 -8.98 -2.65
CA ARG A 40 -3.25 -8.28 -2.51
C ARG A 40 -4.19 -9.06 -1.60
N ASP A 41 -4.28 -10.36 -1.83
CA ASP A 41 -5.15 -11.22 -1.04
C ASP A 41 -4.90 -11.02 0.46
N ARG A 42 -3.63 -10.92 0.82
CA ARG A 42 -3.25 -10.72 2.22
C ARG A 42 -3.73 -9.37 2.73
N PHE A 43 -3.81 -8.40 1.83
CA PHE A 43 -4.25 -7.05 2.18
C PHE A 43 -5.75 -7.03 2.45
N LEU A 44 -6.52 -7.62 1.53
CA LEU A 44 -7.97 -7.66 1.67
C LEU A 44 -8.38 -8.52 2.86
N SER A 45 -7.90 -9.77 2.88
CA SER A 45 -8.21 -10.69 3.97
C SER A 45 -7.94 -10.05 5.32
N GLU A 46 -6.78 -9.43 5.44
CA GLU A 46 -6.38 -8.78 6.69
C GLU A 46 -6.92 -7.34 6.75
N ARG A 47 -7.77 -6.99 5.79
CA ARG A 47 -8.34 -5.66 5.73
C ARG A 47 -7.31 -4.60 6.11
N VAL A 48 -6.12 -4.73 5.54
CA VAL A 48 -5.04 -3.78 5.81
C VAL A 48 -5.36 -2.41 5.24
N ASN A 49 -5.90 -1.53 6.09
CA ASN A 49 -6.25 -0.18 5.68
C ASN A 49 -5.02 0.70 5.61
N GLY A 50 -5.11 1.78 4.83
CA GLY A 50 -4.00 2.70 4.69
C GLY A 50 -3.27 2.92 6.01
N ARG A 51 -3.99 3.40 7.01
CA ARG A 51 -3.41 3.66 8.32
C ARG A 51 -2.53 2.48 8.77
N LEU A 52 -3.09 1.29 8.74
CA LEU A 52 -2.35 0.08 9.14
C LEU A 52 -1.10 -0.09 8.28
N LEU A 53 -1.22 0.23 7.01
CA LEU A 53 -0.09 0.10 6.08
C LEU A 53 1.08 0.98 6.53
N LEU A 54 0.77 2.16 7.05
CA LEU A 54 1.79 3.08 7.52
C LEU A 54 2.53 2.50 8.73
N THR A 55 1.77 2.10 9.75
CA THR A 55 2.34 1.55 10.96
C THR A 55 3.25 0.37 10.64
N LEU A 56 2.81 -0.48 9.71
CA LEU A 56 3.59 -1.64 9.30
C LEU A 56 5.01 -1.25 8.95
N THR A 57 5.97 -2.09 9.35
CA THR A 57 7.38 -1.83 9.07
C THR A 57 8.04 -3.04 8.40
N GLU A 58 9.23 -2.82 7.84
CA GLU A 58 9.96 -3.88 7.17
C GLU A 58 9.75 -5.22 7.88
N GLU A 59 9.67 -5.17 9.21
CA GLU A 59 9.48 -6.38 10.00
C GLU A 59 8.10 -6.98 9.75
N GLU A 60 7.07 -6.33 10.28
CA GLU A 60 5.70 -6.80 10.11
C GLU A 60 5.50 -7.39 8.72
N PHE A 61 6.06 -6.74 7.72
CA PHE A 61 5.94 -7.20 6.34
C PHE A 61 6.56 -8.59 6.18
N SER A 62 7.76 -8.75 6.72
CA SER A 62 8.47 -10.02 6.63
C SER A 62 7.91 -11.03 7.62
N ARG A 63 6.99 -10.57 8.47
CA ARG A 63 6.37 -11.44 9.46
C ARG A 63 5.00 -11.91 9.00
N ALA A 64 4.62 -13.11 9.42
CA ALA A 64 3.33 -13.68 9.04
C ALA A 64 2.18 -12.79 9.50
N PRO A 65 1.01 -12.99 8.89
CA PRO A 65 0.81 -13.99 7.84
C PRO A 65 1.53 -13.62 6.55
N TYR A 66 1.78 -12.33 6.37
CA TYR A 66 2.47 -11.84 5.17
C TYR A 66 3.77 -12.60 4.95
N THR A 67 4.51 -12.82 6.03
CA THR A 67 5.79 -13.52 5.95
C THR A 67 6.46 -13.31 4.60
N ILE A 68 6.35 -12.09 4.07
CA ILE A 68 6.95 -11.76 2.78
C ILE A 68 8.39 -12.24 2.71
N GLU A 69 8.59 -13.42 2.14
CA GLU A 69 9.91 -13.99 2.00
C GLU A 69 10.62 -13.45 0.77
N ASN A 70 10.46 -12.15 0.52
CA ASN A 70 11.07 -11.50 -0.63
C ASN A 70 11.42 -10.05 -0.31
N SER A 71 12.70 -9.79 -0.14
CA SER A 71 13.18 -8.44 0.17
C SER A 71 12.69 -7.44 -0.88
N SER A 72 13.13 -7.63 -2.11
CA SER A 72 12.75 -6.74 -3.21
C SER A 72 11.31 -6.26 -3.03
N HIS A 73 10.43 -7.17 -2.62
CA HIS A 73 9.03 -6.83 -2.42
C HIS A 73 8.87 -5.77 -1.34
N ARG A 74 9.51 -6.01 -0.19
CA ARG A 74 9.44 -5.07 0.92
C ARG A 74 10.03 -3.72 0.54
N ARG A 75 11.16 -3.76 -0.16
CA ARG A 75 11.83 -2.54 -0.60
C ARG A 75 10.89 -1.65 -1.41
N VAL A 76 10.10 -2.28 -2.27
CA VAL A 76 9.15 -1.55 -3.11
C VAL A 76 8.05 -0.91 -2.26
N ILE A 77 7.46 -1.70 -1.37
CA ILE A 77 6.40 -1.21 -0.51
C ILE A 77 6.91 -0.10 0.41
N LEU A 78 7.88 -0.44 1.26
CA LEU A 78 8.45 0.53 2.18
C LEU A 78 8.87 1.80 1.45
N THR A 79 9.81 1.65 0.52
CA THR A 79 10.29 2.79 -0.25
C THR A 79 9.13 3.67 -0.72
N GLU A 80 8.33 3.13 -1.63
CA GLU A 80 7.19 3.87 -2.17
C GLU A 80 6.39 4.54 -1.04
N LEU A 81 6.04 3.76 -0.03
CA LEU A 81 5.29 4.28 1.10
C LEU A 81 5.98 5.51 1.71
N GLU A 82 7.30 5.44 1.80
CA GLU A 82 8.08 6.53 2.37
C GLU A 82 7.91 7.80 1.54
N ARG A 83 7.57 7.63 0.26
CA ARG A 83 7.37 8.76 -0.64
C ARG A 83 5.96 9.32 -0.51
N VAL A 84 4.96 8.49 -0.81
CA VAL A 84 3.57 8.91 -0.73
C VAL A 84 3.30 9.66 0.57
N ARG A 85 3.79 9.10 1.67
CA ARG A 85 3.60 9.71 2.99
C ARG A 85 4.35 11.03 3.09
N SER A 86 5.59 11.03 2.60
CA SER A 86 6.43 12.23 2.63
C SER A 86 5.89 13.29 1.69
N GLY A 87 5.28 14.33 2.26
CA GLY A 87 4.73 15.40 1.45
C GLY A 87 5.77 16.44 1.08
N PRO A 88 5.64 17.01 -0.13
CA PRO A 88 6.56 18.03 -0.62
C PRO A 88 6.43 19.35 0.13
N SER A 89 5.30 19.54 0.79
CA SER A 89 5.05 20.76 1.55
C SER A 89 6.28 21.17 2.35
N SER A 90 6.27 22.40 2.84
CA SER A 90 7.40 22.92 3.62
C SER A 90 7.50 22.20 4.97
N GLY A 91 8.69 21.71 5.27
CA GLY A 91 8.89 21.00 6.53
C GLY A 91 10.36 20.92 6.91
N GLY A 1 -13.40 11.29 -14.12
CA GLY A 1 -14.72 11.48 -13.52
C GLY A 1 -15.12 10.32 -12.64
N SER A 2 -16.23 10.49 -11.93
CA SER A 2 -16.73 9.45 -11.03
C SER A 2 -18.02 8.84 -11.57
N SER A 3 -17.89 7.75 -12.30
CA SER A 3 -19.05 7.07 -12.88
C SER A 3 -19.63 6.06 -11.89
N GLY A 4 -20.63 6.51 -11.12
CA GLY A 4 -21.26 5.64 -10.14
C GLY A 4 -20.42 5.46 -8.90
N SER A 5 -19.13 5.19 -9.09
CA SER A 5 -18.21 4.99 -7.97
C SER A 5 -16.98 5.87 -8.11
N SER A 6 -16.43 6.30 -6.98
CA SER A 6 -15.25 7.15 -6.98
C SER A 6 -13.98 6.31 -7.09
N GLY A 7 -13.14 6.64 -8.07
CA GLY A 7 -11.90 5.90 -8.26
C GLY A 7 -11.01 6.54 -9.31
N GLU A 8 -9.71 6.59 -9.04
CA GLU A 8 -8.75 7.16 -9.97
C GLU A 8 -7.32 6.88 -9.52
N HIS A 9 -6.41 6.78 -10.49
CA HIS A 9 -5.01 6.51 -10.20
C HIS A 9 -4.18 7.79 -10.28
N GLY A 10 -3.81 8.33 -9.13
CA GLY A 10 -3.03 9.55 -9.10
C GLY A 10 -3.31 10.39 -7.88
N LEU A 11 -4.58 10.47 -7.50
CA LEU A 11 -4.98 11.25 -6.33
C LEU A 11 -4.44 10.63 -5.05
N LEU A 12 -3.94 9.41 -5.15
CA LEU A 12 -3.39 8.71 -4.00
C LEU A 12 -2.39 9.59 -3.25
N VAL A 13 -1.34 10.00 -3.95
CA VAL A 13 -0.32 10.85 -3.35
C VAL A 13 -0.93 12.12 -2.77
N HIS A 14 -1.99 12.60 -3.40
CA HIS A 14 -2.67 13.81 -2.95
C HIS A 14 -3.30 13.59 -1.58
N LYS A 15 -4.03 12.50 -1.43
CA LYS A 15 -4.68 12.17 -0.17
C LYS A 15 -3.75 11.38 0.75
N ALA A 16 -3.83 11.66 2.05
CA ALA A 16 -3.00 10.98 3.03
C ALA A 16 -3.19 9.47 2.95
N VAL A 17 -2.12 8.73 3.22
CA VAL A 17 -2.16 7.27 3.19
C VAL A 17 -2.85 6.72 4.42
N ASP A 18 -2.71 7.41 5.54
CA ASP A 18 -3.33 6.99 6.80
C ASP A 18 -4.84 7.14 6.73
N LYS A 19 -5.33 7.64 5.60
CA LYS A 19 -6.77 7.83 5.42
C LYS A 19 -7.30 6.93 4.31
N TRP A 20 -6.40 6.18 3.68
CA TRP A 20 -6.78 5.27 2.60
C TRP A 20 -7.69 4.17 3.12
N THR A 21 -8.25 3.40 2.20
CA THR A 21 -9.15 2.30 2.57
C THR A 21 -8.63 0.97 2.07
N THR A 22 -9.10 -0.12 2.67
CA THR A 22 -8.67 -1.46 2.28
C THR A 22 -8.57 -1.59 0.77
N GLU A 23 -9.38 -0.81 0.05
CA GLU A 23 -9.38 -0.84 -1.40
C GLU A 23 -8.19 -0.06 -1.96
N GLU A 24 -8.12 1.22 -1.64
CA GLU A 24 -7.03 2.06 -2.10
C GLU A 24 -5.68 1.46 -1.76
N VAL A 25 -5.56 0.93 -0.55
CA VAL A 25 -4.32 0.31 -0.09
C VAL A 25 -3.79 -0.67 -1.11
N VAL A 26 -4.66 -1.55 -1.59
CA VAL A 26 -4.29 -2.56 -2.57
C VAL A 26 -4.01 -1.91 -3.93
N LEU A 27 -4.78 -0.89 -4.26
CA LEU A 27 -4.62 -0.19 -5.53
C LEU A 27 -3.21 0.38 -5.66
N TRP A 28 -2.77 1.11 -4.64
CA TRP A 28 -1.45 1.71 -4.65
C TRP A 28 -0.37 0.64 -4.83
N LEU A 29 -0.53 -0.47 -4.12
CA LEU A 29 0.43 -1.57 -4.20
C LEU A 29 0.29 -2.31 -5.53
N GLU A 30 -0.91 -2.29 -6.09
CA GLU A 30 -1.16 -2.96 -7.36
C GLU A 30 -0.62 -2.15 -8.52
N GLN A 31 0.13 -1.09 -8.21
CA GLN A 31 0.70 -0.23 -9.22
C GLN A 31 2.23 -0.35 -9.25
N LEU A 32 2.80 -0.69 -8.10
CA LEU A 32 4.24 -0.84 -7.98
C LEU A 32 4.75 -1.99 -8.85
N GLY A 33 3.88 -2.98 -9.06
CA GLY A 33 4.26 -4.13 -9.87
C GLY A 33 3.18 -5.17 -9.93
N PRO A 34 3.30 -6.10 -10.89
CA PRO A 34 2.32 -7.19 -11.08
C PRO A 34 2.35 -8.20 -9.95
N TRP A 35 3.48 -8.27 -9.25
CA TRP A 35 3.65 -9.20 -8.14
C TRP A 35 2.72 -8.83 -6.99
N ALA A 36 2.23 -7.60 -7.00
CA ALA A 36 1.33 -7.12 -5.95
C ALA A 36 0.11 -8.02 -5.83
N SER A 37 -0.34 -8.56 -6.95
CA SER A 37 -1.51 -9.43 -6.96
C SER A 37 -1.24 -10.72 -6.19
N LEU A 38 0.01 -10.91 -5.80
CA LEU A 38 0.41 -12.10 -5.05
C LEU A 38 0.21 -11.89 -3.55
N TYR A 39 0.06 -10.63 -3.15
CA TYR A 39 -0.13 -10.29 -1.75
C TYR A 39 -1.50 -9.62 -1.54
N ARG A 40 -1.96 -8.90 -2.55
CA ARG A 40 -3.25 -8.22 -2.47
C ARG A 40 -4.25 -9.02 -1.65
N ASP A 41 -4.37 -10.29 -1.97
CA ASP A 41 -5.29 -11.17 -1.24
C ASP A 41 -5.15 -11.00 0.26
N ARG A 42 -3.91 -11.00 0.73
CA ARG A 42 -3.63 -10.84 2.15
C ARG A 42 -4.07 -9.47 2.65
N PHE A 43 -3.86 -8.46 1.82
CA PHE A 43 -4.24 -7.09 2.17
C PHE A 43 -5.74 -6.98 2.39
N LEU A 44 -6.51 -7.59 1.49
CA LEU A 44 -7.97 -7.56 1.58
C LEU A 44 -8.45 -8.41 2.75
N SER A 45 -8.07 -9.68 2.75
CA SER A 45 -8.47 -10.60 3.81
C SER A 45 -8.15 -10.01 5.19
N GLU A 46 -6.94 -9.51 5.34
CA GLU A 46 -6.51 -8.92 6.61
C GLU A 46 -7.05 -7.50 6.75
N ARG A 47 -7.90 -7.10 5.81
CA ARG A 47 -8.48 -5.76 5.83
C ARG A 47 -7.41 -4.71 6.15
N VAL A 48 -6.21 -4.93 5.65
CA VAL A 48 -5.11 -4.00 5.88
C VAL A 48 -5.36 -2.66 5.21
N ASN A 49 -5.84 -1.69 5.97
CA ASN A 49 -6.12 -0.36 5.44
C ASN A 49 -4.89 0.53 5.52
N GLY A 50 -4.98 1.72 4.92
CA GLY A 50 -3.87 2.65 4.92
C GLY A 50 -3.28 2.84 6.30
N ARG A 51 -4.10 3.33 7.22
CA ARG A 51 -3.66 3.57 8.59
C ARG A 51 -2.78 2.42 9.09
N LEU A 52 -3.27 1.20 8.90
CA LEU A 52 -2.54 0.01 9.33
C LEU A 52 -1.32 -0.22 8.45
N LEU A 53 -1.41 0.16 7.19
CA LEU A 53 -0.32 -0.01 6.25
C LEU A 53 0.87 0.85 6.65
N LEU A 54 0.59 2.05 7.18
CA LEU A 54 1.63 2.96 7.60
C LEU A 54 2.38 2.42 8.82
N THR A 55 1.63 2.07 9.85
CA THR A 55 2.21 1.54 11.08
C THR A 55 3.08 0.31 10.78
N LEU A 56 2.55 -0.60 9.98
CA LEU A 56 3.28 -1.80 9.62
C LEU A 56 4.75 -1.49 9.33
N THR A 57 5.63 -2.43 9.68
CA THR A 57 7.06 -2.25 9.46
C THR A 57 7.66 -3.47 8.77
N GLU A 58 8.85 -3.30 8.19
CA GLU A 58 9.53 -4.37 7.50
C GLU A 58 9.26 -5.72 8.18
N GLU A 59 9.62 -5.80 9.46
CA GLU A 59 9.41 -7.02 10.23
C GLU A 59 8.03 -7.62 9.95
N GLU A 60 6.99 -6.89 10.33
CA GLU A 60 5.61 -7.35 10.11
C GLU A 60 5.44 -7.90 8.70
N PHE A 61 6.01 -7.20 7.72
CA PHE A 61 5.92 -7.62 6.33
C PHE A 61 6.64 -8.94 6.11
N SER A 62 7.67 -9.20 6.92
CA SER A 62 8.44 -10.42 6.81
C SER A 62 7.78 -11.56 7.58
N ARG A 63 6.71 -11.24 8.30
CA ARG A 63 5.99 -12.23 9.09
C ARG A 63 4.65 -12.57 8.42
N ALA A 64 4.22 -13.82 8.59
CA ALA A 64 2.97 -14.27 8.01
C ALA A 64 1.79 -13.44 8.53
N PRO A 65 0.64 -13.55 7.84
CA PRO A 65 0.50 -14.41 6.66
C PRO A 65 1.28 -13.88 5.46
N TYR A 66 1.66 -12.61 5.53
CA TYR A 66 2.41 -11.98 4.45
C TYR A 66 3.75 -12.69 4.23
N THR A 67 4.44 -12.98 5.32
CA THR A 67 5.72 -13.65 5.25
C THR A 67 6.45 -13.31 3.95
N ILE A 68 6.37 -12.05 3.55
CA ILE A 68 7.02 -11.60 2.32
C ILE A 68 8.42 -12.18 2.20
N GLU A 69 8.52 -13.32 1.51
CA GLU A 69 9.80 -13.98 1.31
C GLU A 69 10.56 -13.36 0.14
N ASN A 70 10.46 -12.04 0.01
CA ASN A 70 11.13 -11.32 -1.07
C ASN A 70 11.47 -9.90 -0.64
N SER A 71 12.75 -9.66 -0.37
CA SER A 71 13.21 -8.34 0.05
C SER A 71 12.79 -7.27 -0.96
N SER A 72 13.07 -7.55 -2.23
CA SER A 72 12.73 -6.60 -3.30
C SER A 72 11.36 -5.97 -3.05
N HIS A 73 10.35 -6.81 -2.83
CA HIS A 73 9.00 -6.33 -2.58
C HIS A 73 8.97 -5.36 -1.41
N ARG A 74 9.46 -5.82 -0.26
CA ARG A 74 9.49 -4.99 0.94
C ARG A 74 10.12 -3.63 0.65
N ARG A 75 11.17 -3.63 -0.15
CA ARG A 75 11.86 -2.39 -0.52
C ARG A 75 10.95 -1.49 -1.34
N VAL A 76 10.22 -2.09 -2.28
CA VAL A 76 9.31 -1.34 -3.15
C VAL A 76 8.14 -0.77 -2.35
N ILE A 77 7.55 -1.61 -1.50
CA ILE A 77 6.42 -1.19 -0.69
C ILE A 77 6.84 -0.13 0.33
N LEU A 78 7.92 -0.40 1.04
CA LEU A 78 8.43 0.53 2.04
C LEU A 78 8.93 1.82 1.38
N THR A 79 9.80 1.67 0.39
CA THR A 79 10.35 2.82 -0.32
C THR A 79 9.24 3.71 -0.87
N GLU A 80 8.35 3.11 -1.66
CA GLU A 80 7.24 3.85 -2.25
C GLU A 80 6.42 4.55 -1.17
N LEU A 81 6.14 3.84 -0.09
CA LEU A 81 5.36 4.38 1.02
C LEU A 81 6.05 5.60 1.61
N GLU A 82 7.38 5.57 1.66
CA GLU A 82 8.16 6.67 2.20
C GLU A 82 7.95 7.94 1.39
N ARG A 83 7.55 7.77 0.13
CA ARG A 83 7.32 8.90 -0.76
C ARG A 83 5.88 9.41 -0.62
N VAL A 84 4.92 8.53 -0.91
CA VAL A 84 3.50 8.89 -0.82
C VAL A 84 3.22 9.67 0.46
N ARG A 85 3.80 9.22 1.56
CA ARG A 85 3.60 9.88 2.85
C ARG A 85 4.22 11.27 2.86
N SER A 86 5.37 11.40 2.19
CA SER A 86 6.07 12.68 2.13
C SER A 86 5.10 13.81 1.76
N GLY A 87 4.31 13.59 0.72
CA GLY A 87 3.35 14.60 0.29
C GLY A 87 3.51 14.95 -1.18
N PRO A 88 2.91 16.07 -1.59
CA PRO A 88 2.96 16.55 -2.97
C PRO A 88 4.35 17.04 -3.35
N SER A 89 5.00 16.32 -4.26
CA SER A 89 6.34 16.68 -4.72
C SER A 89 6.27 17.51 -6.00
N SER A 90 6.53 18.81 -5.86
CA SER A 90 6.49 19.72 -7.00
C SER A 90 7.86 19.79 -7.68
N GLY A 91 7.85 19.79 -9.00
CA GLY A 91 9.09 19.85 -9.75
C GLY A 91 8.87 19.93 -11.25
N GLY A 1 -17.67 2.28 -23.93
CA GLY A 1 -17.55 3.23 -22.83
C GLY A 1 -16.19 3.17 -22.16
N SER A 2 -16.17 2.80 -20.88
CA SER A 2 -14.93 2.71 -20.13
C SER A 2 -14.66 1.27 -19.68
N SER A 3 -13.86 0.55 -20.46
CA SER A 3 -13.55 -0.83 -20.14
C SER A 3 -12.07 -0.97 -19.74
N GLY A 4 -11.84 -1.11 -18.44
CA GLY A 4 -10.47 -1.24 -17.95
C GLY A 4 -10.38 -1.10 -16.45
N SER A 5 -9.28 -0.52 -15.97
CA SER A 5 -9.08 -0.33 -14.55
C SER A 5 -10.07 0.68 -13.98
N SER A 6 -10.25 0.65 -12.67
CA SER A 6 -11.17 1.57 -12.01
C SER A 6 -10.50 2.28 -10.84
N GLY A 7 -10.73 3.58 -10.72
CA GLY A 7 -10.15 4.35 -9.64
C GLY A 7 -9.24 5.46 -10.16
N GLU A 8 -9.21 6.57 -9.44
CA GLU A 8 -8.38 7.71 -9.82
C GLU A 8 -6.91 7.46 -9.48
N HIS A 9 -6.04 7.58 -10.47
CA HIS A 9 -4.61 7.37 -10.27
C HIS A 9 -3.88 8.71 -10.16
N GLY A 10 -3.64 9.16 -8.94
CA GLY A 10 -2.94 10.41 -8.72
C GLY A 10 -3.15 10.96 -7.33
N LEU A 11 -4.41 11.22 -6.98
CA LEU A 11 -4.74 11.75 -5.66
C LEU A 11 -4.08 10.93 -4.55
N LEU A 12 -3.65 9.72 -4.90
CA LEU A 12 -3.00 8.83 -3.94
C LEU A 12 -1.99 9.59 -3.09
N VAL A 13 -1.00 10.19 -3.76
CA VAL A 13 0.03 10.95 -3.06
C VAL A 13 -0.58 12.10 -2.27
N HIS A 14 -1.59 12.74 -2.85
CA HIS A 14 -2.26 13.86 -2.20
C HIS A 14 -2.88 13.43 -0.88
N LYS A 15 -3.92 12.59 -0.96
CA LYS A 15 -4.60 12.10 0.23
C LYS A 15 -3.67 11.21 1.05
N ALA A 16 -3.42 11.60 2.30
CA ALA A 16 -2.56 10.84 3.19
C ALA A 16 -2.85 9.34 3.08
N VAL A 17 -1.82 8.53 3.28
CA VAL A 17 -1.96 7.08 3.20
C VAL A 17 -2.70 6.54 4.42
N ASP A 18 -2.52 7.19 5.56
CA ASP A 18 -3.17 6.77 6.79
C ASP A 18 -4.68 6.96 6.70
N LYS A 19 -5.13 7.52 5.58
CA LYS A 19 -6.55 7.76 5.37
C LYS A 19 -7.09 6.88 4.24
N TRP A 20 -6.22 6.06 3.67
CA TRP A 20 -6.61 5.16 2.59
C TRP A 20 -7.53 4.07 3.09
N THR A 21 -8.19 3.39 2.16
CA THR A 21 -9.10 2.30 2.52
C THR A 21 -8.62 0.97 1.95
N THR A 22 -9.08 -0.12 2.55
CA THR A 22 -8.70 -1.46 2.11
C THR A 22 -8.62 -1.53 0.59
N GLU A 23 -9.38 -0.68 -0.08
CA GLU A 23 -9.39 -0.64 -1.54
C GLU A 23 -8.18 0.11 -2.08
N GLU A 24 -8.10 1.40 -1.75
CA GLU A 24 -7.00 2.24 -2.20
C GLU A 24 -5.66 1.63 -1.82
N VAL A 25 -5.60 1.04 -0.62
CA VAL A 25 -4.37 0.41 -0.14
C VAL A 25 -3.86 -0.61 -1.14
N VAL A 26 -4.74 -1.48 -1.60
CA VAL A 26 -4.38 -2.52 -2.55
C VAL A 26 -4.13 -1.93 -3.94
N LEU A 27 -4.84 -0.85 -4.25
CA LEU A 27 -4.70 -0.19 -5.55
C LEU A 27 -3.30 0.39 -5.70
N TRP A 28 -2.87 1.18 -4.73
CA TRP A 28 -1.55 1.79 -4.77
C TRP A 28 -0.46 0.73 -4.87
N LEU A 29 -0.64 -0.37 -4.16
CA LEU A 29 0.32 -1.46 -4.18
C LEU A 29 0.22 -2.25 -5.48
N GLU A 30 -0.94 -2.22 -6.11
CA GLU A 30 -1.17 -2.92 -7.36
C GLU A 30 -0.59 -2.15 -8.54
N GLN A 31 0.21 -1.13 -8.23
CA GLN A 31 0.83 -0.31 -9.27
C GLN A 31 2.35 -0.45 -9.24
N LEU A 32 2.89 -0.74 -8.05
CA LEU A 32 4.33 -0.89 -7.89
C LEU A 32 4.86 -2.04 -8.74
N GLY A 33 4.00 -3.02 -9.01
CA GLY A 33 4.38 -4.16 -9.82
C GLY A 33 3.28 -5.18 -9.96
N PRO A 34 3.44 -6.10 -10.92
CA PRO A 34 2.45 -7.15 -11.18
C PRO A 34 2.39 -8.19 -10.06
N TRP A 35 3.50 -8.33 -9.34
CA TRP A 35 3.57 -9.28 -8.24
C TRP A 35 2.63 -8.88 -7.11
N ALA A 36 2.20 -7.62 -7.11
CA ALA A 36 1.30 -7.11 -6.09
C ALA A 36 0.05 -7.98 -5.98
N SER A 37 -0.44 -8.45 -7.11
CA SER A 37 -1.64 -9.28 -7.14
C SER A 37 -1.40 -10.59 -6.38
N LEU A 38 -0.14 -10.84 -6.03
CA LEU A 38 0.22 -12.05 -5.29
C LEU A 38 0.11 -11.83 -3.79
N TYR A 39 -0.02 -10.57 -3.39
CA TYR A 39 -0.14 -10.23 -1.97
C TYR A 39 -1.48 -9.58 -1.68
N ARG A 40 -2.07 -8.96 -2.70
CA ARG A 40 -3.36 -8.28 -2.55
C ARG A 40 -4.30 -9.11 -1.67
N ASP A 41 -4.36 -10.41 -1.94
CA ASP A 41 -5.22 -11.31 -1.18
C ASP A 41 -4.99 -11.13 0.32
N ARG A 42 -3.72 -11.06 0.72
CA ARG A 42 -3.37 -10.90 2.12
C ARG A 42 -3.79 -9.52 2.63
N PHE A 43 -3.81 -8.54 1.74
CA PHE A 43 -4.20 -7.18 2.10
C PHE A 43 -5.70 -7.09 2.34
N LEU A 44 -6.48 -7.61 1.41
CA LEU A 44 -7.94 -7.59 1.51
C LEU A 44 -8.40 -8.45 2.68
N SER A 45 -7.99 -9.72 2.69
CA SER A 45 -8.36 -10.64 3.75
C SER A 45 -8.08 -10.04 5.12
N GLU A 46 -6.87 -9.51 5.30
CA GLU A 46 -6.47 -8.90 6.56
C GLU A 46 -7.01 -7.47 6.68
N ARG A 47 -7.90 -7.11 5.75
CA ARG A 47 -8.49 -5.78 5.75
C ARG A 47 -7.43 -4.71 5.99
N VAL A 48 -6.23 -4.96 5.48
CA VAL A 48 -5.12 -4.02 5.64
C VAL A 48 -5.49 -2.64 5.10
N ASN A 49 -5.83 -1.73 6.02
CA ASN A 49 -6.20 -0.37 5.64
C ASN A 49 -4.99 0.56 5.67
N GLY A 50 -5.09 1.68 4.95
CA GLY A 50 -3.99 2.62 4.90
C GLY A 50 -3.27 2.74 6.23
N ARG A 51 -3.98 3.21 7.25
CA ARG A 51 -3.39 3.37 8.58
C ARG A 51 -2.56 2.15 8.96
N LEU A 52 -3.11 0.96 8.72
CA LEU A 52 -2.42 -0.28 9.03
C LEU A 52 -1.16 -0.43 8.18
N LEU A 53 -1.31 -0.25 6.88
CA LEU A 53 -0.19 -0.36 5.95
C LEU A 53 0.99 0.49 6.42
N LEU A 54 0.68 1.68 6.93
CA LEU A 54 1.71 2.59 7.42
C LEU A 54 2.41 2.02 8.66
N THR A 55 1.61 1.69 9.67
CA THR A 55 2.15 1.13 10.90
C THR A 55 3.11 -0.04 10.62
N LEU A 56 2.86 -0.74 9.54
CA LEU A 56 3.69 -1.87 9.15
C LEU A 56 5.12 -1.42 8.84
N THR A 57 6.09 -2.13 9.40
CA THR A 57 7.49 -1.80 9.19
C THR A 57 8.22 -2.93 8.46
N GLU A 58 9.44 -2.65 8.01
CA GLU A 58 10.23 -3.64 7.29
C GLU A 58 10.25 -4.97 8.04
N GLU A 59 9.93 -4.91 9.33
CA GLU A 59 9.91 -6.11 10.17
C GLU A 59 8.54 -6.80 10.10
N GLU A 60 7.52 -6.07 10.53
CA GLU A 60 6.16 -6.62 10.53
C GLU A 60 5.80 -7.18 9.16
N PHE A 61 6.41 -6.63 8.11
CA PHE A 61 6.15 -7.07 6.75
C PHE A 61 6.72 -8.46 6.52
N SER A 62 7.77 -8.80 7.27
CA SER A 62 8.41 -10.11 7.14
C SER A 62 7.73 -11.13 8.05
N ARG A 63 6.68 -10.71 8.74
CA ARG A 63 5.95 -11.59 9.63
C ARG A 63 4.66 -12.08 8.97
N ALA A 64 4.27 -13.31 9.31
CA ALA A 64 3.06 -13.90 8.76
C ALA A 64 1.82 -13.08 9.13
N PRO A 65 0.77 -13.18 8.30
CA PRO A 65 0.79 -14.03 7.11
C PRO A 65 1.72 -13.48 6.03
N TYR A 66 1.84 -12.17 5.98
CA TYR A 66 2.70 -11.51 4.98
C TYR A 66 3.99 -12.30 4.78
N THR A 67 4.62 -12.69 5.88
CA THR A 67 5.87 -13.44 5.81
C THR A 67 6.70 -13.04 4.60
N ILE A 68 6.64 -11.76 4.25
CA ILE A 68 7.39 -11.24 3.12
C ILE A 68 8.85 -11.67 3.19
N GLU A 69 9.15 -12.85 2.64
CA GLU A 69 10.52 -13.36 2.65
C GLU A 69 11.35 -12.71 1.55
N ASN A 70 10.67 -12.23 0.51
CA ASN A 70 11.35 -11.57 -0.61
C ASN A 70 11.54 -10.09 -0.33
N SER A 71 12.70 -9.74 0.24
CA SER A 71 12.99 -8.35 0.55
C SER A 71 12.49 -7.42 -0.55
N SER A 72 12.73 -7.80 -1.80
CA SER A 72 12.29 -6.99 -2.93
C SER A 72 10.96 -6.31 -2.65
N HIS A 73 10.00 -7.09 -2.14
CA HIS A 73 8.68 -6.56 -1.81
C HIS A 73 8.79 -5.39 -0.85
N ARG A 74 9.41 -5.63 0.30
CA ARG A 74 9.57 -4.58 1.31
C ARG A 74 10.20 -3.33 0.70
N ARG A 75 11.27 -3.52 -0.05
CA ARG A 75 11.97 -2.40 -0.69
C ARG A 75 11.00 -1.57 -1.52
N VAL A 76 10.16 -2.24 -2.30
CA VAL A 76 9.18 -1.55 -3.13
C VAL A 76 8.10 -0.88 -2.29
N ILE A 77 7.39 -1.68 -1.50
CA ILE A 77 6.33 -1.16 -0.64
C ILE A 77 6.81 0.04 0.16
N LEU A 78 7.78 -0.20 1.04
CA LEU A 78 8.34 0.87 1.88
C LEU A 78 8.71 2.08 1.02
N THR A 79 9.76 1.94 0.23
CA THR A 79 10.22 3.03 -0.63
C THR A 79 9.05 3.83 -1.17
N GLU A 80 8.18 3.16 -1.94
CA GLU A 80 7.02 3.82 -2.52
C GLU A 80 6.17 4.48 -1.44
N LEU A 81 6.06 3.82 -0.30
CA LEU A 81 5.28 4.35 0.82
C LEU A 81 5.88 5.64 1.35
N GLU A 82 7.21 5.67 1.45
CA GLU A 82 7.91 6.85 1.93
C GLU A 82 7.56 8.08 1.09
N ARG A 83 7.29 7.84 -0.19
CA ARG A 83 6.94 8.93 -1.11
C ARG A 83 5.50 9.37 -0.91
N VAL A 84 4.57 8.47 -1.22
CA VAL A 84 3.15 8.76 -1.08
C VAL A 84 2.87 9.49 0.23
N ARG A 85 3.46 9.01 1.31
CA ARG A 85 3.26 9.61 2.62
C ARG A 85 3.87 11.02 2.67
N SER A 86 5.00 11.19 1.99
CA SER A 86 5.67 12.48 1.96
C SER A 86 4.83 13.52 1.24
N GLY A 87 4.53 13.27 -0.03
CA GLY A 87 3.72 14.20 -0.80
C GLY A 87 4.52 14.89 -1.89
N PRO A 88 3.87 15.80 -2.62
CA PRO A 88 4.50 16.57 -3.69
C PRO A 88 5.52 17.57 -3.17
N SER A 89 5.71 17.59 -1.85
CA SER A 89 6.66 18.51 -1.23
C SER A 89 7.98 18.51 -1.99
N SER A 90 8.62 19.67 -2.04
CA SER A 90 9.90 19.82 -2.74
C SER A 90 11.05 19.92 -1.73
N GLY A 91 12.19 19.34 -2.10
CA GLY A 91 13.35 19.37 -1.23
C GLY A 91 14.27 18.18 -1.44
N GLY A 1 -16.20 -2.51 1.00
CA GLY A 1 -16.05 -2.35 -0.44
C GLY A 1 -16.96 -1.27 -0.99
N SER A 2 -16.65 -0.01 -0.67
CA SER A 2 -17.45 1.12 -1.13
C SER A 2 -16.93 1.63 -2.46
N SER A 3 -17.66 1.31 -3.54
CA SER A 3 -17.27 1.73 -4.87
C SER A 3 -17.76 3.15 -5.16
N GLY A 4 -17.04 3.87 -6.00
CA GLY A 4 -17.42 5.23 -6.34
C GLY A 4 -16.46 5.88 -7.31
N SER A 5 -16.56 5.53 -8.58
CA SER A 5 -15.68 6.09 -9.61
C SER A 5 -14.27 6.25 -9.07
N SER A 6 -13.78 5.24 -8.35
CA SER A 6 -12.45 5.28 -7.78
C SER A 6 -11.48 4.48 -8.63
N GLY A 7 -10.21 4.88 -8.62
CA GLY A 7 -9.20 4.18 -9.40
C GLY A 7 -8.42 5.13 -10.29
N GLU A 8 -7.94 6.23 -9.73
CA GLU A 8 -7.17 7.21 -10.49
C GLU A 8 -5.80 7.44 -9.87
N HIS A 9 -4.76 6.98 -10.57
CA HIS A 9 -3.40 7.13 -10.09
C HIS A 9 -2.99 8.60 -10.04
N GLY A 10 -3.11 9.21 -8.87
CA GLY A 10 -2.75 10.61 -8.72
C GLY A 10 -3.13 11.17 -7.37
N LEU A 11 -4.42 11.09 -7.04
CA LEU A 11 -4.92 11.59 -5.76
C LEU A 11 -4.28 10.84 -4.60
N LEU A 12 -3.60 9.74 -4.92
CA LEU A 12 -2.95 8.93 -3.89
C LEU A 12 -1.95 9.75 -3.09
N VAL A 13 -1.01 10.37 -3.79
CA VAL A 13 0.01 11.20 -3.14
C VAL A 13 -0.61 12.47 -2.56
N HIS A 14 -1.82 12.79 -3.01
CA HIS A 14 -2.52 13.98 -2.54
C HIS A 14 -3.30 13.68 -1.26
N LYS A 15 -3.69 12.43 -1.09
CA LYS A 15 -4.44 12.01 0.09
C LYS A 15 -3.57 11.16 1.01
N ALA A 16 -3.45 11.59 2.26
CA ALA A 16 -2.64 10.86 3.24
C ALA A 16 -2.93 9.37 3.19
N VAL A 17 -1.88 8.56 3.24
CA VAL A 17 -2.03 7.11 3.19
C VAL A 17 -2.78 6.60 4.41
N ASP A 18 -2.59 7.27 5.54
CA ASP A 18 -3.25 6.88 6.79
C ASP A 18 -4.76 7.05 6.67
N LYS A 19 -5.21 7.61 5.54
CA LYS A 19 -6.62 7.83 5.31
C LYS A 19 -7.13 6.95 4.17
N TRP A 20 -6.24 6.15 3.61
CA TRP A 20 -6.59 5.26 2.51
C TRP A 20 -7.54 4.16 2.98
N THR A 21 -8.23 3.54 2.03
CA THR A 21 -9.18 2.48 2.34
C THR A 21 -8.66 1.12 1.89
N THR A 22 -9.15 0.06 2.51
CA THR A 22 -8.74 -1.29 2.17
C THR A 22 -8.57 -1.46 0.66
N GLU A 23 -9.36 -0.70 -0.10
CA GLU A 23 -9.30 -0.76 -1.55
C GLU A 23 -8.09 0.01 -2.08
N GLU A 24 -8.03 1.30 -1.77
CA GLU A 24 -6.93 2.14 -2.22
C GLU A 24 -5.58 1.52 -1.84
N VAL A 25 -5.50 0.97 -0.64
CA VAL A 25 -4.28 0.34 -0.17
C VAL A 25 -3.77 -0.68 -1.18
N VAL A 26 -4.65 -1.55 -1.63
CA VAL A 26 -4.30 -2.58 -2.60
C VAL A 26 -4.02 -1.97 -3.98
N LEU A 27 -4.79 -0.95 -4.34
CA LEU A 27 -4.63 -0.28 -5.62
C LEU A 27 -3.23 0.30 -5.75
N TRP A 28 -2.81 1.05 -4.74
CA TRP A 28 -1.49 1.67 -4.76
C TRP A 28 -0.39 0.61 -4.87
N LEU A 29 -0.56 -0.48 -4.13
CA LEU A 29 0.41 -1.57 -4.14
C LEU A 29 0.33 -2.36 -5.45
N GLU A 30 -0.86 -2.38 -6.05
CA GLU A 30 -1.07 -3.10 -7.30
C GLU A 30 -0.53 -2.30 -8.48
N GLN A 31 0.15 -1.20 -8.17
CA GLN A 31 0.72 -0.36 -9.22
C GLN A 31 2.25 -0.45 -9.22
N LEU A 32 2.82 -0.79 -8.07
CA LEU A 32 4.27 -0.92 -7.94
C LEU A 32 4.79 -2.09 -8.78
N GLY A 33 3.94 -3.09 -8.97
CA GLY A 33 4.33 -4.26 -9.75
C GLY A 33 3.26 -5.32 -9.78
N PRO A 34 3.40 -6.28 -10.70
CA PRO A 34 2.44 -7.38 -10.85
C PRO A 34 2.50 -8.37 -9.69
N TRP A 35 3.63 -8.39 -9.00
CA TRP A 35 3.81 -9.29 -7.86
C TRP A 35 2.91 -8.88 -6.71
N ALA A 36 2.41 -7.66 -6.75
CA ALA A 36 1.53 -7.14 -5.71
C ALA A 36 0.28 -8.01 -5.57
N SER A 37 -0.11 -8.67 -6.65
CA SER A 37 -1.28 -9.53 -6.65
C SER A 37 -1.03 -10.79 -5.83
N LEU A 38 0.23 -11.00 -5.45
CA LEU A 38 0.60 -12.17 -4.66
C LEU A 38 0.38 -11.91 -3.17
N TYR A 39 0.14 -10.65 -2.82
CA TYR A 39 -0.07 -10.26 -1.44
C TYR A 39 -1.41 -9.55 -1.26
N ARG A 40 -1.82 -8.83 -2.31
CA ARG A 40 -3.08 -8.09 -2.28
C ARG A 40 -4.14 -8.86 -1.52
N ASP A 41 -4.33 -10.13 -1.88
CA ASP A 41 -5.32 -10.97 -1.23
C ASP A 41 -5.22 -10.85 0.29
N ARG A 42 -4.00 -10.87 0.80
CA ARG A 42 -3.77 -10.76 2.23
C ARG A 42 -4.31 -9.43 2.78
N PHE A 43 -4.14 -8.38 1.99
CA PHE A 43 -4.60 -7.05 2.38
C PHE A 43 -6.12 -7.03 2.57
N LEU A 44 -6.84 -7.39 1.51
CA LEU A 44 -8.30 -7.42 1.54
C LEU A 44 -8.80 -8.28 2.69
N SER A 45 -8.41 -9.57 2.66
CA SER A 45 -8.82 -10.50 3.70
C SER A 45 -8.56 -9.92 5.09
N GLU A 46 -7.33 -9.49 5.33
CA GLU A 46 -6.96 -8.92 6.61
C GLU A 46 -7.44 -7.48 6.73
N ARG A 47 -8.18 -7.02 5.72
CA ARG A 47 -8.70 -5.67 5.71
C ARG A 47 -7.63 -4.67 6.14
N VAL A 48 -6.42 -4.85 5.62
CA VAL A 48 -5.30 -3.97 5.95
C VAL A 48 -5.45 -2.62 5.26
N ASN A 49 -6.07 -1.66 5.94
CA ASN A 49 -6.27 -0.34 5.38
C ASN A 49 -4.99 0.49 5.46
N GLY A 50 -5.02 1.68 4.88
CA GLY A 50 -3.86 2.55 4.88
C GLY A 50 -3.29 2.75 6.28
N ARG A 51 -4.13 3.25 7.18
CA ARG A 51 -3.70 3.49 8.56
C ARG A 51 -2.88 2.33 9.09
N LEU A 52 -3.26 1.11 8.71
CA LEU A 52 -2.56 -0.08 9.14
C LEU A 52 -1.32 -0.33 8.29
N LEU A 53 -1.43 -0.03 7.00
CA LEU A 53 -0.32 -0.22 6.07
C LEU A 53 0.87 0.63 6.48
N LEU A 54 0.61 1.78 7.07
CA LEU A 54 1.66 2.69 7.51
C LEU A 54 2.37 2.14 8.75
N THR A 55 1.57 1.76 9.75
CA THR A 55 2.12 1.22 10.98
C THR A 55 3.04 0.03 10.71
N LEU A 56 2.67 -0.79 9.73
CA LEU A 56 3.47 -1.96 9.36
C LEU A 56 4.89 -1.56 9.01
N THR A 57 5.85 -2.29 9.56
CA THR A 57 7.26 -2.01 9.30
C THR A 57 7.91 -3.13 8.51
N GLU A 58 9.06 -2.84 7.91
CA GLU A 58 9.78 -3.84 7.12
C GLU A 58 9.62 -5.23 7.72
N GLU A 59 9.77 -5.32 9.04
CA GLU A 59 9.65 -6.59 9.74
C GLU A 59 8.25 -7.19 9.53
N GLU A 60 7.25 -6.58 10.16
CA GLU A 60 5.88 -7.05 10.05
C GLU A 60 5.59 -7.55 8.65
N PHE A 61 6.10 -6.84 7.65
CA PHE A 61 5.90 -7.22 6.25
C PHE A 61 6.49 -8.58 5.97
N SER A 62 7.69 -8.82 6.50
CA SER A 62 8.38 -10.10 6.29
C SER A 62 7.92 -11.13 7.32
N ARG A 63 6.99 -10.73 8.18
CA ARG A 63 6.47 -11.62 9.21
C ARG A 63 5.04 -12.03 8.90
N ALA A 64 4.69 -13.27 9.25
CA ALA A 64 3.36 -13.79 9.01
C ALA A 64 2.29 -12.82 9.53
N PRO A 65 1.11 -12.84 8.89
CA PRO A 65 0.84 -13.73 7.76
C PRO A 65 1.62 -13.33 6.50
N TYR A 66 1.67 -12.03 6.24
CA TYR A 66 2.38 -11.51 5.08
C TYR A 66 3.67 -12.30 4.84
N THR A 67 4.39 -12.58 5.91
CA THR A 67 5.64 -13.33 5.81
C THR A 67 6.34 -13.07 4.49
N ILE A 68 6.27 -11.82 4.02
CA ILE A 68 6.89 -11.44 2.76
C ILE A 68 8.32 -12.00 2.67
N GLU A 69 8.45 -13.18 2.07
CA GLU A 69 9.75 -13.81 1.91
C GLU A 69 10.46 -13.30 0.66
N ASN A 70 10.35 -12.00 0.41
CA ASN A 70 10.98 -11.38 -0.74
C ASN A 70 11.39 -9.95 -0.44
N SER A 71 12.70 -9.73 -0.31
CA SER A 71 13.23 -8.40 -0.02
C SER A 71 12.76 -7.40 -1.06
N SER A 72 13.13 -7.64 -2.32
CA SER A 72 12.75 -6.75 -3.42
C SER A 72 11.37 -6.14 -3.18
N HIS A 73 10.43 -6.98 -2.77
CA HIS A 73 9.06 -6.53 -2.51
C HIS A 73 9.05 -5.47 -1.41
N ARG A 74 9.60 -5.82 -0.24
CA ARG A 74 9.64 -4.90 0.87
C ARG A 74 10.25 -3.56 0.47
N ARG A 75 11.35 -3.62 -0.27
CA ARG A 75 12.02 -2.41 -0.74
C ARG A 75 11.07 -1.50 -1.49
N VAL A 76 10.47 -2.04 -2.55
CA VAL A 76 9.52 -1.28 -3.36
C VAL A 76 8.41 -0.70 -2.50
N ILE A 77 7.71 -1.58 -1.79
CA ILE A 77 6.60 -1.16 -0.93
C ILE A 77 7.04 -0.03 0.00
N LEU A 78 7.84 -0.36 1.01
CA LEU A 78 8.32 0.63 1.97
C LEU A 78 8.72 1.91 1.26
N THR A 79 9.72 1.81 0.38
CA THR A 79 10.20 2.97 -0.37
C THR A 79 9.04 3.80 -0.91
N GLU A 80 8.24 3.19 -1.77
CA GLU A 80 7.10 3.88 -2.37
C GLU A 80 6.25 4.55 -1.28
N LEU A 81 6.05 3.84 -0.18
CA LEU A 81 5.26 4.37 0.93
C LEU A 81 5.89 5.63 1.51
N GLU A 82 7.22 5.63 1.61
CA GLU A 82 7.95 6.77 2.14
C GLU A 82 7.70 8.02 1.30
N ARG A 83 7.21 7.80 0.08
CA ARG A 83 6.93 8.91 -0.83
C ARG A 83 5.48 9.35 -0.72
N VAL A 84 4.55 8.43 -0.95
CA VAL A 84 3.13 8.73 -0.87
C VAL A 84 2.78 9.36 0.47
N ARG A 85 3.40 8.87 1.54
CA ARG A 85 3.15 9.38 2.87
C ARG A 85 3.83 10.73 3.08
N SER A 86 5.09 10.83 2.66
CA SER A 86 5.85 12.07 2.79
C SER A 86 5.26 13.16 1.91
N GLY A 87 5.84 14.36 2.00
CA GLY A 87 5.36 15.47 1.21
C GLY A 87 6.01 15.55 -0.15
N PRO A 88 5.89 16.71 -0.82
CA PRO A 88 6.47 16.93 -2.14
C PRO A 88 7.99 17.00 -2.11
N SER A 89 8.61 16.99 -3.28
CA SER A 89 10.07 17.05 -3.38
C SER A 89 10.50 17.94 -4.55
N SER A 90 11.09 19.08 -4.23
CA SER A 90 11.55 20.02 -5.25
C SER A 90 12.27 19.28 -6.38
N GLY A 91 11.84 19.54 -7.61
CA GLY A 91 12.46 18.91 -8.76
C GLY A 91 12.13 17.43 -8.84
N GLY A 1 -14.33 -9.69 -12.13
CA GLY A 1 -14.97 -8.87 -13.14
C GLY A 1 -14.01 -8.41 -14.21
N SER A 2 -13.76 -9.25 -15.20
CA SER A 2 -12.85 -8.93 -16.28
C SER A 2 -13.37 -7.75 -17.10
N SER A 3 -14.68 -7.51 -16.99
CA SER A 3 -15.31 -6.41 -17.72
C SER A 3 -14.98 -5.07 -17.08
N GLY A 4 -14.36 -4.18 -17.85
CA GLY A 4 -14.00 -2.87 -17.33
C GLY A 4 -13.10 -2.95 -16.12
N SER A 5 -12.63 -1.80 -15.66
CA SER A 5 -11.74 -1.74 -14.50
C SER A 5 -11.67 -0.33 -13.93
N SER A 6 -11.07 -0.19 -12.76
CA SER A 6 -10.94 1.10 -12.11
C SER A 6 -9.54 1.29 -11.53
N GLY A 7 -9.21 2.53 -11.18
CA GLY A 7 -7.91 2.81 -10.61
C GLY A 7 -7.37 4.17 -11.05
N GLU A 8 -6.90 4.95 -10.09
CA GLU A 8 -6.36 6.27 -10.38
C GLU A 8 -4.95 6.43 -9.82
N HIS A 9 -4.05 6.97 -10.64
CA HIS A 9 -2.67 7.17 -10.22
C HIS A 9 -2.34 8.66 -10.13
N GLY A 10 -2.59 9.24 -8.96
CA GLY A 10 -2.31 10.65 -8.76
C GLY A 10 -2.92 11.18 -7.48
N LEU A 11 -4.20 10.90 -7.26
CA LEU A 11 -4.90 11.35 -6.06
C LEU A 11 -4.40 10.60 -4.83
N LEU A 12 -3.51 9.64 -5.04
CA LEU A 12 -2.96 8.86 -3.95
C LEU A 12 -1.98 9.68 -3.12
N VAL A 13 -0.93 10.16 -3.77
CA VAL A 13 0.08 10.96 -3.09
C VAL A 13 -0.55 12.17 -2.41
N HIS A 14 -1.46 12.83 -3.11
CA HIS A 14 -2.14 14.01 -2.58
C HIS A 14 -2.85 13.67 -1.27
N LYS A 15 -3.53 12.53 -1.25
CA LYS A 15 -4.25 12.10 -0.06
C LYS A 15 -3.35 11.28 0.86
N ALA A 16 -3.49 11.49 2.17
CA ALA A 16 -2.69 10.77 3.15
C ALA A 16 -3.00 9.27 3.13
N VAL A 17 -1.96 8.46 3.19
CA VAL A 17 -2.14 7.01 3.18
C VAL A 17 -2.91 6.54 4.41
N ASP A 18 -2.74 7.25 5.52
CA ASP A 18 -3.43 6.90 6.76
C ASP A 18 -4.94 7.12 6.62
N LYS A 19 -5.35 7.63 5.47
CA LYS A 19 -6.77 7.89 5.20
C LYS A 19 -7.27 7.00 4.07
N TRP A 20 -6.43 6.09 3.62
CA TRP A 20 -6.79 5.19 2.53
C TRP A 20 -7.71 4.07 3.03
N THR A 21 -8.29 3.32 2.10
CA THR A 21 -9.18 2.22 2.45
C THR A 21 -8.67 0.90 1.89
N THR A 22 -9.10 -0.20 2.51
CA THR A 22 -8.69 -1.52 2.06
C THR A 22 -8.60 -1.60 0.55
N GLU A 23 -9.43 -0.80 -0.12
CA GLU A 23 -9.46 -0.78 -1.58
C GLU A 23 -8.26 -0.02 -2.14
N GLU A 24 -8.13 1.25 -1.73
CA GLU A 24 -7.04 2.08 -2.20
C GLU A 24 -5.69 1.47 -1.84
N VAL A 25 -5.61 0.90 -0.63
CA VAL A 25 -4.38 0.28 -0.16
C VAL A 25 -3.84 -0.71 -1.18
N VAL A 26 -4.72 -1.58 -1.68
CA VAL A 26 -4.34 -2.59 -2.67
C VAL A 26 -4.05 -1.94 -4.02
N LEU A 27 -4.78 -0.87 -4.33
CA LEU A 27 -4.60 -0.16 -5.59
C LEU A 27 -3.18 0.41 -5.70
N TRP A 28 -2.77 1.16 -4.69
CA TRP A 28 -1.44 1.76 -4.68
C TRP A 28 -0.37 0.69 -4.83
N LEU A 29 -0.57 -0.44 -4.15
CA LEU A 29 0.39 -1.54 -4.22
C LEU A 29 0.30 -2.28 -5.55
N GLU A 30 -0.88 -2.22 -6.17
CA GLU A 30 -1.10 -2.88 -7.45
C GLU A 30 -0.50 -2.07 -8.59
N GLN A 31 0.27 -1.03 -8.24
CA GLN A 31 0.90 -0.17 -9.23
C GLN A 31 2.42 -0.35 -9.22
N LEU A 32 2.95 -0.70 -8.05
CA LEU A 32 4.39 -0.91 -7.90
C LEU A 32 4.87 -2.06 -8.78
N GLY A 33 3.98 -2.99 -9.06
CA GLY A 33 4.33 -4.13 -9.90
C GLY A 33 3.20 -5.14 -10.02
N PRO A 34 3.32 -6.04 -11.00
CA PRO A 34 2.31 -7.07 -11.24
C PRO A 34 2.28 -8.13 -10.14
N TRP A 35 3.39 -8.27 -9.44
CA TRP A 35 3.49 -9.24 -8.35
C TRP A 35 2.62 -8.83 -7.17
N ALA A 36 2.19 -7.58 -7.16
CA ALA A 36 1.35 -7.06 -6.09
C ALA A 36 0.08 -7.90 -5.94
N SER A 37 -0.48 -8.32 -7.08
CA SER A 37 -1.70 -9.12 -7.08
C SER A 37 -1.48 -10.45 -6.34
N LEU A 38 -0.22 -10.78 -6.09
CA LEU A 38 0.13 -12.01 -5.40
C LEU A 38 0.07 -11.81 -3.88
N TYR A 39 -0.05 -10.56 -3.46
CA TYR A 39 -0.11 -10.24 -2.04
C TYR A 39 -1.44 -9.59 -1.68
N ARG A 40 -2.06 -8.94 -2.67
CA ARG A 40 -3.33 -8.26 -2.47
C ARG A 40 -4.24 -9.09 -1.57
N ASP A 41 -4.28 -10.40 -1.80
CA ASP A 41 -5.11 -11.30 -1.02
C ASP A 41 -4.92 -11.04 0.48
N ARG A 42 -3.68 -10.86 0.89
CA ARG A 42 -3.37 -10.60 2.30
C ARG A 42 -3.99 -9.29 2.76
N PHE A 43 -3.82 -8.24 1.96
CA PHE A 43 -4.37 -6.93 2.29
C PHE A 43 -5.89 -7.00 2.45
N LEU A 44 -6.55 -7.58 1.47
CA LEU A 44 -8.01 -7.70 1.51
C LEU A 44 -8.45 -8.60 2.65
N SER A 45 -7.93 -9.82 2.68
CA SER A 45 -8.28 -10.77 3.72
C SER A 45 -8.04 -10.17 5.10
N GLU A 46 -6.86 -9.60 5.30
CA GLU A 46 -6.50 -8.99 6.57
C GLU A 46 -7.00 -7.56 6.64
N ARG A 47 -7.79 -7.16 5.65
CA ARG A 47 -8.33 -5.80 5.59
C ARG A 47 -7.28 -4.78 6.02
N VAL A 48 -6.05 -4.97 5.55
CA VAL A 48 -4.96 -4.06 5.89
C VAL A 48 -5.19 -2.67 5.31
N ASN A 49 -5.85 -1.81 6.09
CA ASN A 49 -6.15 -0.46 5.65
C ASN A 49 -4.88 0.39 5.63
N GLY A 50 -4.98 1.59 5.04
CA GLY A 50 -3.84 2.48 4.97
C GLY A 50 -3.19 2.70 6.32
N ARG A 51 -3.99 3.13 7.29
CA ARG A 51 -3.49 3.38 8.63
C ARG A 51 -2.63 2.21 9.12
N LEU A 52 -3.12 0.99 8.91
CA LEU A 52 -2.40 -0.20 9.33
C LEU A 52 -1.16 -0.42 8.47
N LEU A 53 -1.25 -0.05 7.20
CA LEU A 53 -0.14 -0.20 6.28
C LEU A 53 1.05 0.66 6.70
N LEU A 54 0.77 1.90 7.09
CA LEU A 54 1.80 2.83 7.53
C LEU A 54 2.53 2.29 8.76
N THR A 55 1.77 1.97 9.80
CA THR A 55 2.34 1.43 11.02
C THR A 55 3.30 0.30 10.74
N LEU A 56 2.91 -0.60 9.84
CA LEU A 56 3.74 -1.73 9.48
C LEU A 56 5.16 -1.29 9.14
N THR A 57 6.14 -2.15 9.44
CA THR A 57 7.53 -1.84 9.16
C THR A 57 8.22 -3.00 8.44
N GLU A 58 9.39 -2.72 7.86
CA GLU A 58 10.14 -3.73 7.15
C GLU A 58 10.14 -5.06 7.90
N GLU A 59 9.92 -4.98 9.21
CA GLU A 59 9.89 -6.17 10.05
C GLU A 59 8.53 -6.85 9.98
N GLU A 60 7.49 -6.12 10.37
CA GLU A 60 6.13 -6.65 10.35
C GLU A 60 5.79 -7.23 8.98
N PHE A 61 6.40 -6.66 7.94
CA PHE A 61 6.15 -7.13 6.57
C PHE A 61 6.74 -8.51 6.35
N SER A 62 7.85 -8.79 7.03
CA SER A 62 8.52 -10.08 6.91
C SER A 62 7.96 -11.08 7.92
N ARG A 63 6.86 -10.72 8.55
CA ARG A 63 6.22 -11.58 9.54
C ARG A 63 4.89 -12.10 9.03
N ALA A 64 4.49 -13.29 9.49
CA ALA A 64 3.24 -13.89 9.08
C ALA A 64 2.05 -13.02 9.49
N PRO A 65 0.94 -13.14 8.75
CA PRO A 65 0.84 -14.07 7.62
C PRO A 65 1.69 -13.62 6.43
N TYR A 66 1.85 -12.30 6.29
CA TYR A 66 2.64 -11.74 5.21
C TYR A 66 3.88 -12.57 4.95
N THR A 67 4.58 -12.93 6.02
CA THR A 67 5.80 -13.73 5.92
C THR A 67 6.57 -13.39 4.65
N ILE A 68 6.52 -12.12 4.25
CA ILE A 68 7.22 -11.68 3.05
C ILE A 68 8.64 -12.21 3.01
N GLU A 69 8.82 -13.36 2.36
CA GLU A 69 10.14 -13.98 2.25
C GLU A 69 10.90 -13.43 1.05
N ASN A 70 10.57 -12.19 0.67
CA ASN A 70 11.22 -11.55 -0.46
C ASN A 70 11.46 -10.07 -0.17
N SER A 71 12.72 -9.72 0.11
CA SER A 71 13.09 -8.34 0.40
C SER A 71 12.54 -7.39 -0.66
N SER A 72 12.85 -7.69 -1.92
CA SER A 72 12.39 -6.86 -3.03
C SER A 72 11.01 -6.28 -2.75
N HIS A 73 10.07 -7.16 -2.38
CA HIS A 73 8.71 -6.74 -2.09
C HIS A 73 8.71 -5.59 -1.07
N ARG A 74 9.38 -5.80 0.05
CA ARG A 74 9.45 -4.78 1.10
C ARG A 74 10.09 -3.50 0.56
N ARG A 75 11.27 -3.65 -0.06
CA ARG A 75 11.99 -2.50 -0.61
C ARG A 75 11.07 -1.64 -1.45
N VAL A 76 10.20 -2.28 -2.23
CA VAL A 76 9.27 -1.57 -3.09
C VAL A 76 8.18 -0.88 -2.27
N ILE A 77 7.32 -1.68 -1.66
CA ILE A 77 6.23 -1.15 -0.84
C ILE A 77 6.72 -0.01 0.04
N LEU A 78 7.69 -0.31 0.91
CA LEU A 78 8.25 0.68 1.81
C LEU A 78 8.70 1.92 1.04
N THR A 79 9.76 1.78 0.26
CA THR A 79 10.30 2.88 -0.52
C THR A 79 9.16 3.75 -1.08
N GLU A 80 8.23 3.10 -1.77
CA GLU A 80 7.10 3.81 -2.36
C GLU A 80 6.23 4.45 -1.28
N LEU A 81 6.09 3.75 -0.16
CA LEU A 81 5.28 4.24 0.95
C LEU A 81 5.85 5.56 1.49
N GLU A 82 7.16 5.60 1.68
CA GLU A 82 7.82 6.79 2.20
C GLU A 82 7.47 8.01 1.34
N ARG A 83 7.33 7.80 0.04
CA ARG A 83 7.00 8.88 -0.88
C ARG A 83 5.55 9.32 -0.70
N VAL A 84 4.62 8.43 -1.00
CA VAL A 84 3.20 8.73 -0.87
C VAL A 84 2.91 9.45 0.45
N ARG A 85 3.47 8.93 1.53
CA ARG A 85 3.27 9.52 2.85
C ARG A 85 3.91 10.91 2.92
N SER A 86 5.04 11.07 2.25
CA SER A 86 5.75 12.35 2.24
C SER A 86 4.94 13.42 1.52
N GLY A 87 4.94 14.63 2.07
CA GLY A 87 4.20 15.72 1.48
C GLY A 87 4.49 15.87 0.00
N PRO A 88 3.42 16.03 -0.81
CA PRO A 88 3.55 16.19 -2.26
C PRO A 88 4.16 17.53 -2.65
N SER A 89 4.82 17.55 -3.80
CA SER A 89 5.46 18.77 -4.29
C SER A 89 4.87 19.20 -5.62
N SER A 90 5.11 20.46 -5.99
CA SER A 90 4.59 21.00 -7.24
C SER A 90 5.54 20.70 -8.40
N GLY A 91 6.76 21.23 -8.31
CA GLY A 91 7.74 21.01 -9.36
C GLY A 91 9.05 21.73 -9.08
N GLY A 1 -21.91 0.71 0.36
CA GLY A 1 -22.83 0.91 -0.75
C GLY A 1 -22.14 0.89 -2.09
N SER A 2 -22.71 1.60 -3.06
CA SER A 2 -22.14 1.67 -4.40
C SER A 2 -22.02 3.11 -4.87
N SER A 3 -20.86 3.71 -4.63
CA SER A 3 -20.61 5.09 -5.02
C SER A 3 -19.13 5.43 -4.91
N GLY A 4 -18.64 6.19 -5.89
CA GLY A 4 -17.23 6.58 -5.89
C GLY A 4 -16.99 7.87 -6.64
N SER A 5 -15.95 8.59 -6.24
CA SER A 5 -15.61 9.87 -6.87
C SER A 5 -14.17 9.84 -7.39
N SER A 6 -13.23 9.60 -6.48
CA SER A 6 -11.82 9.55 -6.85
C SER A 6 -11.44 8.18 -7.38
N GLY A 7 -11.31 8.08 -8.70
CA GLY A 7 -10.95 6.82 -9.32
C GLY A 7 -9.85 6.97 -10.35
N GLU A 8 -8.84 7.78 -10.02
CA GLU A 8 -7.71 8.00 -10.93
C GLU A 8 -6.39 7.77 -10.22
N HIS A 9 -5.38 7.34 -10.98
CA HIS A 9 -4.07 7.07 -10.42
C HIS A 9 -3.26 8.37 -10.28
N GLY A 10 -3.09 8.82 -9.04
CA GLY A 10 -2.35 10.04 -8.79
C GLY A 10 -2.77 10.72 -7.50
N LEU A 11 -4.08 10.91 -7.32
CA LEU A 11 -4.60 11.55 -6.13
C LEU A 11 -4.11 10.84 -4.87
N LEU A 12 -3.69 9.59 -5.02
CA LEU A 12 -3.18 8.82 -3.90
C LEU A 12 -2.31 9.67 -2.99
N VAL A 13 -1.25 10.23 -3.56
CA VAL A 13 -0.33 11.08 -2.80
C VAL A 13 -1.06 12.25 -2.17
N HIS A 14 -1.91 12.92 -2.95
CA HIS A 14 -2.68 14.06 -2.46
C HIS A 14 -3.42 13.70 -1.18
N LYS A 15 -4.08 12.56 -1.18
CA LYS A 15 -4.84 12.11 -0.01
C LYS A 15 -3.94 11.32 0.94
N ALA A 16 -3.95 11.70 2.21
CA ALA A 16 -3.15 11.04 3.21
C ALA A 16 -3.33 9.53 3.16
N VAL A 17 -2.21 8.80 3.23
CA VAL A 17 -2.25 7.34 3.18
C VAL A 17 -2.92 6.76 4.42
N ASP A 18 -2.82 7.48 5.53
CA ASP A 18 -3.41 7.05 6.79
C ASP A 18 -4.94 7.12 6.71
N LYS A 19 -5.45 7.58 5.58
CA LYS A 19 -6.89 7.69 5.39
C LYS A 19 -7.37 6.76 4.29
N TRP A 20 -6.44 6.05 3.67
CA TRP A 20 -6.76 5.11 2.60
C TRP A 20 -7.65 3.99 3.12
N THR A 21 -8.26 3.25 2.20
CA THR A 21 -9.14 2.14 2.56
C THR A 21 -8.62 0.82 2.00
N THR A 22 -8.99 -0.28 2.64
CA THR A 22 -8.56 -1.60 2.22
C THR A 22 -8.50 -1.69 0.69
N GLU A 23 -9.36 -0.93 0.02
CA GLU A 23 -9.40 -0.92 -1.44
C GLU A 23 -8.23 -0.13 -2.01
N GLU A 24 -8.14 1.14 -1.62
CA GLU A 24 -7.06 2.00 -2.10
C GLU A 24 -5.70 1.42 -1.75
N VAL A 25 -5.59 0.86 -0.54
CA VAL A 25 -4.34 0.27 -0.08
C VAL A 25 -3.80 -0.73 -1.09
N VAL A 26 -4.66 -1.66 -1.52
CA VAL A 26 -4.27 -2.67 -2.49
C VAL A 26 -4.05 -2.07 -3.86
N LEU A 27 -4.84 -1.05 -4.19
CA LEU A 27 -4.73 -0.36 -5.48
C LEU A 27 -3.33 0.24 -5.65
N TRP A 28 -2.90 1.00 -4.66
CA TRP A 28 -1.58 1.64 -4.71
C TRP A 28 -0.49 0.61 -4.92
N LEU A 29 -0.62 -0.54 -4.25
CA LEU A 29 0.36 -1.61 -4.36
C LEU A 29 0.26 -2.32 -5.70
N GLU A 30 -0.93 -2.25 -6.30
CA GLU A 30 -1.17 -2.89 -7.60
C GLU A 30 -0.59 -2.04 -8.72
N GLN A 31 0.16 -1.00 -8.36
CA GLN A 31 0.77 -0.11 -9.35
C GLN A 31 2.29 -0.26 -9.34
N LEU A 32 2.84 -0.71 -8.22
CA LEU A 32 4.28 -0.89 -8.09
C LEU A 32 4.76 -2.03 -8.97
N GLY A 33 3.88 -2.99 -9.24
CA GLY A 33 4.24 -4.12 -10.07
C GLY A 33 3.13 -5.14 -10.19
N PRO A 34 3.22 -6.01 -11.19
CA PRO A 34 2.22 -7.06 -11.43
C PRO A 34 2.23 -8.13 -10.36
N TRP A 35 3.33 -8.21 -9.62
CA TRP A 35 3.47 -9.21 -8.56
C TRP A 35 2.62 -8.84 -7.36
N ALA A 36 2.13 -7.59 -7.34
CA ALA A 36 1.30 -7.12 -6.24
C ALA A 36 0.07 -8.01 -6.05
N SER A 37 -0.51 -8.44 -7.16
CA SER A 37 -1.70 -9.29 -7.12
C SER A 37 -1.38 -10.62 -6.44
N LEU A 38 -0.10 -10.87 -6.20
CA LEU A 38 0.33 -12.11 -5.54
C LEU A 38 0.28 -11.97 -4.02
N TYR A 39 0.14 -10.73 -3.55
CA TYR A 39 0.06 -10.46 -2.12
C TYR A 39 -1.24 -9.77 -1.76
N ARG A 40 -1.80 -9.04 -2.71
CA ARG A 40 -3.05 -8.32 -2.49
C ARG A 40 -4.02 -9.16 -1.67
N ASP A 41 -3.97 -10.48 -1.86
CA ASP A 41 -4.84 -11.39 -1.13
C ASP A 41 -4.68 -11.21 0.37
N ARG A 42 -3.44 -11.12 0.83
CA ARG A 42 -3.15 -10.95 2.25
C ARG A 42 -3.63 -9.59 2.74
N PHE A 43 -3.63 -8.61 1.84
CA PHE A 43 -4.06 -7.26 2.18
C PHE A 43 -5.57 -7.21 2.38
N LEU A 44 -6.31 -7.72 1.40
CA LEU A 44 -7.77 -7.73 1.48
C LEU A 44 -8.25 -8.59 2.65
N SER A 45 -7.82 -9.84 2.67
CA SER A 45 -8.21 -10.77 3.73
C SER A 45 -7.97 -10.14 5.10
N GLU A 46 -6.78 -9.59 5.30
CA GLU A 46 -6.42 -8.96 6.57
C GLU A 46 -6.96 -7.54 6.64
N ARG A 47 -7.90 -7.22 5.75
CA ARG A 47 -8.50 -5.90 5.72
C ARG A 47 -7.48 -4.83 6.08
N VAL A 48 -6.28 -4.95 5.53
CA VAL A 48 -5.21 -4.00 5.80
C VAL A 48 -5.52 -2.64 5.18
N ASN A 49 -5.88 -1.68 6.03
CA ASN A 49 -6.21 -0.34 5.56
C ASN A 49 -4.98 0.57 5.61
N GLY A 50 -5.11 1.76 5.04
CA GLY A 50 -3.99 2.70 5.03
C GLY A 50 -3.41 2.90 6.41
N ARG A 51 -4.22 3.38 7.34
CA ARG A 51 -3.77 3.62 8.70
C ARG A 51 -2.91 2.46 9.21
N LEU A 52 -3.27 1.25 8.80
CA LEU A 52 -2.54 0.06 9.21
C LEU A 52 -1.28 -0.13 8.37
N LEU A 53 -1.37 0.26 7.10
CA LEU A 53 -0.23 0.15 6.19
C LEU A 53 0.93 1.02 6.65
N LEU A 54 0.63 2.27 6.98
CA LEU A 54 1.65 3.20 7.43
C LEU A 54 2.37 2.67 8.67
N THR A 55 1.60 2.21 9.65
CA THR A 55 2.16 1.68 10.88
C THR A 55 3.14 0.54 10.59
N LEU A 56 2.74 -0.37 9.72
CA LEU A 56 3.58 -1.50 9.34
C LEU A 56 4.97 -1.03 8.96
N THR A 57 5.98 -1.86 9.25
CA THR A 57 7.36 -1.54 8.93
C THR A 57 8.05 -2.69 8.20
N GLU A 58 9.23 -2.42 7.67
CA GLU A 58 9.99 -3.43 6.94
C GLU A 58 9.99 -4.76 7.70
N GLU A 59 9.73 -4.68 9.00
CA GLU A 59 9.70 -5.89 9.84
C GLU A 59 8.32 -6.53 9.83
N GLU A 60 7.34 -5.79 10.34
CA GLU A 60 5.97 -6.29 10.39
C GLU A 60 5.60 -7.00 9.09
N PHE A 61 6.00 -6.41 7.96
CA PHE A 61 5.71 -6.99 6.66
C PHE A 61 6.32 -8.38 6.53
N SER A 62 7.52 -8.55 7.06
CA SER A 62 8.23 -9.83 7.00
C SER A 62 7.70 -10.78 8.07
N ARG A 63 6.59 -10.40 8.70
CA ARG A 63 5.99 -11.22 9.75
C ARG A 63 4.62 -11.73 9.31
N ALA A 64 4.26 -12.92 9.79
CA ALA A 64 2.97 -13.52 9.45
C ALA A 64 1.82 -12.62 9.89
N PRO A 65 0.67 -12.76 9.21
CA PRO A 65 0.52 -13.72 8.12
C PRO A 65 1.30 -13.32 6.88
N TYR A 66 1.50 -12.02 6.69
CA TYR A 66 2.24 -11.51 5.54
C TYR A 66 3.49 -12.36 5.29
N THR A 67 4.26 -12.60 6.33
CA THR A 67 5.48 -13.39 6.22
C THR A 67 6.14 -13.19 4.87
N ILE A 68 6.08 -11.96 4.34
CA ILE A 68 6.67 -11.64 3.06
C ILE A 68 8.08 -12.20 2.94
N GLU A 69 8.19 -13.41 2.41
CA GLU A 69 9.48 -14.06 2.25
C GLU A 69 10.20 -13.53 1.01
N ASN A 70 10.15 -12.23 0.81
CA ASN A 70 10.79 -11.61 -0.34
C ASN A 70 11.12 -10.14 -0.06
N SER A 71 12.40 -9.86 0.17
CA SER A 71 12.84 -8.49 0.46
C SER A 71 12.42 -7.54 -0.64
N SER A 72 12.85 -7.83 -1.87
CA SER A 72 12.53 -7.00 -3.02
C SER A 72 11.10 -6.46 -2.92
N HIS A 73 10.19 -7.31 -2.46
CA HIS A 73 8.79 -6.93 -2.32
C HIS A 73 8.63 -5.83 -1.27
N ARG A 74 9.35 -5.97 -0.16
CA ARG A 74 9.30 -5.00 0.92
C ARG A 74 9.92 -3.68 0.48
N ARG A 75 11.04 -3.77 -0.23
CA ARG A 75 11.74 -2.57 -0.70
C ARG A 75 10.81 -1.70 -1.54
N VAL A 76 10.05 -2.34 -2.43
CA VAL A 76 9.13 -1.62 -3.31
C VAL A 76 8.01 -0.97 -2.51
N ILE A 77 7.49 -1.71 -1.54
CA ILE A 77 6.41 -1.20 -0.70
C ILE A 77 6.91 -0.08 0.21
N LEU A 78 7.83 -0.40 1.09
CA LEU A 78 8.40 0.58 2.01
C LEU A 78 8.85 1.83 1.26
N THR A 79 9.79 1.65 0.34
CA THR A 79 10.32 2.77 -0.44
C THR A 79 9.19 3.64 -0.97
N GLU A 80 8.30 3.04 -1.76
CA GLU A 80 7.18 3.76 -2.33
C GLU A 80 6.37 4.46 -1.25
N LEU A 81 6.16 3.76 -0.13
CA LEU A 81 5.41 4.31 0.99
C LEU A 81 6.13 5.51 1.61
N GLU A 82 7.46 5.46 1.58
CA GLU A 82 8.26 6.54 2.14
C GLU A 82 8.05 7.84 1.37
N ARG A 83 7.66 7.71 0.10
CA ARG A 83 7.41 8.87 -0.74
C ARG A 83 5.99 9.38 -0.57
N VAL A 84 5.02 8.50 -0.85
CA VAL A 84 3.61 8.87 -0.73
C VAL A 84 3.33 9.56 0.59
N ARG A 85 3.96 9.09 1.66
CA ARG A 85 3.79 9.68 2.98
C ARG A 85 4.60 10.96 3.12
N SER A 86 5.84 10.92 2.65
CA SER A 86 6.72 12.08 2.72
C SER A 86 7.47 12.28 1.40
N GLY A 87 7.10 13.33 0.67
CA GLY A 87 7.76 13.61 -0.59
C GLY A 87 6.88 14.44 -1.52
N PRO A 88 6.88 15.77 -1.31
CA PRO A 88 6.10 16.70 -2.12
C PRO A 88 6.62 16.81 -3.55
N SER A 89 6.19 15.90 -4.41
CA SER A 89 6.63 15.91 -5.80
C SER A 89 5.78 16.86 -6.63
N SER A 90 6.25 17.16 -7.84
CA SER A 90 5.53 18.07 -8.73
C SER A 90 5.65 17.61 -10.19
N GLY A 91 4.54 17.18 -10.76
CA GLY A 91 4.54 16.73 -12.14
C GLY A 91 4.70 15.23 -12.24
N GLY A 1 -17.35 10.82 3.76
CA GLY A 1 -17.38 10.45 2.36
C GLY A 1 -17.89 9.04 2.13
N SER A 2 -17.93 8.62 0.87
CA SER A 2 -18.41 7.29 0.53
C SER A 2 -17.31 6.49 -0.18
N SER A 3 -16.52 7.19 -0.98
CA SER A 3 -15.43 6.54 -1.72
C SER A 3 -15.87 5.18 -2.25
N GLY A 4 -17.08 5.13 -2.79
CA GLY A 4 -17.60 3.89 -3.32
C GLY A 4 -17.75 3.93 -4.84
N SER A 5 -17.42 2.82 -5.50
CA SER A 5 -17.51 2.73 -6.95
C SER A 5 -16.81 3.92 -7.60
N SER A 6 -15.65 4.30 -7.06
CA SER A 6 -14.89 5.42 -7.58
C SER A 6 -13.41 5.07 -7.64
N GLY A 7 -12.87 4.94 -8.84
CA GLY A 7 -11.47 4.62 -9.02
C GLY A 7 -10.69 5.73 -9.70
N GLU A 8 -9.56 6.10 -9.13
CA GLU A 8 -8.72 7.16 -9.69
C GLU A 8 -7.25 6.90 -9.42
N HIS A 9 -6.41 7.24 -10.39
CA HIS A 9 -4.96 7.04 -10.26
C HIS A 9 -4.22 8.37 -10.25
N GLY A 10 -3.57 8.68 -9.13
CA GLY A 10 -2.84 9.92 -9.01
C GLY A 10 -3.11 10.64 -7.70
N LEU A 11 -4.39 10.77 -7.36
CA LEU A 11 -4.78 11.44 -6.13
C LEU A 11 -4.22 10.72 -4.92
N LEU A 12 -3.74 9.50 -5.12
CA LEU A 12 -3.16 8.70 -4.04
C LEU A 12 -2.32 9.58 -3.12
N VAL A 13 -1.34 10.27 -3.68
CA VAL A 13 -0.46 11.15 -2.91
C VAL A 13 -1.25 12.29 -2.28
N HIS A 14 -2.09 12.94 -3.10
CA HIS A 14 -2.90 14.05 -2.62
C HIS A 14 -3.59 13.70 -1.30
N LYS A 15 -4.00 12.45 -1.17
CA LYS A 15 -4.67 11.98 0.04
C LYS A 15 -3.73 11.16 0.91
N ALA A 16 -3.60 11.55 2.17
CA ALA A 16 -2.72 10.83 3.09
C ALA A 16 -2.93 9.33 3.00
N VAL A 17 -1.87 8.58 3.30
CA VAL A 17 -1.94 7.12 3.25
C VAL A 17 -2.68 6.56 4.45
N ASP A 18 -2.56 7.25 5.59
CA ASP A 18 -3.23 6.82 6.81
C ASP A 18 -4.74 7.01 6.70
N LYS A 19 -5.19 7.53 5.57
CA LYS A 19 -6.61 7.75 5.34
C LYS A 19 -7.13 6.86 4.21
N TRP A 20 -6.23 6.09 3.61
CA TRP A 20 -6.60 5.19 2.52
C TRP A 20 -7.53 4.10 3.02
N THR A 21 -8.24 3.47 2.09
CA THR A 21 -9.18 2.40 2.42
C THR A 21 -8.66 1.05 1.94
N THR A 22 -9.16 -0.03 2.56
CA THR A 22 -8.74 -1.37 2.19
C THR A 22 -8.65 -1.53 0.68
N GLU A 23 -9.38 -0.68 -0.05
CA GLU A 23 -9.37 -0.73 -1.51
C GLU A 23 -8.15 0.01 -2.06
N GLU A 24 -8.01 1.28 -1.69
CA GLU A 24 -6.90 2.09 -2.15
C GLU A 24 -5.56 1.43 -1.81
N VAL A 25 -5.44 0.95 -0.58
CA VAL A 25 -4.21 0.30 -0.13
C VAL A 25 -3.72 -0.71 -1.16
N VAL A 26 -4.63 -1.54 -1.65
CA VAL A 26 -4.29 -2.55 -2.64
C VAL A 26 -4.00 -1.92 -3.99
N LEU A 27 -4.72 -0.85 -4.30
CA LEU A 27 -4.54 -0.14 -5.57
C LEU A 27 -3.13 0.42 -5.68
N TRP A 28 -2.73 1.21 -4.69
CA TRP A 28 -1.40 1.81 -4.68
C TRP A 28 -0.32 0.73 -4.78
N LEU A 29 -0.51 -0.38 -4.07
CA LEU A 29 0.44 -1.48 -4.09
C LEU A 29 0.36 -2.25 -5.40
N GLU A 30 -0.82 -2.24 -6.02
CA GLU A 30 -1.02 -2.94 -7.27
C GLU A 30 -0.43 -2.15 -8.44
N GLN A 31 0.27 -1.08 -8.12
CA GLN A 31 0.89 -0.24 -9.14
C GLN A 31 2.41 -0.38 -9.10
N LEU A 32 2.95 -0.71 -7.94
CA LEU A 32 4.39 -0.88 -7.78
C LEU A 32 4.91 -2.05 -8.61
N GLY A 33 4.04 -3.04 -8.83
CA GLY A 33 4.43 -4.19 -9.61
C GLY A 33 3.32 -5.23 -9.71
N PRO A 34 3.46 -6.16 -10.66
CA PRO A 34 2.48 -7.23 -10.87
C PRO A 34 2.46 -8.24 -9.73
N TRP A 35 3.56 -8.32 -9.00
CA TRP A 35 3.67 -9.25 -7.88
C TRP A 35 2.74 -8.84 -6.75
N ALA A 36 2.27 -7.60 -6.78
CA ALA A 36 1.38 -7.09 -5.75
C ALA A 36 0.11 -7.94 -5.66
N SER A 37 -0.32 -8.48 -6.78
CA SER A 37 -1.52 -9.30 -6.83
C SER A 37 -1.32 -10.59 -6.03
N LEU A 38 -0.08 -10.86 -5.66
CA LEU A 38 0.25 -12.06 -4.88
C LEU A 38 0.09 -11.80 -3.38
N TYR A 39 -0.04 -10.53 -3.03
CA TYR A 39 -0.21 -10.14 -1.63
C TYR A 39 -1.54 -9.45 -1.41
N ARG A 40 -2.14 -8.96 -2.48
CA ARG A 40 -3.42 -8.26 -2.41
C ARG A 40 -4.41 -9.07 -1.57
N ASP A 41 -4.49 -10.36 -1.84
CA ASP A 41 -5.40 -11.24 -1.11
C ASP A 41 -5.28 -11.01 0.40
N ARG A 42 -4.05 -10.88 0.87
CA ARG A 42 -3.80 -10.66 2.30
C ARG A 42 -4.27 -9.28 2.72
N PHE A 43 -4.06 -8.29 1.84
CA PHE A 43 -4.46 -6.92 2.14
C PHE A 43 -5.97 -6.82 2.33
N LEU A 44 -6.72 -7.47 1.45
CA LEU A 44 -8.17 -7.46 1.52
C LEU A 44 -8.68 -8.33 2.67
N SER A 45 -8.26 -9.60 2.67
CA SER A 45 -8.66 -10.54 3.71
C SER A 45 -8.41 -9.95 5.09
N GLU A 46 -7.20 -9.48 5.32
CA GLU A 46 -6.83 -8.90 6.61
C GLU A 46 -7.32 -7.46 6.71
N ARG A 47 -8.18 -7.06 5.78
CA ARG A 47 -8.73 -5.71 5.76
C ARG A 47 -7.63 -4.68 6.02
N VAL A 48 -6.43 -4.96 5.52
CA VAL A 48 -5.30 -4.06 5.70
C VAL A 48 -5.58 -2.69 5.10
N ASN A 49 -5.91 -1.73 5.96
CA ASN A 49 -6.21 -0.37 5.51
C ASN A 49 -4.97 0.50 5.57
N GLY A 50 -5.02 1.64 4.88
CA GLY A 50 -3.88 2.55 4.86
C GLY A 50 -3.22 2.68 6.22
N ARG A 51 -3.97 3.19 7.20
CA ARG A 51 -3.45 3.37 8.55
C ARG A 51 -2.52 2.22 8.93
N LEU A 52 -3.01 1.00 8.77
CA LEU A 52 -2.24 -0.19 9.09
C LEU A 52 -1.04 -0.33 8.16
N LEU A 53 -1.24 -0.03 6.88
CA LEU A 53 -0.18 -0.11 5.89
C LEU A 53 1.02 0.73 6.29
N LEU A 54 0.74 1.90 6.88
CA LEU A 54 1.79 2.80 7.32
C LEU A 54 2.51 2.24 8.54
N THR A 55 1.74 1.85 9.54
CA THR A 55 2.30 1.30 10.78
C THR A 55 3.22 0.12 10.48
N LEU A 56 2.78 -0.76 9.60
CA LEU A 56 3.56 -1.94 9.23
C LEU A 56 5.02 -1.56 9.00
N THR A 57 5.92 -2.45 9.40
CA THR A 57 7.35 -2.21 9.23
C THR A 57 8.03 -3.41 8.56
N GLU A 58 9.27 -3.20 8.12
CA GLU A 58 10.02 -4.26 7.45
C GLU A 58 9.70 -5.62 8.07
N GLU A 59 9.70 -5.67 9.40
CA GLU A 59 9.41 -6.92 10.11
C GLU A 59 7.99 -7.40 9.80
N GLU A 60 7.01 -6.71 10.35
CA GLU A 60 5.61 -7.07 10.13
C GLU A 60 5.39 -7.60 8.72
N PHE A 61 5.95 -6.89 7.74
CA PHE A 61 5.82 -7.28 6.34
C PHE A 61 6.43 -8.65 6.10
N SER A 62 7.60 -8.89 6.70
CA SER A 62 8.30 -10.15 6.55
C SER A 62 7.70 -11.22 7.46
N ARG A 63 6.74 -10.81 8.29
CA ARG A 63 6.09 -11.73 9.22
C ARG A 63 4.74 -12.19 8.66
N ALA A 64 4.36 -13.41 9.00
CA ALA A 64 3.10 -13.98 8.53
C ALA A 64 1.92 -13.10 8.94
N PRO A 65 0.83 -13.16 8.16
CA PRO A 65 0.75 -14.04 6.98
C PRO A 65 1.66 -13.57 5.85
N TYR A 66 1.69 -12.26 5.64
CA TYR A 66 2.52 -11.67 4.58
C TYR A 66 3.83 -12.42 4.44
N THR A 67 4.47 -12.71 5.57
CA THR A 67 5.74 -13.43 5.58
C THR A 67 6.60 -13.03 4.38
N ILE A 68 6.44 -11.79 3.93
CA ILE A 68 7.21 -11.28 2.79
C ILE A 68 8.66 -11.75 2.86
N GLU A 69 9.02 -12.67 1.98
CA GLU A 69 10.38 -13.20 1.94
C GLU A 69 11.18 -12.54 0.82
N ASN A 70 10.47 -12.04 -0.19
CA ASN A 70 11.12 -11.39 -1.32
C ASN A 70 11.53 -9.97 -0.97
N SER A 71 12.72 -9.83 -0.37
CA SER A 71 13.23 -8.53 0.03
C SER A 71 12.81 -7.45 -0.97
N SER A 72 13.18 -7.66 -2.23
CA SER A 72 12.84 -6.71 -3.29
C SER A 72 11.48 -6.07 -3.04
N HIS A 73 10.50 -6.89 -2.69
CA HIS A 73 9.15 -6.40 -2.41
C HIS A 73 9.17 -5.39 -1.28
N ARG A 74 9.70 -5.78 -0.13
CA ARG A 74 9.77 -4.90 1.03
C ARG A 74 10.34 -3.54 0.65
N ARG A 75 11.41 -3.55 -0.13
CA ARG A 75 12.06 -2.32 -0.57
C ARG A 75 11.09 -1.47 -1.39
N VAL A 76 10.37 -2.10 -2.30
CA VAL A 76 9.41 -1.41 -3.14
C VAL A 76 8.29 -0.79 -2.31
N ILE A 77 7.65 -1.63 -1.49
CA ILE A 77 6.57 -1.17 -0.64
C ILE A 77 7.02 -0.05 0.28
N LEU A 78 8.02 -0.32 1.10
CA LEU A 78 8.55 0.66 2.03
C LEU A 78 8.96 1.94 1.30
N THR A 79 9.85 1.79 0.32
CA THR A 79 10.33 2.93 -0.45
C THR A 79 9.16 3.73 -1.02
N GLU A 80 8.27 3.05 -1.74
CA GLU A 80 7.12 3.70 -2.34
C GLU A 80 6.28 4.40 -1.27
N LEU A 81 6.07 3.73 -0.15
CA LEU A 81 5.29 4.29 0.95
C LEU A 81 5.91 5.59 1.46
N GLU A 82 7.24 5.59 1.59
CA GLU A 82 7.95 6.76 2.06
C GLU A 82 7.63 7.98 1.19
N ARG A 83 7.18 7.73 -0.03
CA ARG A 83 6.84 8.80 -0.95
C ARG A 83 5.40 9.26 -0.75
N VAL A 84 4.46 8.38 -1.07
CA VAL A 84 3.04 8.69 -0.92
C VAL A 84 2.76 9.32 0.44
N ARG A 85 3.54 8.94 1.44
CA ARG A 85 3.37 9.46 2.79
C ARG A 85 3.99 10.85 2.91
N SER A 86 5.15 11.04 2.29
CA SER A 86 5.85 12.32 2.33
C SER A 86 5.22 13.31 1.36
N GLY A 87 5.03 14.54 1.83
CA GLY A 87 4.43 15.57 0.99
C GLY A 87 3.06 15.98 1.47
N PRO A 88 3.00 16.63 2.64
CA PRO A 88 1.73 17.08 3.23
C PRO A 88 1.11 18.23 2.45
N SER A 89 1.94 19.17 2.02
CA SER A 89 1.47 20.32 1.26
C SER A 89 2.01 20.29 -0.16
N SER A 90 1.16 20.67 -1.12
CA SER A 90 1.55 20.68 -2.53
C SER A 90 1.58 22.11 -3.07
N GLY A 91 2.57 22.40 -3.90
CA GLY A 91 2.69 23.72 -4.48
C GLY A 91 2.74 23.69 -6.00
N GLY A 1 -14.89 -8.50 -16.95
CA GLY A 1 -16.01 -7.65 -16.58
C GLY A 1 -16.30 -7.70 -15.09
N SER A 2 -16.35 -6.52 -14.47
CA SER A 2 -16.61 -6.42 -13.04
C SER A 2 -17.10 -5.03 -12.66
N SER A 3 -18.00 -4.97 -11.68
CA SER A 3 -18.55 -3.69 -11.23
C SER A 3 -17.46 -2.81 -10.62
N GLY A 4 -16.92 -1.91 -11.42
CA GLY A 4 -15.88 -1.02 -10.95
C GLY A 4 -15.97 0.37 -11.55
N SER A 5 -15.01 0.70 -12.40
CA SER A 5 -14.98 2.01 -13.05
C SER A 5 -15.00 3.13 -12.01
N SER A 6 -14.22 2.96 -10.95
CA SER A 6 -14.16 3.94 -9.88
C SER A 6 -12.74 4.03 -9.32
N GLY A 7 -12.20 5.25 -9.26
CA GLY A 7 -10.87 5.45 -8.75
C GLY A 7 -9.86 5.77 -9.84
N GLU A 8 -8.92 6.66 -9.53
CA GLU A 8 -7.91 7.05 -10.50
C GLU A 8 -6.50 6.77 -9.96
N HIS A 9 -5.50 7.01 -10.78
CA HIS A 9 -4.11 6.79 -10.40
C HIS A 9 -3.32 8.09 -10.41
N GLY A 10 -3.07 8.65 -9.23
CA GLY A 10 -2.33 9.89 -9.13
C GLY A 10 -2.72 10.70 -7.91
N LEU A 11 -4.00 10.68 -7.58
CA LEU A 11 -4.50 11.42 -6.42
C LEU A 11 -4.10 10.73 -5.12
N LEU A 12 -3.49 9.56 -5.24
CA LEU A 12 -3.05 8.80 -4.07
C LEU A 12 -2.10 9.63 -3.21
N VAL A 13 -1.15 10.29 -3.86
CA VAL A 13 -0.17 11.11 -3.15
C VAL A 13 -0.82 12.37 -2.59
N HIS A 14 -2.01 12.70 -3.10
CA HIS A 14 -2.73 13.89 -2.65
C HIS A 14 -3.49 13.59 -1.37
N LYS A 15 -4.08 12.40 -1.28
CA LYS A 15 -4.84 12.00 -0.10
C LYS A 15 -3.97 11.20 0.86
N ALA A 16 -3.92 11.63 2.12
CA ALA A 16 -3.13 10.96 3.14
C ALA A 16 -3.29 9.44 3.03
N VAL A 17 -2.19 8.72 3.21
CA VAL A 17 -2.20 7.26 3.15
C VAL A 17 -2.91 6.67 4.36
N ASP A 18 -2.78 7.34 5.50
CA ASP A 18 -3.41 6.86 6.73
C ASP A 18 -4.92 7.03 6.67
N LYS A 19 -5.41 7.55 5.55
CA LYS A 19 -6.84 7.76 5.35
C LYS A 19 -7.38 6.86 4.25
N TRP A 20 -6.48 6.12 3.60
CA TRP A 20 -6.87 5.21 2.53
C TRP A 20 -7.77 4.10 3.05
N THR A 21 -8.30 3.30 2.13
CA THR A 21 -9.19 2.20 2.50
C THR A 21 -8.67 0.87 1.96
N THR A 22 -9.07 -0.22 2.60
CA THR A 22 -8.63 -1.55 2.18
C THR A 22 -8.63 -1.67 0.66
N GLU A 23 -9.45 -0.87 0.00
CA GLU A 23 -9.54 -0.88 -1.45
C GLU A 23 -8.38 -0.11 -2.07
N GLU A 24 -8.21 1.13 -1.62
CA GLU A 24 -7.13 1.98 -2.13
C GLU A 24 -5.76 1.38 -1.80
N VAL A 25 -5.63 0.84 -0.59
CA VAL A 25 -4.38 0.24 -0.17
C VAL A 25 -3.85 -0.75 -1.21
N VAL A 26 -4.71 -1.65 -1.65
CA VAL A 26 -4.34 -2.65 -2.64
C VAL A 26 -4.11 -2.00 -4.01
N LEU A 27 -4.85 -0.93 -4.29
CA LEU A 27 -4.72 -0.22 -5.56
C LEU A 27 -3.33 0.36 -5.71
N TRP A 28 -2.89 1.10 -4.70
CA TRP A 28 -1.56 1.72 -4.73
C TRP A 28 -0.48 0.66 -4.91
N LEU A 29 -0.62 -0.45 -4.20
CA LEU A 29 0.35 -1.55 -4.29
C LEU A 29 0.22 -2.28 -5.61
N GLU A 30 -0.96 -2.24 -6.20
CA GLU A 30 -1.21 -2.91 -7.47
C GLU A 30 -0.63 -2.10 -8.63
N GLN A 31 0.11 -1.05 -8.30
CA GLN A 31 0.73 -0.20 -9.31
C GLN A 31 2.25 -0.37 -9.33
N LEU A 32 2.80 -0.69 -8.17
CA LEU A 32 4.25 -0.87 -8.04
C LEU A 32 4.73 -2.02 -8.94
N GLY A 33 3.83 -2.96 -9.21
CA GLY A 33 4.17 -4.09 -10.06
C GLY A 33 3.05 -5.11 -10.14
N PRO A 34 3.15 -6.00 -11.14
CA PRO A 34 2.14 -7.05 -11.36
C PRO A 34 2.16 -8.12 -10.27
N TRP A 35 3.29 -8.21 -9.58
CA TRP A 35 3.45 -9.19 -8.50
C TRP A 35 2.61 -8.81 -7.29
N ALA A 36 2.15 -7.56 -7.26
CA ALA A 36 1.34 -7.06 -6.16
C ALA A 36 0.07 -7.89 -6.00
N SER A 37 -0.39 -8.49 -7.10
CA SER A 37 -1.60 -9.30 -7.07
C SER A 37 -1.36 -10.60 -6.32
N LEU A 38 -0.09 -10.89 -6.03
CA LEU A 38 0.27 -12.11 -5.30
C LEU A 38 0.21 -11.89 -3.80
N TYR A 39 0.07 -10.63 -3.40
CA TYR A 39 0.01 -10.28 -1.99
C TYR A 39 -1.33 -9.64 -1.65
N ARG A 40 -1.94 -8.99 -2.64
CA ARG A 40 -3.22 -8.33 -2.45
C ARG A 40 -4.13 -9.14 -1.52
N ASP A 41 -4.22 -10.44 -1.79
CA ASP A 41 -5.04 -11.32 -0.98
C ASP A 41 -4.80 -11.09 0.51
N ARG A 42 -3.54 -10.98 0.88
CA ARG A 42 -3.17 -10.75 2.28
C ARG A 42 -3.63 -9.37 2.75
N PHE A 43 -3.73 -8.43 1.81
CA PHE A 43 -4.16 -7.08 2.13
C PHE A 43 -5.66 -7.03 2.38
N LEU A 44 -6.43 -7.69 1.52
CA LEU A 44 -7.87 -7.73 1.65
C LEU A 44 -8.30 -8.59 2.82
N SER A 45 -7.83 -9.84 2.83
CA SER A 45 -8.15 -10.77 3.90
C SER A 45 -7.90 -10.15 5.27
N GLU A 46 -6.72 -9.58 5.43
CA GLU A 46 -6.34 -8.94 6.69
C GLU A 46 -6.88 -7.52 6.77
N ARG A 47 -7.73 -7.16 5.82
CA ARG A 47 -8.32 -5.83 5.76
C ARG A 47 -7.27 -4.76 6.08
N VAL A 48 -6.06 -4.97 5.57
CA VAL A 48 -4.97 -4.02 5.79
C VAL A 48 -5.28 -2.67 5.18
N ASN A 49 -5.79 -1.74 6.00
CA ASN A 49 -6.13 -0.41 5.54
C ASN A 49 -4.91 0.52 5.57
N GLY A 50 -5.03 1.68 4.96
CA GLY A 50 -3.94 2.63 4.93
C GLY A 50 -3.32 2.83 6.31
N ARG A 51 -4.14 3.25 7.26
CA ARG A 51 -3.67 3.49 8.62
C ARG A 51 -2.74 2.35 9.08
N LEU A 52 -3.12 1.13 8.77
CA LEU A 52 -2.34 -0.04 9.16
C LEU A 52 -1.07 -0.14 8.30
N LEU A 53 -1.22 0.14 7.01
CA LEU A 53 -0.09 0.07 6.08
C LEU A 53 1.07 0.93 6.58
N LEU A 54 0.76 2.11 7.10
CA LEU A 54 1.77 3.01 7.62
C LEU A 54 2.43 2.44 8.86
N THR A 55 1.62 1.99 9.81
CA THR A 55 2.12 1.41 11.05
C THR A 55 3.01 0.20 10.77
N LEU A 56 2.84 -0.40 9.59
CA LEU A 56 3.63 -1.56 9.21
C LEU A 56 5.06 -1.15 8.88
N THR A 57 6.03 -1.91 9.41
CA THR A 57 7.44 -1.63 9.17
C THR A 57 8.07 -2.71 8.31
N GLU A 58 9.29 -2.45 7.85
CA GLU A 58 10.01 -3.40 7.00
C GLU A 58 10.05 -4.78 7.67
N GLU A 59 9.77 -4.82 8.96
CA GLU A 59 9.77 -6.07 9.70
C GLU A 59 8.40 -6.73 9.68
N GLU A 60 7.39 -6.00 10.17
CA GLU A 60 6.02 -6.51 10.20
C GLU A 60 5.64 -7.15 8.87
N PHE A 61 6.04 -6.50 7.77
CA PHE A 61 5.74 -7.00 6.44
C PHE A 61 6.35 -8.39 6.23
N SER A 62 7.49 -8.63 6.86
CA SER A 62 8.18 -9.91 6.75
C SER A 62 7.65 -10.91 7.78
N ARG A 63 6.50 -10.59 8.37
CA ARG A 63 5.90 -11.45 9.38
C ARG A 63 4.57 -12.01 8.87
N ALA A 64 4.23 -13.21 9.32
CA ALA A 64 2.99 -13.86 8.92
C ALA A 64 1.78 -13.00 9.31
N PRO A 65 0.69 -13.15 8.55
CA PRO A 65 0.63 -14.07 7.40
C PRO A 65 1.50 -13.60 6.24
N TYR A 66 1.64 -12.28 6.10
CA TYR A 66 2.44 -11.71 5.03
C TYR A 66 3.69 -12.52 4.78
N THR A 67 4.36 -12.90 5.87
CA THR A 67 5.59 -13.69 5.78
C THR A 67 6.37 -13.34 4.52
N ILE A 68 6.35 -12.06 4.16
CA ILE A 68 7.07 -11.59 2.97
C ILE A 68 8.49 -12.13 2.94
N GLU A 69 8.68 -13.28 2.30
CA GLU A 69 10.00 -13.89 2.20
C GLU A 69 10.78 -13.32 1.02
N ASN A 70 10.39 -12.13 0.58
CA ASN A 70 11.04 -11.48 -0.55
C ASN A 70 11.35 -10.03 -0.23
N SER A 71 12.62 -9.74 0.04
CA SER A 71 13.06 -8.38 0.37
C SER A 71 12.61 -7.40 -0.70
N SER A 72 13.07 -7.62 -1.93
CA SER A 72 12.71 -6.75 -3.05
C SER A 72 11.28 -6.25 -2.92
N HIS A 73 10.38 -7.16 -2.55
CA HIS A 73 8.97 -6.81 -2.39
C HIS A 73 8.79 -5.75 -1.30
N ARG A 74 9.47 -5.94 -0.18
CA ARG A 74 9.38 -5.01 0.94
C ARG A 74 9.92 -3.64 0.54
N ARG A 75 11.06 -3.64 -0.14
CA ARG A 75 11.69 -2.39 -0.58
C ARG A 75 10.71 -1.56 -1.41
N VAL A 76 10.04 -2.21 -2.36
CA VAL A 76 9.08 -1.52 -3.21
C VAL A 76 7.96 -0.89 -2.40
N ILE A 77 7.41 -1.66 -1.47
CA ILE A 77 6.33 -1.18 -0.61
C ILE A 77 6.82 -0.05 0.31
N LEU A 78 7.78 -0.39 1.16
CA LEU A 78 8.34 0.59 2.10
C LEU A 78 8.79 1.84 1.36
N THR A 79 9.74 1.67 0.45
CA THR A 79 10.27 2.79 -0.32
C THR A 79 9.14 3.67 -0.84
N GLU A 80 8.27 3.09 -1.68
CA GLU A 80 7.15 3.83 -2.25
C GLU A 80 6.31 4.49 -1.15
N LEU A 81 6.14 3.77 -0.05
CA LEU A 81 5.36 4.28 1.08
C LEU A 81 6.04 5.50 1.70
N GLU A 82 7.36 5.48 1.73
CA GLU A 82 8.13 6.59 2.28
C GLU A 82 7.92 7.87 1.48
N ARG A 83 7.63 7.72 0.19
CA ARG A 83 7.41 8.85 -0.68
C ARG A 83 5.97 9.36 -0.55
N VAL A 84 5.01 8.47 -0.77
CA VAL A 84 3.59 8.83 -0.67
C VAL A 84 3.29 9.50 0.66
N ARG A 85 3.94 9.02 1.72
CA ARG A 85 3.74 9.57 3.06
C ARG A 85 4.64 10.78 3.29
N SER A 86 4.61 11.31 4.51
CA SER A 86 5.42 12.46 4.87
C SER A 86 6.91 12.12 4.80
N GLY A 87 7.57 12.58 3.74
CA GLY A 87 8.99 12.32 3.58
C GLY A 87 9.42 12.36 2.13
N PRO A 88 9.44 13.57 1.55
CA PRO A 88 9.84 13.78 0.15
C PRO A 88 11.33 13.53 -0.06
N SER A 89 11.66 12.39 -0.66
CA SER A 89 13.05 12.05 -0.93
C SER A 89 13.95 12.45 0.24
N SER A 90 13.46 12.20 1.45
CA SER A 90 14.21 12.53 2.66
C SER A 90 14.18 11.39 3.66
N GLY A 91 15.18 11.33 4.52
CA GLY A 91 15.26 10.28 5.52
C GLY A 91 14.03 10.26 6.42
N GLY A 1 -13.63 18.54 -3.50
CA GLY A 1 -14.14 18.24 -4.83
C GLY A 1 -14.53 16.78 -4.99
N SER A 2 -15.38 16.30 -4.09
CA SER A 2 -15.82 14.90 -4.13
C SER A 2 -16.42 14.57 -5.50
N SER A 3 -15.99 13.44 -6.06
CA SER A 3 -16.48 13.00 -7.37
C SER A 3 -16.28 11.50 -7.54
N GLY A 4 -16.93 10.95 -8.57
CA GLY A 4 -16.81 9.52 -8.83
C GLY A 4 -17.50 8.68 -7.78
N SER A 5 -17.39 7.36 -7.92
CA SER A 5 -18.02 6.44 -6.98
C SER A 5 -17.00 5.46 -6.41
N SER A 6 -16.17 4.90 -7.29
CA SER A 6 -15.15 3.94 -6.88
C SER A 6 -14.08 3.80 -7.96
N GLY A 7 -12.83 3.69 -7.53
CA GLY A 7 -11.73 3.56 -8.47
C GLY A 7 -11.06 4.88 -8.77
N GLU A 8 -9.77 4.98 -8.45
CA GLU A 8 -9.02 6.20 -8.69
C GLU A 8 -7.52 5.95 -8.54
N HIS A 9 -6.76 6.31 -9.57
CA HIS A 9 -5.31 6.11 -9.57
C HIS A 9 -4.60 7.43 -9.90
N GLY A 10 -4.04 8.06 -8.88
CA GLY A 10 -3.34 9.31 -9.09
C GLY A 10 -3.47 10.25 -7.90
N LEU A 11 -4.59 10.17 -7.20
CA LEU A 11 -4.84 11.02 -6.04
C LEU A 11 -4.26 10.39 -4.77
N LEU A 12 -3.61 9.24 -4.93
CA LEU A 12 -3.01 8.55 -3.79
C LEU A 12 -1.91 9.39 -3.15
N VAL A 13 -0.88 9.69 -3.93
CA VAL A 13 0.23 10.49 -3.43
C VAL A 13 -0.27 11.74 -2.71
N HIS A 14 -1.39 12.27 -3.17
CA HIS A 14 -1.98 13.46 -2.56
C HIS A 14 -2.71 13.11 -1.27
N LYS A 15 -3.79 12.33 -1.39
CA LYS A 15 -4.56 11.93 -0.24
C LYS A 15 -3.72 11.13 0.75
N ALA A 16 -3.65 11.60 1.98
CA ALA A 16 -2.86 10.93 3.03
C ALA A 16 -3.11 9.42 2.99
N VAL A 17 -2.03 8.65 3.19
CA VAL A 17 -2.13 7.20 3.18
C VAL A 17 -2.88 6.69 4.42
N ASP A 18 -2.73 7.41 5.52
CA ASP A 18 -3.39 7.04 6.77
C ASP A 18 -4.91 7.17 6.63
N LYS A 19 -5.36 7.66 5.49
CA LYS A 19 -6.79 7.84 5.24
C LYS A 19 -7.26 6.89 4.13
N TRP A 20 -6.34 6.12 3.57
CA TRP A 20 -6.67 5.17 2.52
C TRP A 20 -7.58 4.08 3.04
N THR A 21 -8.22 3.36 2.11
CA THR A 21 -9.14 2.29 2.48
C THR A 21 -8.67 0.95 1.91
N THR A 22 -9.06 -0.15 2.56
CA THR A 22 -8.67 -1.47 2.11
C THR A 22 -8.66 -1.57 0.60
N GLU A 23 -9.49 -0.75 -0.06
CA GLU A 23 -9.56 -0.74 -1.51
C GLU A 23 -8.38 0.01 -2.10
N GLU A 24 -8.20 1.25 -1.68
CA GLU A 24 -7.10 2.07 -2.17
C GLU A 24 -5.75 1.44 -1.84
N VAL A 25 -5.63 0.91 -0.63
CA VAL A 25 -4.39 0.28 -0.19
C VAL A 25 -3.88 -0.70 -1.24
N VAL A 26 -4.74 -1.60 -1.68
CA VAL A 26 -4.37 -2.59 -2.68
C VAL A 26 -4.12 -1.94 -4.03
N LEU A 27 -4.87 -0.89 -4.32
CA LEU A 27 -4.73 -0.17 -5.59
C LEU A 27 -3.31 0.40 -5.73
N TRP A 28 -2.90 1.17 -4.74
CA TRP A 28 -1.57 1.79 -4.75
C TRP A 28 -0.48 0.72 -4.92
N LEU A 29 -0.65 -0.39 -4.20
CA LEU A 29 0.32 -1.49 -4.27
C LEU A 29 0.20 -2.23 -5.60
N GLU A 30 -0.99 -2.18 -6.20
CA GLU A 30 -1.23 -2.85 -7.48
C GLU A 30 -0.64 -2.05 -8.64
N GLN A 31 0.12 -1.01 -8.30
CA GLN A 31 0.74 -0.17 -9.31
C GLN A 31 2.26 -0.33 -9.31
N LEU A 32 2.81 -0.63 -8.14
CA LEU A 32 4.25 -0.82 -8.01
C LEU A 32 4.74 -1.97 -8.89
N GLY A 33 3.86 -2.94 -9.12
CA GLY A 33 4.23 -4.07 -9.95
C GLY A 33 3.11 -5.10 -10.04
N PRO A 34 3.22 -6.02 -11.00
CA PRO A 34 2.23 -7.07 -11.22
C PRO A 34 2.24 -8.11 -10.10
N TRP A 35 3.37 -8.25 -9.44
CA TRP A 35 3.51 -9.20 -8.34
C TRP A 35 2.63 -8.82 -7.16
N ALA A 36 2.20 -7.56 -7.14
CA ALA A 36 1.34 -7.05 -6.07
C ALA A 36 0.12 -7.95 -5.88
N SER A 37 -0.44 -8.42 -6.99
CA SER A 37 -1.62 -9.28 -6.93
C SER A 37 -1.33 -10.55 -6.14
N LEU A 38 -0.05 -10.78 -5.85
CA LEU A 38 0.36 -11.96 -5.09
C LEU A 38 0.23 -11.72 -3.59
N TYR A 39 0.16 -10.45 -3.20
CA TYR A 39 0.03 -10.08 -1.80
C TYR A 39 -1.32 -9.43 -1.53
N ARG A 40 -1.85 -8.73 -2.52
CA ARG A 40 -3.14 -8.06 -2.38
C ARG A 40 -4.11 -8.92 -1.58
N ASP A 41 -4.18 -10.20 -1.93
CA ASP A 41 -5.07 -11.13 -1.24
C ASP A 41 -4.96 -10.97 0.28
N ARG A 42 -3.73 -10.87 0.77
CA ARG A 42 -3.47 -10.71 2.19
C ARG A 42 -3.98 -9.36 2.69
N PHE A 43 -3.81 -8.34 1.85
CA PHE A 43 -4.25 -6.98 2.21
C PHE A 43 -5.76 -6.94 2.43
N LEU A 44 -6.50 -7.58 1.53
CA LEU A 44 -7.95 -7.61 1.61
C LEU A 44 -8.41 -8.48 2.78
N SER A 45 -7.97 -9.73 2.79
CA SER A 45 -8.34 -10.67 3.85
C SER A 45 -8.06 -10.07 5.22
N GLU A 46 -6.89 -9.45 5.36
CA GLU A 46 -6.49 -8.83 6.62
C GLU A 46 -6.99 -7.39 6.70
N ARG A 47 -7.93 -7.05 5.83
CA ARG A 47 -8.48 -5.70 5.79
C ARG A 47 -7.41 -4.66 6.15
N VAL A 48 -6.21 -4.86 5.62
CA VAL A 48 -5.10 -3.94 5.88
C VAL A 48 -5.37 -2.57 5.27
N ASN A 49 -5.90 -1.67 6.08
CA ASN A 49 -6.20 -0.32 5.63
C ASN A 49 -4.96 0.56 5.66
N GLY A 50 -5.05 1.74 5.05
CA GLY A 50 -3.93 2.66 5.00
C GLY A 50 -3.32 2.88 6.37
N ARG A 51 -4.15 3.34 7.31
CA ARG A 51 -3.69 3.60 8.68
C ARG A 51 -2.89 2.42 9.22
N LEU A 52 -3.29 1.21 8.83
CA LEU A 52 -2.61 0.01 9.29
C LEU A 52 -1.35 -0.25 8.47
N LEU A 53 -1.41 0.08 7.17
CA LEU A 53 -0.27 -0.11 6.28
C LEU A 53 0.93 0.73 6.73
N LEU A 54 0.66 1.97 7.14
CA LEU A 54 1.71 2.87 7.60
C LEU A 54 2.40 2.30 8.84
N THR A 55 1.61 1.83 9.78
CA THR A 55 2.15 1.26 11.02
C THR A 55 3.10 0.11 10.73
N LEU A 56 2.71 -0.75 9.79
CA LEU A 56 3.53 -1.90 9.41
C LEU A 56 4.93 -1.45 8.99
N THR A 57 5.94 -2.22 9.37
CA THR A 57 7.31 -1.91 9.03
C THR A 57 7.97 -3.07 8.29
N GLU A 58 9.27 -2.94 8.02
CA GLU A 58 10.02 -3.97 7.31
C GLU A 58 10.00 -5.28 8.09
N GLU A 59 9.68 -5.19 9.38
CA GLU A 59 9.63 -6.38 10.23
C GLU A 59 8.30 -7.10 10.09
N GLU A 60 7.20 -6.37 10.32
CA GLU A 60 5.86 -6.94 10.20
C GLU A 60 5.69 -7.68 8.88
N PHE A 61 6.01 -7.00 7.79
CA PHE A 61 5.89 -7.58 6.46
C PHE A 61 6.74 -8.84 6.34
N SER A 62 7.82 -8.90 7.11
CA SER A 62 8.72 -10.04 7.10
C SER A 62 8.14 -11.20 7.90
N ARG A 63 7.38 -10.87 8.93
CA ARG A 63 6.76 -11.89 9.78
C ARG A 63 5.34 -12.19 9.32
N ALA A 64 4.80 -13.31 9.80
CA ALA A 64 3.45 -13.71 9.44
C ALA A 64 2.42 -12.67 9.88
N PRO A 65 1.21 -12.74 9.29
CA PRO A 65 0.87 -13.75 8.28
C PRO A 65 1.62 -13.51 6.97
N TYR A 66 1.64 -12.26 6.52
CA TYR A 66 2.30 -11.91 5.27
C TYR A 66 3.64 -12.65 5.13
N THR A 67 4.43 -12.61 6.19
CA THR A 67 5.73 -13.27 6.19
C THR A 67 6.48 -13.01 4.88
N ILE A 68 6.22 -11.86 4.28
CA ILE A 68 6.87 -11.49 3.03
C ILE A 68 8.30 -12.02 2.98
N GLU A 69 8.47 -13.19 2.38
CA GLU A 69 9.79 -13.81 2.26
C GLU A 69 10.52 -13.29 1.02
N ASN A 70 10.44 -11.98 0.79
CA ASN A 70 11.09 -11.36 -0.35
C ASN A 70 11.39 -9.89 -0.08
N SER A 71 12.66 -9.58 0.15
CA SER A 71 13.07 -8.21 0.42
C SER A 71 12.68 -7.29 -0.73
N SER A 72 13.11 -7.63 -1.94
CA SER A 72 12.80 -6.83 -3.12
C SER A 72 11.40 -6.21 -3.00
N HIS A 73 10.42 -7.06 -2.71
CA HIS A 73 9.04 -6.59 -2.57
C HIS A 73 8.92 -5.57 -1.46
N ARG A 74 9.51 -5.87 -0.30
CA ARG A 74 9.46 -4.97 0.85
C ARG A 74 10.04 -3.60 0.49
N ARG A 75 11.16 -3.61 -0.24
CA ARG A 75 11.82 -2.37 -0.63
C ARG A 75 10.87 -1.50 -1.47
N VAL A 76 10.08 -2.15 -2.33
CA VAL A 76 9.14 -1.43 -3.16
C VAL A 76 8.02 -0.79 -2.33
N ILE A 77 7.39 -1.60 -1.49
CA ILE A 77 6.32 -1.11 -0.63
C ILE A 77 6.81 0.01 0.28
N LEU A 78 7.78 -0.29 1.12
CA LEU A 78 8.33 0.69 2.04
C LEU A 78 8.78 1.94 1.29
N THR A 79 9.74 1.78 0.40
CA THR A 79 10.26 2.89 -0.39
C THR A 79 9.13 3.78 -0.89
N GLU A 80 8.26 3.21 -1.71
CA GLU A 80 7.13 3.95 -2.28
C GLU A 80 6.30 4.58 -1.16
N LEU A 81 6.08 3.82 -0.09
CA LEU A 81 5.31 4.30 1.04
C LEU A 81 5.90 5.58 1.61
N GLU A 82 7.22 5.70 1.53
CA GLU A 82 7.92 6.87 2.05
C GLU A 82 7.64 8.10 1.18
N ARG A 83 7.31 7.85 -0.08
CA ARG A 83 7.02 8.93 -1.02
C ARG A 83 5.59 9.44 -0.82
N VAL A 84 4.62 8.54 -0.91
CA VAL A 84 3.23 8.91 -0.74
C VAL A 84 3.00 9.61 0.59
N ARG A 85 3.64 9.09 1.64
CA ARG A 85 3.50 9.66 2.97
C ARG A 85 4.25 10.99 3.07
N SER A 86 5.46 11.03 2.51
CA SER A 86 6.28 12.24 2.54
C SER A 86 6.47 12.80 1.13
N GLY A 87 5.98 14.01 0.91
CA GLY A 87 6.10 14.64 -0.38
C GLY A 87 6.08 16.15 -0.30
N PRO A 88 4.91 16.72 0.01
CA PRO A 88 4.72 18.17 0.13
C PRO A 88 5.44 18.74 1.35
N SER A 89 5.94 17.86 2.20
CA SER A 89 6.64 18.28 3.41
C SER A 89 7.88 19.10 3.06
N SER A 90 8.53 19.64 4.08
CA SER A 90 9.74 20.44 3.89
C SER A 90 10.99 19.64 4.20
N GLY A 91 12.14 20.14 3.77
CA GLY A 91 13.40 19.45 4.01
C GLY A 91 13.76 19.43 5.49
N GLY A 1 -18.24 -5.42 -10.05
CA GLY A 1 -17.21 -4.54 -10.57
C GLY A 1 -17.63 -3.08 -10.56
N SER A 2 -18.81 -2.80 -11.11
CA SER A 2 -19.33 -1.44 -11.17
C SER A 2 -19.33 -0.81 -9.78
N SER A 3 -18.97 0.48 -9.72
CA SER A 3 -18.92 1.20 -8.46
C SER A 3 -19.03 2.71 -8.70
N GLY A 4 -19.17 3.46 -7.61
CA GLY A 4 -19.28 4.91 -7.72
C GLY A 4 -17.97 5.57 -8.09
N SER A 5 -17.03 5.60 -7.14
CA SER A 5 -15.72 6.21 -7.37
C SER A 5 -14.92 5.40 -8.37
N SER A 6 -14.15 6.08 -9.21
CA SER A 6 -13.32 5.43 -10.21
C SER A 6 -11.89 5.30 -9.74
N GLY A 7 -11.33 4.11 -9.86
CA GLY A 7 -9.96 3.87 -9.45
C GLY A 7 -8.96 4.65 -10.27
N GLU A 8 -8.63 5.86 -9.82
CA GLU A 8 -7.68 6.71 -10.52
C GLU A 8 -6.25 6.43 -10.07
N HIS A 9 -5.29 7.07 -10.72
CA HIS A 9 -3.88 6.88 -10.38
C HIS A 9 -3.15 8.22 -10.33
N GLY A 10 -3.09 8.81 -9.14
CA GLY A 10 -2.42 10.08 -8.97
C GLY A 10 -2.82 10.78 -7.69
N LEU A 11 -4.12 10.87 -7.44
CA LEU A 11 -4.63 11.52 -6.24
C LEU A 11 -4.19 10.77 -4.99
N LEU A 12 -3.59 9.60 -5.18
CA LEU A 12 -3.12 8.79 -4.07
C LEU A 12 -2.18 9.59 -3.17
N VAL A 13 -1.08 10.05 -3.73
CA VAL A 13 -0.10 10.84 -2.98
C VAL A 13 -0.76 12.04 -2.31
N HIS A 14 -1.70 12.65 -3.00
CA HIS A 14 -2.41 13.81 -2.48
C HIS A 14 -3.08 13.48 -1.14
N LYS A 15 -3.94 12.46 -1.15
CA LYS A 15 -4.64 12.05 0.05
C LYS A 15 -3.73 11.23 0.96
N ALA A 16 -3.66 11.62 2.23
CA ALA A 16 -2.83 10.93 3.20
C ALA A 16 -3.04 9.42 3.13
N VAL A 17 -1.95 8.67 3.26
CA VAL A 17 -2.03 7.21 3.21
C VAL A 17 -2.78 6.66 4.41
N ASP A 18 -2.68 7.35 5.54
CA ASP A 18 -3.36 6.93 6.76
C ASP A 18 -4.86 7.13 6.64
N LYS A 19 -5.31 7.62 5.49
CA LYS A 19 -6.72 7.85 5.24
C LYS A 19 -7.24 6.92 4.15
N TRP A 20 -6.35 6.12 3.60
CA TRP A 20 -6.72 5.17 2.54
C TRP A 20 -7.62 4.07 3.09
N THR A 21 -8.21 3.29 2.19
CA THR A 21 -9.10 2.20 2.58
C THR A 21 -8.61 0.87 2.04
N THR A 22 -9.17 -0.22 2.56
CA THR A 22 -8.78 -1.55 2.14
C THR A 22 -8.75 -1.66 0.61
N GLU A 23 -9.44 -0.74 -0.05
CA GLU A 23 -9.50 -0.73 -1.51
C GLU A 23 -8.33 0.06 -2.09
N GLU A 24 -8.20 1.30 -1.66
CA GLU A 24 -7.12 2.17 -2.14
C GLU A 24 -5.76 1.56 -1.82
N VAL A 25 -5.61 1.04 -0.61
CA VAL A 25 -4.37 0.43 -0.17
C VAL A 25 -3.86 -0.58 -1.21
N VAL A 26 -4.74 -1.50 -1.60
CA VAL A 26 -4.38 -2.53 -2.57
C VAL A 26 -4.16 -1.91 -3.95
N LEU A 27 -4.86 -0.82 -4.22
CA LEU A 27 -4.74 -0.13 -5.51
C LEU A 27 -3.34 0.45 -5.69
N TRP A 28 -2.91 1.24 -4.71
CA TRP A 28 -1.59 1.86 -4.76
C TRP A 28 -0.49 0.80 -4.89
N LEU A 29 -0.67 -0.31 -4.19
CA LEU A 29 0.30 -1.40 -4.23
C LEU A 29 0.19 -2.18 -5.54
N GLU A 30 -0.98 -2.15 -6.15
CA GLU A 30 -1.21 -2.85 -7.41
C GLU A 30 -0.65 -2.05 -8.59
N GLN A 31 0.14 -1.03 -8.28
CA GLN A 31 0.75 -0.19 -9.31
C GLN A 31 2.26 -0.30 -9.29
N LEU A 32 2.80 -0.69 -8.14
CA LEU A 32 4.25 -0.83 -7.99
C LEU A 32 4.78 -1.97 -8.84
N GLY A 33 3.90 -2.94 -9.14
CA GLY A 33 4.30 -4.07 -9.95
C GLY A 33 3.19 -5.11 -10.07
N PRO A 34 3.34 -6.02 -11.05
CA PRO A 34 2.36 -7.08 -11.29
C PRO A 34 2.37 -8.13 -10.18
N TRP A 35 3.47 -8.20 -9.45
CA TRP A 35 3.60 -9.16 -8.35
C TRP A 35 2.71 -8.77 -7.18
N ALA A 36 2.23 -7.53 -7.19
CA ALA A 36 1.37 -7.03 -6.13
C ALA A 36 0.13 -7.91 -5.96
N SER A 37 -0.41 -8.37 -7.07
CA SER A 37 -1.60 -9.22 -7.06
C SER A 37 -1.33 -10.51 -6.29
N LEU A 38 -0.05 -10.80 -6.05
CA LEU A 38 0.33 -12.01 -5.33
C LEU A 38 0.24 -11.78 -3.82
N TYR A 39 0.10 -10.53 -3.41
CA TYR A 39 0.00 -10.19 -2.00
C TYR A 39 -1.33 -9.52 -1.69
N ARG A 40 -1.88 -8.82 -2.69
CA ARG A 40 -3.15 -8.14 -2.52
C ARG A 40 -4.12 -8.96 -1.67
N ASP A 41 -4.19 -10.26 -1.98
CA ASP A 41 -5.08 -11.16 -1.24
C ASP A 41 -4.93 -10.95 0.27
N ARG A 42 -3.69 -10.92 0.74
CA ARG A 42 -3.42 -10.73 2.15
C ARG A 42 -3.95 -9.38 2.64
N PHE A 43 -3.77 -8.35 1.81
CA PHE A 43 -4.23 -7.01 2.16
C PHE A 43 -5.74 -7.00 2.38
N LEU A 44 -6.47 -7.57 1.44
CA LEU A 44 -7.93 -7.61 1.53
C LEU A 44 -8.37 -8.49 2.70
N SER A 45 -7.91 -9.75 2.69
CA SER A 45 -8.26 -10.69 3.74
C SER A 45 -7.97 -10.10 5.12
N GLU A 46 -6.78 -9.53 5.28
CA GLU A 46 -6.38 -8.92 6.54
C GLU A 46 -6.89 -7.49 6.65
N ARG A 47 -7.63 -7.06 5.64
CA ARG A 47 -8.17 -5.70 5.61
C ARG A 47 -7.12 -4.69 6.04
N VAL A 48 -5.92 -4.82 5.50
CA VAL A 48 -4.82 -3.92 5.84
C VAL A 48 -5.08 -2.52 5.28
N ASN A 49 -5.78 -1.70 6.05
CA ASN A 49 -6.09 -0.33 5.63
C ASN A 49 -4.85 0.56 5.72
N GLY A 50 -4.88 1.66 4.98
CA GLY A 50 -3.76 2.59 4.99
C GLY A 50 -3.17 2.77 6.37
N ARG A 51 -4.02 3.18 7.32
CA ARG A 51 -3.57 3.40 8.69
C ARG A 51 -2.67 2.26 9.16
N LEU A 52 -3.12 1.03 8.91
CA LEU A 52 -2.37 -0.15 9.32
C LEU A 52 -1.12 -0.33 8.45
N LEU A 53 -1.22 0.10 7.20
CA LEU A 53 -0.11 -0.01 6.26
C LEU A 53 1.09 0.80 6.74
N LEU A 54 0.83 2.02 7.21
CA LEU A 54 1.88 2.89 7.70
C LEU A 54 2.49 2.34 8.98
N THR A 55 1.63 1.93 9.91
CA THR A 55 2.08 1.38 11.18
C THR A 55 3.02 0.21 10.97
N LEU A 56 2.77 -0.59 9.94
CA LEU A 56 3.59 -1.75 9.63
C LEU A 56 5.05 -1.35 9.51
N THR A 57 5.95 -2.29 9.77
CA THR A 57 7.38 -2.05 9.70
C THR A 57 8.07 -3.07 8.80
N GLU A 58 9.32 -2.78 8.45
CA GLU A 58 10.09 -3.68 7.59
C GLU A 58 10.14 -5.09 8.18
N GLU A 59 9.89 -5.18 9.49
CA GLU A 59 9.91 -6.46 10.17
C GLU A 59 8.59 -7.21 9.98
N GLU A 60 7.51 -6.63 10.49
CA GLU A 60 6.19 -7.24 10.37
C GLU A 60 5.97 -7.79 8.96
N PHE A 61 6.33 -7.00 7.96
CA PHE A 61 6.17 -7.41 6.57
C PHE A 61 6.87 -8.73 6.31
N SER A 62 8.00 -8.94 6.97
CA SER A 62 8.77 -10.17 6.80
C SER A 62 8.14 -11.32 7.60
N ARG A 63 7.44 -10.96 8.67
CA ARG A 63 6.79 -11.96 9.52
C ARG A 63 5.45 -12.38 8.93
N ALA A 64 4.87 -13.45 9.48
CA ALA A 64 3.59 -13.95 9.01
C ALA A 64 2.45 -13.03 9.45
N PRO A 65 1.31 -13.13 8.75
CA PRO A 65 1.14 -14.07 7.63
C PRO A 65 1.96 -13.66 6.42
N TYR A 66 1.93 -12.37 6.09
CA TYR A 66 2.67 -11.85 4.95
C TYR A 66 3.96 -12.65 4.73
N THR A 67 4.63 -13.00 5.82
CA THR A 67 5.87 -13.76 5.75
C THR A 67 6.66 -13.40 4.49
N ILE A 68 6.58 -12.14 4.09
CA ILE A 68 7.29 -11.67 2.91
C ILE A 68 8.76 -12.06 2.95
N GLU A 69 9.09 -13.20 2.35
CA GLU A 69 10.46 -13.69 2.33
C GLU A 69 11.28 -12.95 1.28
N ASN A 70 10.59 -12.38 0.29
CA ASN A 70 11.25 -11.65 -0.78
C ASN A 70 11.46 -10.18 -0.40
N SER A 71 12.58 -9.90 0.25
CA SER A 71 12.89 -8.55 0.69
C SER A 71 12.50 -7.54 -0.38
N SER A 72 12.99 -7.75 -1.60
CA SER A 72 12.69 -6.85 -2.71
C SER A 72 11.28 -6.29 -2.60
N HIS A 73 10.34 -7.16 -2.24
CA HIS A 73 8.94 -6.75 -2.10
C HIS A 73 8.80 -5.66 -1.03
N ARG A 74 9.43 -5.87 0.12
CA ARG A 74 9.36 -4.92 1.21
C ARG A 74 9.97 -3.58 0.78
N ARG A 75 11.08 -3.63 0.06
CA ARG A 75 11.75 -2.43 -0.41
C ARG A 75 10.82 -1.59 -1.27
N VAL A 76 10.11 -2.25 -2.19
CA VAL A 76 9.18 -1.55 -3.08
C VAL A 76 8.06 -0.90 -2.29
N ILE A 77 7.44 -1.65 -1.40
CA ILE A 77 6.34 -1.13 -0.59
C ILE A 77 6.81 0.00 0.31
N LEU A 78 7.75 -0.29 1.20
CA LEU A 78 8.29 0.71 2.11
C LEU A 78 8.75 1.95 1.34
N THR A 79 9.62 1.74 0.36
CA THR A 79 10.14 2.83 -0.45
C THR A 79 9.00 3.64 -1.08
N GLU A 80 8.11 2.93 -1.78
CA GLU A 80 6.98 3.57 -2.43
C GLU A 80 6.13 4.33 -1.42
N LEU A 81 6.00 3.77 -0.22
CA LEU A 81 5.20 4.39 0.84
C LEU A 81 5.87 5.65 1.35
N GLU A 82 7.21 5.66 1.35
CA GLU A 82 7.96 6.81 1.82
C GLU A 82 7.71 8.02 0.93
N ARG A 83 7.28 7.77 -0.30
CA ARG A 83 7.00 8.84 -1.25
C ARG A 83 5.56 9.34 -1.09
N VAL A 84 4.61 8.43 -1.19
CA VAL A 84 3.20 8.78 -1.06
C VAL A 84 2.93 9.49 0.25
N ARG A 85 3.60 9.05 1.31
CA ARG A 85 3.43 9.65 2.63
C ARG A 85 4.14 10.99 2.71
N SER A 86 5.40 11.02 2.25
CA SER A 86 6.18 12.25 2.27
C SER A 86 5.38 13.43 1.75
N GLY A 87 5.02 13.38 0.47
CA GLY A 87 4.25 14.45 -0.13
C GLY A 87 4.96 15.09 -1.32
N PRO A 88 4.93 16.43 -1.38
CA PRO A 88 5.57 17.18 -2.46
C PRO A 88 7.09 17.12 -2.38
N SER A 89 7.68 16.25 -3.19
CA SER A 89 9.13 16.10 -3.22
C SER A 89 9.59 15.53 -4.57
N SER A 90 10.72 16.03 -5.05
CA SER A 90 11.27 15.57 -6.33
C SER A 90 11.96 14.22 -6.16
N GLY A 91 12.84 14.13 -5.17
CA GLY A 91 13.56 12.89 -4.93
C GLY A 91 15.06 13.11 -4.78
N GLY A 1 -12.44 -6.60 -9.75
CA GLY A 1 -12.66 -5.18 -9.85
C GLY A 1 -13.00 -4.74 -11.26
N SER A 2 -12.01 -4.20 -11.96
CA SER A 2 -12.22 -3.74 -13.33
C SER A 2 -13.45 -2.85 -13.42
N SER A 3 -13.57 -1.91 -12.50
CA SER A 3 -14.72 -1.00 -12.48
C SER A 3 -14.28 0.43 -12.19
N GLY A 4 -14.67 1.35 -13.06
CA GLY A 4 -14.30 2.74 -12.88
C GLY A 4 -15.19 3.45 -11.87
N SER A 5 -15.38 2.82 -10.72
CA SER A 5 -16.22 3.39 -9.67
C SER A 5 -15.37 4.13 -8.64
N SER A 6 -15.33 5.45 -8.75
CA SER A 6 -14.56 6.27 -7.83
C SER A 6 -13.11 5.78 -7.75
N GLY A 7 -12.64 5.18 -8.83
CA GLY A 7 -11.28 4.67 -8.86
C GLY A 7 -10.37 5.49 -9.77
N GLU A 8 -9.60 6.39 -9.17
CA GLU A 8 -8.69 7.23 -9.93
C GLU A 8 -7.24 6.96 -9.54
N HIS A 9 -6.30 7.49 -10.34
CA HIS A 9 -4.89 7.30 -10.07
C HIS A 9 -4.15 8.63 -10.09
N GLY A 10 -3.59 9.02 -8.95
CA GLY A 10 -2.87 10.27 -8.86
C GLY A 10 -3.17 11.03 -7.58
N LEU A 11 -4.39 10.88 -7.08
CA LEU A 11 -4.81 11.55 -5.87
C LEU A 11 -4.27 10.83 -4.63
N LEU A 12 -3.62 9.70 -4.86
CA LEU A 12 -3.06 8.91 -3.77
C LEU A 12 -2.07 9.74 -2.94
N VAL A 13 -1.05 10.27 -3.62
CA VAL A 13 -0.05 11.08 -2.94
C VAL A 13 -0.68 12.27 -2.24
N HIS A 14 -1.70 12.85 -2.87
CA HIS A 14 -2.40 14.00 -2.31
C HIS A 14 -3.07 13.63 -0.99
N LYS A 15 -3.90 12.60 -1.02
CA LYS A 15 -4.61 12.15 0.16
C LYS A 15 -3.70 11.29 1.04
N ALA A 16 -3.59 11.67 2.31
CA ALA A 16 -2.76 10.94 3.26
C ALA A 16 -3.01 9.43 3.16
N VAL A 17 -1.94 8.66 3.29
CA VAL A 17 -2.03 7.20 3.22
C VAL A 17 -2.80 6.64 4.42
N ASP A 18 -2.67 7.31 5.56
CA ASP A 18 -3.35 6.88 6.77
C ASP A 18 -4.86 7.07 6.65
N LYS A 19 -5.29 7.60 5.52
CA LYS A 19 -6.71 7.83 5.27
C LYS A 19 -7.23 6.92 4.17
N TRP A 20 -6.33 6.17 3.55
CA TRP A 20 -6.69 5.26 2.48
C TRP A 20 -7.61 4.15 2.99
N THR A 21 -8.23 3.42 2.07
CA THR A 21 -9.12 2.33 2.45
C THR A 21 -8.63 1.00 1.89
N THR A 22 -9.08 -0.09 2.51
CA THR A 22 -8.68 -1.43 2.07
C THR A 22 -8.62 -1.52 0.55
N GLU A 23 -9.41 -0.67 -0.11
CA GLU A 23 -9.45 -0.67 -1.57
C GLU A 23 -8.26 0.09 -2.15
N GLU A 24 -8.11 1.35 -1.76
CA GLU A 24 -7.02 2.18 -2.24
C GLU A 24 -5.67 1.57 -1.88
N VAL A 25 -5.58 1.01 -0.67
CA VAL A 25 -4.35 0.39 -0.20
C VAL A 25 -3.83 -0.63 -1.21
N VAL A 26 -4.72 -1.50 -1.67
CA VAL A 26 -4.35 -2.52 -2.64
C VAL A 26 -4.09 -1.91 -4.01
N LEU A 27 -4.81 -0.84 -4.33
CA LEU A 27 -4.65 -0.16 -5.61
C LEU A 27 -3.24 0.41 -5.75
N TRP A 28 -2.82 1.19 -4.77
CA TRP A 28 -1.50 1.80 -4.79
C TRP A 28 -0.42 0.74 -4.90
N LEU A 29 -0.61 -0.37 -4.20
CA LEU A 29 0.35 -1.47 -4.23
C LEU A 29 0.25 -2.24 -5.54
N GLU A 30 -0.93 -2.23 -6.15
CA GLU A 30 -1.15 -2.93 -7.40
C GLU A 30 -0.58 -2.14 -8.57
N GLN A 31 0.17 -1.08 -8.26
CA GLN A 31 0.78 -0.25 -9.29
C GLN A 31 2.29 -0.39 -9.28
N LEU A 32 2.84 -0.71 -8.12
CA LEU A 32 4.29 -0.88 -7.97
C LEU A 32 4.78 -2.03 -8.84
N GLY A 33 3.90 -2.97 -9.14
CA GLY A 33 4.27 -4.11 -9.96
C GLY A 33 3.16 -5.14 -10.06
N PRO A 34 3.30 -6.06 -11.03
CA PRO A 34 2.31 -7.11 -11.26
C PRO A 34 2.29 -8.15 -10.13
N TRP A 35 3.42 -8.26 -9.43
CA TRP A 35 3.53 -9.21 -8.32
C TRP A 35 2.67 -8.79 -7.14
N ALA A 36 2.22 -7.53 -7.16
CA ALA A 36 1.39 -7.00 -6.09
C ALA A 36 0.15 -7.86 -5.89
N SER A 37 -0.33 -8.46 -6.97
CA SER A 37 -1.52 -9.31 -6.92
C SER A 37 -1.24 -10.59 -6.13
N LEU A 38 0.02 -10.82 -5.81
CA LEU A 38 0.43 -12.00 -5.06
C LEU A 38 0.29 -11.76 -3.56
N TYR A 39 0.07 -10.51 -3.18
CA TYR A 39 -0.10 -10.15 -1.77
C TYR A 39 -1.46 -9.52 -1.53
N ARG A 40 -1.97 -8.81 -2.53
CA ARG A 40 -3.27 -8.15 -2.42
C ARG A 40 -4.24 -9.02 -1.61
N ASP A 41 -4.30 -10.30 -1.93
CA ASP A 41 -5.19 -11.22 -1.23
C ASP A 41 -5.11 -11.01 0.27
N ARG A 42 -3.89 -10.92 0.79
CA ARG A 42 -3.68 -10.72 2.21
C ARG A 42 -4.17 -9.34 2.66
N PHE A 43 -3.94 -8.35 1.82
CA PHE A 43 -4.35 -6.98 2.12
C PHE A 43 -5.85 -6.90 2.32
N LEU A 44 -6.60 -7.59 1.46
CA LEU A 44 -8.06 -7.60 1.55
C LEU A 44 -8.53 -8.46 2.71
N SER A 45 -8.08 -9.72 2.72
CA SER A 45 -8.47 -10.64 3.78
C SER A 45 -8.19 -10.05 5.16
N GLU A 46 -7.01 -9.45 5.31
CA GLU A 46 -6.63 -8.85 6.57
C GLU A 46 -7.12 -7.40 6.65
N ARG A 47 -8.06 -7.05 5.78
CA ARG A 47 -8.61 -5.70 5.76
C ARG A 47 -7.54 -4.66 6.09
N VAL A 48 -6.33 -4.89 5.58
CA VAL A 48 -5.23 -3.98 5.82
C VAL A 48 -5.49 -2.61 5.20
N ASN A 49 -5.84 -1.64 6.05
CA ASN A 49 -6.12 -0.29 5.58
C ASN A 49 -4.85 0.56 5.54
N GLY A 50 -4.93 1.69 4.86
CA GLY A 50 -3.77 2.57 4.76
C GLY A 50 -3.12 2.82 6.11
N ARG A 51 -3.93 3.15 7.11
CA ARG A 51 -3.42 3.41 8.45
C ARG A 51 -2.58 2.25 8.95
N LEU A 52 -3.01 1.03 8.66
CA LEU A 52 -2.29 -0.17 9.08
C LEU A 52 -1.04 -0.37 8.24
N LEU A 53 -1.15 -0.07 6.95
CA LEU A 53 -0.02 -0.21 6.03
C LEU A 53 1.15 0.63 6.47
N LEU A 54 0.87 1.82 6.99
CA LEU A 54 1.91 2.73 7.46
C LEU A 54 2.66 2.14 8.65
N THR A 55 1.90 1.71 9.66
CA THR A 55 2.49 1.13 10.86
C THR A 55 3.46 0.01 10.51
N LEU A 56 3.02 -0.89 9.64
CA LEU A 56 3.86 -2.02 9.22
C LEU A 56 5.26 -1.55 8.89
N THR A 57 6.25 -2.35 9.31
CA THR A 57 7.65 -2.02 9.06
C THR A 57 8.35 -3.13 8.28
N GLU A 58 9.64 -2.94 8.02
CA GLU A 58 10.42 -3.94 7.29
C GLU A 58 10.37 -5.29 7.98
N GLU A 59 9.97 -5.28 9.24
CA GLU A 59 9.87 -6.52 10.02
C GLU A 59 8.48 -7.13 9.91
N GLU A 60 7.49 -6.40 10.42
CA GLU A 60 6.10 -6.88 10.38
C GLU A 60 5.78 -7.53 9.04
N PHE A 61 6.40 -7.01 7.98
CA PHE A 61 6.19 -7.55 6.64
C PHE A 61 6.92 -8.87 6.46
N SER A 62 8.12 -8.95 7.04
CA SER A 62 8.93 -10.17 6.94
C SER A 62 8.35 -11.27 7.81
N ARG A 63 7.63 -10.89 8.85
CA ARG A 63 7.02 -11.86 9.76
C ARG A 63 5.53 -12.03 9.47
N ALA A 64 4.94 -13.09 10.01
CA ALA A 64 3.52 -13.36 9.81
C ALA A 64 2.66 -12.20 10.30
N PRO A 65 1.41 -12.13 9.81
CA PRO A 65 0.89 -13.11 8.85
C PRO A 65 1.54 -12.99 7.48
N TYR A 66 1.65 -11.76 6.99
CA TYR A 66 2.25 -11.50 5.69
C TYR A 66 3.51 -12.35 5.49
N THR A 67 4.33 -12.43 6.54
CA THR A 67 5.56 -13.20 6.48
C THR A 67 6.28 -13.01 5.15
N ILE A 68 6.06 -11.85 4.53
CA ILE A 68 6.69 -11.53 3.26
C ILE A 68 8.12 -12.06 3.20
N GLU A 69 8.28 -13.27 2.68
CA GLU A 69 9.59 -13.89 2.56
C GLU A 69 10.34 -13.38 1.34
N ASN A 70 10.24 -12.07 1.10
CA ASN A 70 10.90 -11.45 -0.04
C ASN A 70 11.27 -10.00 0.26
N SER A 71 12.56 -9.74 0.42
CA SER A 71 13.04 -8.40 0.72
C SER A 71 12.62 -7.42 -0.38
N SER A 72 13.07 -7.67 -1.60
CA SER A 72 12.75 -6.82 -2.73
C SER A 72 11.31 -6.30 -2.62
N HIS A 73 10.40 -7.19 -2.28
CA HIS A 73 8.99 -6.82 -2.15
C HIS A 73 8.81 -5.74 -1.09
N ARG A 74 9.43 -5.94 0.07
CA ARG A 74 9.34 -4.99 1.16
C ARG A 74 9.92 -3.63 0.76
N ARG A 75 11.07 -3.66 0.09
CA ARG A 75 11.72 -2.44 -0.35
C ARG A 75 10.79 -1.60 -1.23
N VAL A 76 10.11 -2.27 -2.15
CA VAL A 76 9.18 -1.59 -3.05
C VAL A 76 8.05 -0.94 -2.28
N ILE A 77 7.45 -1.70 -1.37
CA ILE A 77 6.35 -1.19 -0.55
C ILE A 77 6.80 -0.02 0.32
N LEU A 78 7.77 -0.29 1.18
CA LEU A 78 8.30 0.74 2.08
C LEU A 78 8.71 1.98 1.30
N THR A 79 9.68 1.84 0.41
CA THR A 79 10.16 2.95 -0.40
C THR A 79 9.01 3.75 -0.98
N GLU A 80 8.21 3.11 -1.83
CA GLU A 80 7.06 3.76 -2.45
C GLU A 80 6.20 4.45 -1.41
N LEU A 81 5.93 3.75 -0.30
CA LEU A 81 5.12 4.29 0.77
C LEU A 81 5.69 5.61 1.29
N GLU A 82 7.01 5.65 1.41
CA GLU A 82 7.69 6.85 1.89
C GLU A 82 7.32 8.07 1.05
N ARG A 83 7.23 7.86 -0.27
CA ARG A 83 6.89 8.94 -1.18
C ARG A 83 5.44 9.37 -0.99
N VAL A 84 4.50 8.46 -1.24
CA VAL A 84 3.09 8.75 -1.09
C VAL A 84 2.81 9.48 0.22
N ARG A 85 3.40 8.98 1.31
CA ARG A 85 3.22 9.58 2.62
C ARG A 85 3.95 10.91 2.71
N SER A 86 5.18 10.94 2.21
CA SER A 86 5.99 12.15 2.24
C SER A 86 5.41 13.23 1.31
N GLY A 87 5.35 14.45 1.80
CA GLY A 87 4.81 15.54 1.01
C GLY A 87 4.87 16.88 1.74
N PRO A 88 5.66 17.81 1.19
CA PRO A 88 5.82 19.14 1.78
C PRO A 88 4.57 19.99 1.64
N SER A 89 4.56 21.16 2.29
CA SER A 89 3.42 22.05 2.24
C SER A 89 3.30 22.70 0.86
N SER A 90 2.12 22.56 0.26
CA SER A 90 1.87 23.14 -1.06
C SER A 90 1.74 24.65 -0.99
N GLY A 91 0.81 25.12 -0.16
CA GLY A 91 0.61 26.55 -0.02
C GLY A 91 -0.46 27.09 -0.96
N GLY A 1 -17.97 -0.86 1.08
CA GLY A 1 -19.10 -0.32 0.35
C GLY A 1 -18.77 0.99 -0.35
N SER A 2 -19.06 1.06 -1.65
CA SER A 2 -18.79 2.26 -2.43
C SER A 2 -19.75 2.37 -3.61
N SER A 3 -20.53 3.45 -3.63
CA SER A 3 -21.50 3.67 -4.69
C SER A 3 -20.79 3.94 -6.02
N GLY A 4 -21.47 3.62 -7.12
CA GLY A 4 -20.89 3.83 -8.44
C GLY A 4 -19.44 3.38 -8.51
N SER A 5 -19.24 2.13 -8.94
CA SER A 5 -17.89 1.57 -9.05
C SER A 5 -17.00 2.47 -9.91
N SER A 6 -15.90 2.93 -9.33
CA SER A 6 -14.97 3.79 -10.04
C SER A 6 -13.69 3.98 -9.23
N GLY A 7 -12.56 3.96 -9.93
CA GLY A 7 -11.27 4.13 -9.28
C GLY A 7 -10.34 5.06 -10.03
N GLU A 8 -9.67 5.94 -9.29
CA GLU A 8 -8.75 6.89 -9.91
C GLU A 8 -7.32 6.66 -9.42
N HIS A 9 -6.36 6.86 -10.31
CA HIS A 9 -4.95 6.69 -9.96
C HIS A 9 -4.18 8.00 -10.10
N GLY A 10 -3.91 8.65 -8.97
CA GLY A 10 -3.19 9.90 -9.00
C GLY A 10 -3.34 10.68 -7.71
N LEU A 11 -4.56 10.69 -7.17
CA LEU A 11 -4.84 11.41 -5.93
C LEU A 11 -4.32 10.64 -4.72
N LEU A 12 -3.68 9.50 -4.99
CA LEU A 12 -3.13 8.67 -3.92
C LEU A 12 -2.09 9.45 -3.11
N VAL A 13 -1.09 9.97 -3.80
CA VAL A 13 -0.03 10.74 -3.15
C VAL A 13 -0.61 11.92 -2.37
N HIS A 14 -1.61 12.57 -2.94
CA HIS A 14 -2.25 13.71 -2.30
C HIS A 14 -2.92 13.29 -0.99
N LYS A 15 -3.83 12.32 -1.08
CA LYS A 15 -4.53 11.83 0.10
C LYS A 15 -3.60 11.01 1.00
N ALA A 16 -3.48 11.42 2.25
CA ALA A 16 -2.62 10.72 3.21
C ALA A 16 -2.90 9.23 3.20
N VAL A 17 -1.84 8.43 3.17
CA VAL A 17 -1.97 6.97 3.16
C VAL A 17 -2.73 6.48 4.39
N ASP A 18 -2.55 7.18 5.50
CA ASP A 18 -3.21 6.81 6.74
C ASP A 18 -4.73 7.02 6.63
N LYS A 19 -5.16 7.56 5.49
CA LYS A 19 -6.58 7.81 5.26
C LYS A 19 -7.11 6.90 4.16
N TRP A 20 -6.24 6.08 3.59
CA TRP A 20 -6.63 5.17 2.53
C TRP A 20 -7.58 4.10 3.05
N THR A 21 -8.22 3.39 2.13
CA THR A 21 -9.15 2.32 2.50
C THR A 21 -8.66 0.96 2.02
N THR A 22 -9.18 -0.09 2.63
CA THR A 22 -8.80 -1.46 2.27
C THR A 22 -8.60 -1.58 0.76
N GLU A 23 -9.40 -0.84 -0.01
CA GLU A 23 -9.31 -0.88 -1.46
C GLU A 23 -8.12 -0.08 -1.95
N GLU A 24 -8.14 1.23 -1.69
CA GLU A 24 -7.05 2.11 -2.12
C GLU A 24 -5.70 1.51 -1.76
N VAL A 25 -5.60 0.95 -0.55
CA VAL A 25 -4.36 0.34 -0.10
C VAL A 25 -3.82 -0.66 -1.11
N VAL A 26 -4.70 -1.53 -1.59
CA VAL A 26 -4.32 -2.54 -2.57
C VAL A 26 -4.05 -1.91 -3.92
N LEU A 27 -4.76 -0.84 -4.23
CA LEU A 27 -4.59 -0.13 -5.50
C LEU A 27 -3.18 0.42 -5.63
N TRP A 28 -2.76 1.20 -4.63
CA TRP A 28 -1.43 1.79 -4.64
C TRP A 28 -0.35 0.72 -4.73
N LEU A 29 -0.56 -0.38 -4.02
CA LEU A 29 0.41 -1.48 -4.03
C LEU A 29 0.31 -2.27 -5.33
N GLU A 30 -0.87 -2.23 -5.96
CA GLU A 30 -1.09 -2.95 -7.20
C GLU A 30 -0.50 -2.18 -8.39
N GLN A 31 0.27 -1.14 -8.08
CA GLN A 31 0.90 -0.31 -9.11
C GLN A 31 2.42 -0.45 -9.06
N LEU A 32 2.95 -0.72 -7.87
CA LEU A 32 4.39 -0.87 -7.70
C LEU A 32 4.93 -2.02 -8.55
N GLY A 33 4.05 -2.97 -8.88
CA GLY A 33 4.46 -4.09 -9.69
C GLY A 33 3.35 -5.12 -9.85
N PRO A 34 3.54 -6.05 -10.80
CA PRO A 34 2.55 -7.10 -11.08
C PRO A 34 2.48 -8.13 -9.95
N TRP A 35 3.56 -8.26 -9.20
CA TRP A 35 3.62 -9.21 -8.08
C TRP A 35 2.68 -8.77 -6.96
N ALA A 36 2.26 -7.51 -6.99
CA ALA A 36 1.36 -6.98 -5.97
C ALA A 36 0.05 -7.75 -5.96
N SER A 37 -0.30 -8.36 -7.08
CA SER A 37 -1.54 -9.13 -7.18
C SER A 37 -1.44 -10.42 -6.40
N LEU A 38 -0.23 -10.79 -6.00
CA LEU A 38 0.00 -12.01 -5.24
C LEU A 38 -0.20 -11.76 -3.74
N TYR A 39 -0.23 -10.49 -3.36
CA TYR A 39 -0.41 -10.11 -1.96
C TYR A 39 -1.76 -9.43 -1.75
N ARG A 40 -2.26 -8.77 -2.79
CA ARG A 40 -3.55 -8.09 -2.72
C ARG A 40 -4.52 -8.86 -1.83
N ASP A 41 -4.65 -10.16 -2.09
CA ASP A 41 -5.55 -11.01 -1.32
C ASP A 41 -5.28 -10.87 0.18
N ARG A 42 -4.00 -10.87 0.54
CA ARG A 42 -3.61 -10.75 1.95
C ARG A 42 -4.05 -9.39 2.51
N PHE A 43 -4.07 -8.38 1.66
CA PHE A 43 -4.47 -7.04 2.07
C PHE A 43 -5.96 -6.98 2.38
N LEU A 44 -6.77 -7.37 1.41
CA LEU A 44 -8.22 -7.36 1.57
C LEU A 44 -8.64 -8.26 2.72
N SER A 45 -8.23 -9.52 2.66
CA SER A 45 -8.56 -10.49 3.71
C SER A 45 -8.23 -9.94 5.09
N GLU A 46 -7.00 -9.47 5.26
CA GLU A 46 -6.56 -8.92 6.52
C GLU A 46 -7.10 -7.50 6.72
N ARG A 47 -7.99 -7.09 5.83
CA ARG A 47 -8.59 -5.76 5.89
C ARG A 47 -7.52 -4.70 6.15
N VAL A 48 -6.33 -4.91 5.58
CA VAL A 48 -5.23 -3.97 5.74
C VAL A 48 -5.59 -2.60 5.18
N ASN A 49 -5.98 -1.69 6.07
CA ASN A 49 -6.35 -0.34 5.65
C ASN A 49 -5.14 0.58 5.68
N GLY A 50 -5.23 1.68 4.92
CA GLY A 50 -4.13 2.63 4.88
C GLY A 50 -3.40 2.75 6.21
N ARG A 51 -4.11 3.23 7.22
CA ARG A 51 -3.52 3.40 8.54
C ARG A 51 -2.65 2.19 8.91
N LEU A 52 -3.20 1.00 8.73
CA LEU A 52 -2.49 -0.23 9.04
C LEU A 52 -1.24 -0.36 8.17
N LEU A 53 -1.41 -0.18 6.87
CA LEU A 53 -0.29 -0.27 5.93
C LEU A 53 0.89 0.58 6.40
N LEU A 54 0.60 1.78 6.89
CA LEU A 54 1.63 2.69 7.36
C LEU A 54 2.37 2.08 8.56
N THR A 55 1.61 1.72 9.59
CA THR A 55 2.19 1.13 10.80
C THR A 55 3.16 0.01 10.45
N LEU A 56 2.85 -0.72 9.39
CA LEU A 56 3.70 -1.83 8.95
C LEU A 56 5.10 -1.33 8.60
N THR A 57 6.11 -2.07 9.04
CA THR A 57 7.50 -1.72 8.77
C THR A 57 8.26 -2.88 8.18
N GLU A 58 9.49 -2.62 7.72
CA GLU A 58 10.32 -3.66 7.14
C GLU A 58 10.28 -4.93 7.98
N GLU A 59 10.01 -4.77 9.28
CA GLU A 59 9.94 -5.89 10.19
C GLU A 59 8.61 -6.65 10.05
N GLU A 60 7.52 -5.97 10.39
CA GLU A 60 6.20 -6.55 10.30
C GLU A 60 6.03 -7.31 8.99
N PHE A 61 6.35 -6.65 7.88
CA PHE A 61 6.24 -7.25 6.56
C PHE A 61 7.01 -8.56 6.49
N SER A 62 8.13 -8.62 7.21
CA SER A 62 8.97 -9.81 7.22
C SER A 62 8.30 -10.93 8.02
N ARG A 63 7.37 -10.55 8.90
CA ARG A 63 6.67 -11.52 9.73
C ARG A 63 5.30 -11.85 9.14
N ALA A 64 4.72 -12.96 9.58
CA ALA A 64 3.41 -13.38 9.09
C ALA A 64 2.33 -12.39 9.49
N PRO A 65 1.18 -12.45 8.81
CA PRO A 65 0.96 -13.40 7.72
C PRO A 65 1.80 -13.08 6.49
N TYR A 66 1.84 -11.81 6.11
CA TYR A 66 2.60 -11.37 4.95
C TYR A 66 3.93 -12.11 4.86
N THR A 67 4.57 -12.30 6.01
CA THR A 67 5.85 -12.99 6.06
C THR A 67 6.71 -12.66 4.85
N ILE A 68 6.51 -11.46 4.31
CA ILE A 68 7.27 -11.01 3.15
C ILE A 68 8.74 -11.40 3.27
N GLU A 69 9.16 -12.39 2.49
CA GLU A 69 10.53 -12.85 2.51
C GLU A 69 11.33 -12.27 1.34
N ASN A 70 10.61 -11.89 0.29
CA ASN A 70 11.25 -11.32 -0.90
C ASN A 70 11.62 -9.86 -0.66
N SER A 71 12.87 -9.63 -0.25
CA SER A 71 13.36 -8.28 0.02
C SER A 71 12.72 -7.28 -0.95
N SER A 72 12.89 -7.52 -2.25
CA SER A 72 12.34 -6.64 -3.26
C SER A 72 10.98 -6.10 -2.84
N HIS A 73 10.09 -7.00 -2.42
CA HIS A 73 8.76 -6.61 -1.98
C HIS A 73 8.83 -5.53 -0.91
N ARG A 74 9.63 -5.78 0.12
CA ARG A 74 9.79 -4.82 1.21
C ARG A 74 10.37 -3.50 0.71
N ARG A 75 11.45 -3.59 -0.05
CA ARG A 75 12.10 -2.41 -0.60
C ARG A 75 11.12 -1.57 -1.40
N VAL A 76 10.26 -2.25 -2.17
CA VAL A 76 9.27 -1.57 -2.99
C VAL A 76 8.20 -0.90 -2.14
N ILE A 77 7.46 -1.72 -1.38
CA ILE A 77 6.41 -1.21 -0.51
C ILE A 77 6.92 -0.06 0.35
N LEU A 78 7.92 -0.34 1.18
CA LEU A 78 8.51 0.66 2.06
C LEU A 78 8.85 1.93 1.28
N THR A 79 9.79 1.80 0.34
CA THR A 79 10.21 2.94 -0.48
C THR A 79 9.00 3.73 -0.98
N GLU A 80 8.22 3.11 -1.87
CA GLU A 80 7.04 3.76 -2.43
C GLU A 80 6.22 4.42 -1.33
N LEU A 81 6.03 3.70 -0.23
CA LEU A 81 5.25 4.22 0.89
C LEU A 81 5.90 5.48 1.47
N GLU A 82 7.22 5.54 1.41
CA GLU A 82 7.96 6.69 1.92
C GLU A 82 7.69 7.93 1.06
N ARG A 83 7.15 7.72 -0.13
CA ARG A 83 6.85 8.81 -1.04
C ARG A 83 5.40 9.26 -0.89
N VAL A 84 4.47 8.36 -1.20
CA VAL A 84 3.05 8.65 -1.10
C VAL A 84 2.73 9.37 0.20
N ARG A 85 3.47 9.04 1.26
CA ARG A 85 3.26 9.67 2.56
C ARG A 85 3.83 11.07 2.59
N SER A 86 5.04 11.23 2.05
CA SER A 86 5.70 12.53 2.01
C SER A 86 4.89 13.54 1.21
N GLY A 87 4.59 13.18 -0.05
CA GLY A 87 3.83 14.07 -0.90
C GLY A 87 4.26 15.52 -0.78
N PRO A 88 5.54 15.78 -1.08
CA PRO A 88 6.11 17.13 -1.00
C PRO A 88 5.56 18.04 -2.10
N SER A 89 5.57 17.55 -3.34
CA SER A 89 5.09 18.32 -4.47
C SER A 89 4.09 17.51 -5.29
N SER A 90 3.43 18.17 -6.23
CA SER A 90 2.44 17.51 -7.08
C SER A 90 3.12 16.69 -8.17
N GLY A 91 3.95 17.35 -8.98
CA GLY A 91 4.64 16.66 -10.05
C GLY A 91 6.09 16.36 -9.69
N GLY A 1 -19.95 11.63 -0.28
CA GLY A 1 -19.40 10.38 -0.79
C GLY A 1 -17.88 10.35 -0.73
N SER A 2 -17.34 10.69 0.44
CA SER A 2 -15.90 10.69 0.63
C SER A 2 -15.24 9.51 -0.08
N SER A 3 -15.82 8.33 0.11
CA SER A 3 -15.29 7.11 -0.50
C SER A 3 -15.62 7.07 -1.99
N GLY A 4 -14.65 6.66 -2.80
CA GLY A 4 -14.86 6.58 -4.23
C GLY A 4 -15.11 5.17 -4.70
N SER A 5 -16.05 5.02 -5.62
CA SER A 5 -16.39 3.70 -6.15
C SER A 5 -15.47 3.32 -7.31
N SER A 6 -15.35 4.23 -8.28
CA SER A 6 -14.50 3.99 -9.44
C SER A 6 -13.02 4.03 -9.05
N GLY A 7 -12.60 5.15 -8.50
CA GLY A 7 -11.21 5.30 -8.09
C GLY A 7 -10.29 5.66 -9.25
N GLU A 8 -9.32 6.52 -8.98
CA GLU A 8 -8.38 6.94 -10.01
C GLU A 8 -6.94 6.78 -9.54
N HIS A 9 -5.99 7.04 -10.43
CA HIS A 9 -4.58 6.92 -10.10
C HIS A 9 -3.90 8.28 -10.12
N GLY A 10 -3.45 8.74 -8.95
CA GLY A 10 -2.78 10.03 -8.86
C GLY A 10 -3.13 10.77 -7.58
N LEU A 11 -4.41 10.79 -7.24
CA LEU A 11 -4.87 11.46 -6.03
C LEU A 11 -4.33 10.78 -4.78
N LEU A 12 -3.74 9.61 -4.97
CA LEU A 12 -3.17 8.84 -3.86
C LEU A 12 -2.24 9.71 -3.02
N VAL A 13 -1.25 10.32 -3.68
CA VAL A 13 -0.30 11.19 -2.99
C VAL A 13 -1.01 12.36 -2.32
N HIS A 14 -1.93 12.99 -3.04
CA HIS A 14 -2.68 14.12 -2.51
C HIS A 14 -3.33 13.77 -1.19
N LYS A 15 -3.91 12.58 -1.12
CA LYS A 15 -4.58 12.11 0.09
C LYS A 15 -3.62 11.31 0.97
N ALA A 16 -3.65 11.58 2.27
CA ALA A 16 -2.79 10.87 3.21
C ALA A 16 -3.01 9.37 3.14
N VAL A 17 -1.94 8.61 3.35
CA VAL A 17 -2.02 7.14 3.30
C VAL A 17 -2.77 6.61 4.52
N ASP A 18 -2.62 7.28 5.65
CA ASP A 18 -3.28 6.87 6.88
C ASP A 18 -4.79 7.07 6.78
N LYS A 19 -5.23 7.61 5.65
CA LYS A 19 -6.65 7.86 5.43
C LYS A 19 -7.19 6.97 4.31
N TRP A 20 -6.30 6.20 3.70
CA TRP A 20 -6.68 5.30 2.61
C TRP A 20 -7.60 4.19 3.12
N THR A 21 -8.13 3.40 2.19
CA THR A 21 -9.03 2.31 2.55
C THR A 21 -8.54 0.99 1.94
N THR A 22 -9.00 -0.12 2.51
CA THR A 22 -8.62 -1.44 2.03
C THR A 22 -8.58 -1.48 0.51
N GLU A 23 -9.35 -0.60 -0.12
CA GLU A 23 -9.41 -0.54 -1.57
C GLU A 23 -8.19 0.21 -2.13
N GLU A 24 -8.03 1.46 -1.71
CA GLU A 24 -6.91 2.28 -2.17
C GLU A 24 -5.58 1.63 -1.80
N VAL A 25 -5.50 1.10 -0.59
CA VAL A 25 -4.29 0.45 -0.12
C VAL A 25 -3.77 -0.56 -1.13
N VAL A 26 -4.66 -1.47 -1.56
CA VAL A 26 -4.30 -2.49 -2.52
C VAL A 26 -4.03 -1.88 -3.90
N LEU A 27 -4.76 -0.81 -4.22
CA LEU A 27 -4.60 -0.13 -5.50
C LEU A 27 -3.18 0.42 -5.64
N TRP A 28 -2.76 1.21 -4.67
CA TRP A 28 -1.42 1.80 -4.69
C TRP A 28 -0.35 0.73 -4.82
N LEU A 29 -0.54 -0.38 -4.11
CA LEU A 29 0.41 -1.49 -4.15
C LEU A 29 0.28 -2.27 -5.45
N GLU A 30 -0.90 -2.22 -6.05
CA GLU A 30 -1.14 -2.92 -7.31
C GLU A 30 -0.56 -2.15 -8.49
N GLN A 31 0.19 -1.09 -8.19
CA GLN A 31 0.79 -0.27 -9.23
C GLN A 31 2.31 -0.42 -9.22
N LEU A 32 2.87 -0.70 -8.06
CA LEU A 32 4.31 -0.88 -7.93
C LEU A 32 4.81 -2.02 -8.82
N GLY A 33 3.92 -2.96 -9.11
CA GLY A 33 4.29 -4.08 -9.96
C GLY A 33 3.18 -5.11 -10.06
N PRO A 34 3.30 -6.02 -11.03
CA PRO A 34 2.31 -7.08 -11.26
C PRO A 34 2.32 -8.13 -10.15
N TRP A 35 3.44 -8.22 -9.45
CA TRP A 35 3.59 -9.19 -8.36
C TRP A 35 2.73 -8.79 -7.16
N ALA A 36 2.26 -7.54 -7.16
CA ALA A 36 1.44 -7.04 -6.08
C ALA A 36 0.21 -7.93 -5.87
N SER A 37 -0.23 -8.59 -6.94
CA SER A 37 -1.40 -9.46 -6.87
C SER A 37 -1.10 -10.69 -6.03
N LEU A 38 0.17 -10.88 -5.67
CA LEU A 38 0.58 -12.02 -4.87
C LEU A 38 0.31 -11.77 -3.39
N TYR A 39 0.23 -10.50 -3.01
CA TYR A 39 -0.03 -10.12 -1.63
C TYR A 39 -1.40 -9.45 -1.49
N ARG A 40 -1.77 -8.67 -2.50
CA ARG A 40 -3.05 -7.96 -2.49
C ARG A 40 -4.12 -8.81 -1.80
N ASP A 41 -4.16 -10.09 -2.12
CA ASP A 41 -5.14 -11.00 -1.53
C ASP A 41 -5.15 -10.88 -0.02
N ARG A 42 -3.95 -10.91 0.58
CA ARG A 42 -3.82 -10.80 2.03
C ARG A 42 -4.30 -9.44 2.52
N PHE A 43 -4.00 -8.40 1.75
CA PHE A 43 -4.39 -7.04 2.10
C PHE A 43 -5.91 -6.94 2.27
N LEU A 44 -6.64 -7.57 1.35
CA LEU A 44 -8.10 -7.55 1.39
C LEU A 44 -8.62 -8.42 2.52
N SER A 45 -8.23 -9.69 2.52
CA SER A 45 -8.66 -10.64 3.55
C SER A 45 -8.38 -10.07 4.94
N GLU A 46 -7.17 -9.55 5.13
CA GLU A 46 -6.78 -8.98 6.41
C GLU A 46 -7.28 -7.55 6.57
N ARG A 47 -8.14 -7.13 5.63
CA ARG A 47 -8.69 -5.79 5.65
C ARG A 47 -7.62 -4.76 5.99
N VAL A 48 -6.39 -5.00 5.51
CA VAL A 48 -5.28 -4.10 5.76
C VAL A 48 -5.54 -2.72 5.14
N ASN A 49 -5.89 -1.76 6.00
CA ASN A 49 -6.17 -0.40 5.54
C ASN A 49 -4.90 0.44 5.55
N GLY A 50 -5.00 1.66 5.03
CA GLY A 50 -3.86 2.56 5.00
C GLY A 50 -3.14 2.63 6.33
N ARG A 51 -3.84 3.11 7.35
CA ARG A 51 -3.27 3.24 8.69
C ARG A 51 -2.34 2.07 9.00
N LEU A 52 -2.89 0.86 8.95
CA LEU A 52 -2.11 -0.34 9.22
C LEU A 52 -0.90 -0.43 8.30
N LEU A 53 -1.11 -0.10 7.03
CA LEU A 53 -0.03 -0.14 6.05
C LEU A 53 1.13 0.76 6.47
N LEU A 54 0.81 1.84 7.16
CA LEU A 54 1.82 2.78 7.63
C LEU A 54 2.55 2.24 8.85
N THR A 55 1.79 1.68 9.79
CA THR A 55 2.37 1.12 11.01
C THR A 55 3.35 0.00 10.67
N LEU A 56 2.93 -0.90 9.78
CA LEU A 56 3.77 -2.03 9.38
C LEU A 56 5.20 -1.57 9.09
N THR A 57 6.16 -2.26 9.68
CA THR A 57 7.57 -1.92 9.48
C THR A 57 8.26 -2.94 8.58
N GLU A 58 9.51 -2.66 8.23
CA GLU A 58 10.28 -3.56 7.36
C GLU A 58 10.38 -4.95 7.98
N GLU A 59 10.02 -5.05 9.26
CA GLU A 59 10.07 -6.32 9.98
C GLU A 59 8.71 -7.00 9.95
N GLU A 60 7.70 -6.31 10.49
CA GLU A 60 6.35 -6.86 10.53
C GLU A 60 5.96 -7.48 9.19
N PHE A 61 6.35 -6.82 8.10
CA PHE A 61 6.05 -7.30 6.76
C PHE A 61 6.65 -8.68 6.53
N SER A 62 7.81 -8.91 7.12
CA SER A 62 8.50 -10.19 6.98
C SER A 62 8.03 -11.18 8.03
N ARG A 63 7.07 -10.76 8.86
CA ARG A 63 6.53 -11.60 9.90
C ARG A 63 5.09 -12.04 9.58
N ALA A 64 4.73 -13.24 9.99
CA ALA A 64 3.40 -13.78 9.74
C ALA A 64 2.33 -12.80 10.23
N PRO A 65 1.15 -12.87 9.60
CA PRO A 65 0.88 -13.82 8.51
C PRO A 65 1.64 -13.47 7.24
N TYR A 66 1.61 -12.20 6.87
CA TYR A 66 2.29 -11.73 5.67
C TYR A 66 3.59 -12.51 5.45
N THR A 67 4.35 -12.69 6.53
CA THR A 67 5.62 -13.41 6.46
C THR A 67 6.30 -13.19 5.11
N ILE A 68 6.18 -11.98 4.58
CA ILE A 68 6.79 -11.65 3.30
C ILE A 68 8.22 -12.16 3.22
N GLU A 69 8.39 -13.38 2.70
CA GLU A 69 9.70 -13.98 2.57
C GLU A 69 10.41 -13.46 1.32
N ASN A 70 10.30 -12.16 1.08
CA ASN A 70 10.94 -11.54 -0.07
C ASN A 70 11.25 -10.07 0.21
N SER A 71 12.54 -9.76 0.39
CA SER A 71 12.97 -8.39 0.67
C SER A 71 12.57 -7.46 -0.47
N SER A 72 13.05 -7.76 -1.67
CA SER A 72 12.76 -6.95 -2.85
C SER A 72 11.34 -6.40 -2.77
N HIS A 73 10.41 -7.22 -2.28
CA HIS A 73 9.02 -6.82 -2.16
C HIS A 73 8.85 -5.74 -1.10
N ARG A 74 9.46 -5.95 0.06
CA ARG A 74 9.38 -5.00 1.16
C ARG A 74 9.94 -3.65 0.75
N ARG A 75 11.06 -3.67 0.02
CA ARG A 75 11.70 -2.44 -0.44
C ARG A 75 10.74 -1.62 -1.28
N VAL A 76 10.12 -2.26 -2.27
CA VAL A 76 9.18 -1.59 -3.15
C VAL A 76 8.05 -0.94 -2.36
N ILE A 77 7.49 -1.68 -1.41
CA ILE A 77 6.40 -1.18 -0.58
C ILE A 77 6.87 -0.01 0.29
N LEU A 78 7.84 -0.27 1.14
CA LEU A 78 8.38 0.75 2.03
C LEU A 78 8.78 1.99 1.24
N THR A 79 9.73 1.81 0.32
CA THR A 79 10.21 2.92 -0.50
C THR A 79 9.05 3.71 -1.10
N GLU A 80 8.19 3.02 -1.85
CA GLU A 80 7.04 3.67 -2.48
C GLU A 80 6.19 4.38 -1.43
N LEU A 81 6.03 3.75 -0.27
CA LEU A 81 5.24 4.33 0.82
C LEU A 81 5.82 5.66 1.27
N GLU A 82 7.14 5.76 1.24
CA GLU A 82 7.83 6.99 1.64
C GLU A 82 7.42 8.16 0.75
N ARG A 83 7.13 7.86 -0.52
CA ARG A 83 6.72 8.89 -1.47
C ARG A 83 5.28 9.31 -1.25
N VAL A 84 4.38 8.32 -1.24
CA VAL A 84 2.96 8.59 -1.03
C VAL A 84 2.72 9.25 0.33
N ARG A 85 3.49 8.83 1.33
CA ARG A 85 3.36 9.38 2.66
C ARG A 85 4.14 10.68 2.81
N SER A 86 4.16 11.22 4.02
CA SER A 86 4.87 12.46 4.29
C SER A 86 6.38 12.29 4.07
N GLY A 87 7.08 13.41 3.92
CA GLY A 87 8.51 13.37 3.70
C GLY A 87 8.93 14.05 2.42
N PRO A 88 8.97 13.29 1.32
CA PRO A 88 9.36 13.81 0.01
C PRO A 88 8.31 14.76 -0.57
N SER A 89 7.24 14.96 0.17
CA SER A 89 6.15 15.84 -0.28
C SER A 89 6.71 17.02 -1.06
N SER A 90 6.25 17.16 -2.31
CA SER A 90 6.70 18.24 -3.17
C SER A 90 5.73 18.45 -4.34
N GLY A 91 5.52 19.70 -4.70
CA GLY A 91 4.61 20.02 -5.79
C GLY A 91 4.02 21.41 -5.68
N GLY A 1 -17.72 -3.86 -10.14
CA GLY A 1 -17.44 -3.61 -11.54
C GLY A 1 -18.54 -2.81 -12.21
N SER A 2 -18.28 -1.53 -12.48
CA SER A 2 -19.25 -0.66 -13.11
C SER A 2 -18.63 0.09 -14.27
N SER A 3 -19.48 0.49 -15.24
CA SER A 3 -19.01 1.21 -16.41
C SER A 3 -18.90 2.71 -16.12
N GLY A 4 -17.67 3.21 -16.08
CA GLY A 4 -17.45 4.62 -15.81
C GLY A 4 -16.65 4.85 -14.55
N SER A 5 -17.31 5.39 -13.52
CA SER A 5 -16.65 5.67 -12.25
C SER A 5 -15.73 4.52 -11.86
N SER A 6 -14.42 4.74 -12.00
CA SER A 6 -13.43 3.73 -11.67
C SER A 6 -12.32 4.32 -10.81
N GLY A 7 -11.66 3.47 -10.03
CA GLY A 7 -10.58 3.92 -9.17
C GLY A 7 -9.65 4.87 -9.89
N GLU A 8 -9.15 5.87 -9.15
CA GLU A 8 -8.24 6.85 -9.73
C GLU A 8 -6.79 6.50 -9.39
N HIS A 9 -5.88 6.81 -10.30
CA HIS A 9 -4.46 6.54 -10.10
C HIS A 9 -3.63 7.81 -10.25
N GLY A 10 -3.27 8.41 -9.11
CA GLY A 10 -2.48 9.63 -9.15
C GLY A 10 -2.73 10.51 -7.94
N LEU A 11 -3.97 10.50 -7.45
CA LEU A 11 -4.33 11.31 -6.29
C LEU A 11 -3.88 10.64 -5.00
N LEU A 12 -3.42 9.40 -5.11
CA LEU A 12 -2.95 8.64 -3.95
C LEU A 12 -1.98 9.48 -3.12
N VAL A 13 -0.86 9.86 -3.73
CA VAL A 13 0.15 10.65 -3.05
C VAL A 13 -0.46 11.87 -2.38
N HIS A 14 -1.42 12.50 -3.06
CA HIS A 14 -2.09 13.68 -2.52
C HIS A 14 -2.78 13.35 -1.20
N LYS A 15 -3.70 12.40 -1.24
CA LYS A 15 -4.43 11.99 -0.05
C LYS A 15 -3.55 11.17 0.88
N ALA A 16 -3.46 11.60 2.14
CA ALA A 16 -2.64 10.89 3.13
C ALA A 16 -2.94 9.40 3.14
N VAL A 17 -1.90 8.59 3.20
CA VAL A 17 -2.05 7.14 3.21
C VAL A 17 -2.84 6.68 4.43
N ASP A 18 -2.65 7.38 5.55
CA ASP A 18 -3.34 7.04 6.79
C ASP A 18 -4.85 7.23 6.64
N LYS A 19 -5.26 7.77 5.50
CA LYS A 19 -6.67 8.02 5.23
C LYS A 19 -7.18 7.08 4.13
N TRP A 20 -6.28 6.27 3.58
CA TRP A 20 -6.64 5.33 2.53
C TRP A 20 -7.60 4.27 3.06
N THR A 21 -8.11 3.44 2.15
CA THR A 21 -9.03 2.37 2.53
C THR A 21 -8.58 1.02 1.97
N THR A 22 -9.06 -0.05 2.57
CA THR A 22 -8.70 -1.39 2.14
C THR A 22 -8.66 -1.49 0.62
N GLU A 23 -9.42 -0.63 -0.04
CA GLU A 23 -9.47 -0.61 -1.50
C GLU A 23 -8.26 0.12 -2.09
N GLU A 24 -8.10 1.38 -1.69
CA GLU A 24 -6.98 2.19 -2.17
C GLU A 24 -5.65 1.54 -1.82
N VAL A 25 -5.55 1.05 -0.59
CA VAL A 25 -4.33 0.41 -0.12
C VAL A 25 -3.81 -0.60 -1.14
N VAL A 26 -4.69 -1.50 -1.58
CA VAL A 26 -4.32 -2.52 -2.55
C VAL A 26 -4.06 -1.90 -3.92
N LEU A 27 -4.82 -0.86 -4.25
CA LEU A 27 -4.66 -0.18 -5.53
C LEU A 27 -3.27 0.41 -5.68
N TRP A 28 -2.84 1.16 -4.67
CA TRP A 28 -1.51 1.77 -4.70
C TRP A 28 -0.43 0.71 -4.84
N LEU A 29 -0.60 -0.41 -4.16
CA LEU A 29 0.36 -1.50 -4.23
C LEU A 29 0.25 -2.26 -5.54
N GLU A 30 -0.95 -2.24 -6.13
CA GLU A 30 -1.19 -2.93 -7.39
C GLU A 30 -0.65 -2.12 -8.56
N GLN A 31 0.09 -1.07 -8.24
CA GLN A 31 0.67 -0.20 -9.27
C GLN A 31 2.19 -0.30 -9.28
N LEU A 32 2.76 -0.70 -8.15
CA LEU A 32 4.20 -0.84 -8.02
C LEU A 32 4.72 -1.99 -8.87
N GLY A 33 3.85 -2.97 -9.13
CA GLY A 33 4.24 -4.11 -9.95
C GLY A 33 3.15 -5.17 -10.01
N PRO A 34 3.30 -6.10 -10.96
CA PRO A 34 2.33 -7.18 -11.15
C PRO A 34 2.36 -8.20 -10.01
N TRP A 35 3.49 -8.28 -9.33
CA TRP A 35 3.64 -9.20 -8.21
C TRP A 35 2.76 -8.80 -7.03
N ALA A 36 2.30 -7.55 -7.05
CA ALA A 36 1.45 -7.04 -6.00
C ALA A 36 0.22 -7.92 -5.79
N SER A 37 -0.34 -8.41 -6.89
CA SER A 37 -1.52 -9.27 -6.84
C SER A 37 -1.23 -10.52 -6.03
N LEU A 38 0.04 -10.78 -5.78
CA LEU A 38 0.46 -11.95 -5.02
C LEU A 38 0.31 -11.71 -3.51
N TYR A 39 0.14 -10.45 -3.15
CA TYR A 39 -0.02 -10.09 -1.74
C TYR A 39 -1.38 -9.42 -1.50
N ARG A 40 -1.85 -8.68 -2.50
CA ARG A 40 -3.12 -7.99 -2.40
C ARG A 40 -4.15 -8.85 -1.67
N ASP A 41 -4.16 -10.14 -1.99
CA ASP A 41 -5.10 -11.07 -1.36
C ASP A 41 -5.02 -10.99 0.15
N ARG A 42 -3.80 -10.94 0.68
CA ARG A 42 -3.60 -10.85 2.11
C ARG A 42 -4.14 -9.53 2.67
N PHE A 43 -3.91 -8.45 1.93
CA PHE A 43 -4.38 -7.13 2.34
C PHE A 43 -5.90 -7.12 2.52
N LEU A 44 -6.61 -7.52 1.47
CA LEU A 44 -8.07 -7.56 1.52
C LEU A 44 -8.56 -8.45 2.65
N SER A 45 -8.13 -9.70 2.64
CA SER A 45 -8.54 -10.66 3.67
C SER A 45 -8.25 -10.12 5.06
N GLU A 46 -7.07 -9.52 5.21
CA GLU A 46 -6.67 -8.95 6.50
C GLU A 46 -7.23 -7.53 6.67
N ARG A 47 -8.10 -7.14 5.75
CA ARG A 47 -8.69 -5.81 5.80
C ARG A 47 -7.66 -4.75 6.17
N VAL A 48 -6.45 -4.90 5.64
CA VAL A 48 -5.37 -3.96 5.92
C VAL A 48 -5.64 -2.61 5.27
N ASN A 49 -5.99 -1.62 6.09
CA ASN A 49 -6.26 -0.28 5.58
C ASN A 49 -4.99 0.56 5.54
N GLY A 50 -5.12 1.80 5.08
CA GLY A 50 -3.98 2.69 5.00
C GLY A 50 -3.22 2.77 6.32
N ARG A 51 -3.88 3.27 7.35
CA ARG A 51 -3.25 3.41 8.67
C ARG A 51 -2.45 2.16 9.01
N LEU A 52 -3.15 1.04 9.17
CA LEU A 52 -2.50 -0.22 9.50
C LEU A 52 -1.27 -0.45 8.63
N LEU A 53 -1.36 -0.06 7.36
CA LEU A 53 -0.26 -0.22 6.42
C LEU A 53 0.94 0.61 6.85
N LEU A 54 0.70 1.90 7.14
CA LEU A 54 1.76 2.80 7.55
C LEU A 54 2.38 2.34 8.86
N THR A 55 1.54 1.98 9.82
CA THR A 55 2.01 1.51 11.12
C THR A 55 2.97 0.34 10.97
N LEU A 56 2.65 -0.57 10.07
CA LEU A 56 3.48 -1.74 9.82
C LEU A 56 4.92 -1.33 9.55
N THR A 57 5.85 -2.26 9.77
CA THR A 57 7.26 -2.00 9.56
C THR A 57 7.83 -2.93 8.49
N GLU A 58 9.05 -2.63 8.04
CA GLU A 58 9.71 -3.43 7.02
C GLU A 58 9.92 -4.87 7.51
N GLU A 59 9.95 -5.03 8.83
CA GLU A 59 10.15 -6.35 9.43
C GLU A 59 8.83 -7.11 9.50
N GLU A 60 7.84 -6.51 10.14
CA GLU A 60 6.53 -7.13 10.28
C GLU A 60 6.06 -7.72 8.95
N PHE A 61 6.22 -6.96 7.89
CA PHE A 61 5.80 -7.42 6.56
C PHE A 61 6.49 -8.72 6.20
N SER A 62 7.70 -8.92 6.73
CA SER A 62 8.46 -10.13 6.46
C SER A 62 8.25 -11.17 7.56
N ARG A 63 7.32 -10.87 8.46
CA ARG A 63 7.03 -11.78 9.56
C ARG A 63 5.76 -12.59 9.28
N ALA A 64 4.61 -11.96 9.46
CA ALA A 64 3.32 -12.61 9.22
C ALA A 64 2.16 -11.65 9.45
N PRO A 65 1.04 -11.91 8.76
CA PRO A 65 0.92 -13.04 7.84
C PRO A 65 1.77 -12.85 6.58
N TYR A 66 1.78 -11.63 6.06
CA TYR A 66 2.55 -11.33 4.86
C TYR A 66 3.84 -12.14 4.82
N THR A 67 4.53 -12.20 5.97
CA THR A 67 5.77 -12.94 6.06
C THR A 67 6.62 -12.78 4.80
N ILE A 68 6.42 -11.66 4.11
CA ILE A 68 7.16 -11.38 2.88
C ILE A 68 8.58 -11.95 2.95
N GLU A 69 8.77 -13.11 2.33
CA GLU A 69 10.07 -13.76 2.32
C GLU A 69 10.93 -13.24 1.17
N ASN A 70 10.66 -12.00 0.75
CA ASN A 70 11.41 -11.39 -0.34
C ASN A 70 11.64 -9.90 -0.09
N SER A 71 12.86 -9.55 0.27
CA SER A 71 13.21 -8.17 0.55
C SER A 71 12.78 -7.25 -0.59
N SER A 72 13.25 -7.57 -1.79
CA SER A 72 12.93 -6.78 -2.97
C SER A 72 11.50 -6.23 -2.88
N HIS A 73 10.54 -7.12 -2.64
CA HIS A 73 9.15 -6.73 -2.53
C HIS A 73 8.96 -5.68 -1.44
N ARG A 74 9.52 -5.93 -0.26
CA ARG A 74 9.42 -5.01 0.86
C ARG A 74 9.96 -3.63 0.48
N ARG A 75 11.13 -3.61 -0.16
CA ARG A 75 11.74 -2.37 -0.58
C ARG A 75 10.79 -1.54 -1.43
N VAL A 76 10.05 -2.21 -2.30
CA VAL A 76 9.09 -1.54 -3.18
C VAL A 76 7.98 -0.88 -2.36
N ILE A 77 7.38 -1.65 -1.47
CA ILE A 77 6.31 -1.13 -0.63
C ILE A 77 6.79 0.01 0.25
N LEU A 78 7.68 -0.31 1.19
CA LEU A 78 8.24 0.70 2.09
C LEU A 78 8.65 1.95 1.32
N THR A 79 9.59 1.80 0.41
CA THR A 79 10.08 2.92 -0.39
C THR A 79 8.92 3.72 -0.96
N GLU A 80 8.14 3.09 -1.82
CA GLU A 80 6.99 3.74 -2.45
C GLU A 80 6.11 4.41 -1.40
N LEU A 81 6.01 3.78 -0.24
CA LEU A 81 5.19 4.31 0.85
C LEU A 81 5.79 5.60 1.41
N GLU A 82 7.12 5.66 1.47
CA GLU A 82 7.82 6.83 1.96
C GLU A 82 7.50 8.06 1.12
N ARG A 83 7.12 7.83 -0.13
CA ARG A 83 6.79 8.90 -1.05
C ARG A 83 5.35 9.36 -0.85
N VAL A 84 4.41 8.47 -1.13
CA VAL A 84 2.99 8.78 -0.98
C VAL A 84 2.73 9.50 0.34
N ARG A 85 3.33 9.00 1.41
CA ARG A 85 3.15 9.60 2.72
C ARG A 85 3.88 10.93 2.82
N SER A 86 5.09 10.98 2.28
CA SER A 86 5.89 12.21 2.32
C SER A 86 5.41 13.19 1.26
N GLY A 87 5.65 14.48 1.50
CA GLY A 87 5.24 15.50 0.57
C GLY A 87 6.12 16.74 0.62
N PRO A 88 5.68 17.75 1.37
CA PRO A 88 6.41 19.01 1.52
C PRO A 88 7.69 18.83 2.35
N SER A 89 8.77 19.44 1.87
CA SER A 89 10.05 19.35 2.57
C SER A 89 10.36 20.65 3.32
N SER A 90 10.81 20.51 4.57
CA SER A 90 11.13 21.66 5.39
C SER A 90 12.28 21.34 6.34
N GLY A 91 13.17 22.32 6.53
CA GLY A 91 14.31 22.12 7.41
C GLY A 91 15.37 21.24 6.79
N GLY A 1 -23.67 -1.09 -4.56
CA GLY A 1 -23.82 -0.04 -3.58
C GLY A 1 -23.81 1.35 -4.20
N SER A 2 -22.73 1.67 -4.91
CA SER A 2 -22.60 2.97 -5.55
C SER A 2 -21.94 2.84 -6.92
N SER A 3 -22.11 3.85 -7.76
CA SER A 3 -21.53 3.85 -9.09
C SER A 3 -20.16 4.53 -9.09
N GLY A 4 -19.29 4.09 -9.99
CA GLY A 4 -17.95 4.65 -10.07
C GLY A 4 -16.86 3.62 -9.88
N SER A 5 -16.47 3.40 -8.63
CA SER A 5 -15.43 2.42 -8.32
C SER A 5 -14.32 2.46 -9.36
N SER A 6 -13.81 3.66 -9.62
CA SER A 6 -12.75 3.82 -10.61
C SER A 6 -11.49 4.38 -9.96
N GLY A 7 -10.36 3.72 -10.20
CA GLY A 7 -9.10 4.15 -9.63
C GLY A 7 -8.65 5.49 -10.18
N GLU A 8 -8.26 6.39 -9.28
CA GLU A 8 -7.81 7.72 -9.68
C GLU A 8 -6.31 7.88 -9.43
N HIS A 9 -5.54 6.85 -9.77
CA HIS A 9 -4.10 6.88 -9.59
C HIS A 9 -3.54 8.29 -9.81
N GLY A 10 -3.21 8.97 -8.72
CA GLY A 10 -2.68 10.31 -8.82
C GLY A 10 -2.87 11.11 -7.55
N LEU A 11 -4.13 11.24 -7.12
CA LEU A 11 -4.45 11.99 -5.91
C LEU A 11 -4.06 11.21 -4.67
N LEU A 12 -3.48 10.03 -4.88
CA LEU A 12 -3.05 9.19 -3.76
C LEU A 12 -1.93 9.85 -2.98
N VAL A 13 -0.82 10.13 -3.64
CA VAL A 13 0.33 10.77 -3.00
C VAL A 13 -0.12 11.93 -2.13
N HIS A 14 -1.16 12.63 -2.57
CA HIS A 14 -1.69 13.78 -1.83
C HIS A 14 -2.45 13.32 -0.60
N LYS A 15 -3.57 12.63 -0.82
CA LYS A 15 -4.40 12.13 0.28
C LYS A 15 -3.60 11.19 1.17
N ALA A 16 -3.27 11.66 2.38
CA ALA A 16 -2.51 10.85 3.32
C ALA A 16 -2.88 9.38 3.22
N VAL A 17 -1.89 8.51 3.28
CA VAL A 17 -2.12 7.07 3.20
C VAL A 17 -3.00 6.59 4.35
N ASP A 18 -2.89 7.26 5.49
CA ASP A 18 -3.67 6.90 6.66
C ASP A 18 -5.17 7.13 6.41
N LYS A 19 -5.48 7.67 5.24
CA LYS A 19 -6.87 7.94 4.88
C LYS A 19 -7.35 6.98 3.80
N TRP A 20 -6.44 6.14 3.32
CA TRP A 20 -6.77 5.16 2.29
C TRP A 20 -7.69 4.08 2.84
N THR A 21 -8.30 3.31 1.94
CA THR A 21 -9.21 2.25 2.33
C THR A 21 -8.72 0.89 1.83
N THR A 22 -9.16 -0.18 2.49
CA THR A 22 -8.77 -1.52 2.11
C THR A 22 -8.68 -1.66 0.60
N GLU A 23 -9.46 -0.85 -0.12
CA GLU A 23 -9.46 -0.89 -1.57
C GLU A 23 -8.26 -0.15 -2.14
N GLU A 24 -8.18 1.15 -1.85
CA GLU A 24 -7.08 1.98 -2.34
C GLU A 24 -5.73 1.37 -1.96
N VAL A 25 -5.62 0.93 -0.70
CA VAL A 25 -4.38 0.32 -0.22
C VAL A 25 -3.84 -0.69 -1.22
N VAL A 26 -4.71 -1.59 -1.67
CA VAL A 26 -4.32 -2.62 -2.62
C VAL A 26 -4.03 -2.01 -3.99
N LEU A 27 -4.82 -1.01 -4.37
CA LEU A 27 -4.65 -0.34 -5.66
C LEU A 27 -3.26 0.27 -5.78
N TRP A 28 -2.85 1.00 -4.75
CA TRP A 28 -1.54 1.64 -4.74
C TRP A 28 -0.43 0.60 -4.89
N LEU A 29 -0.60 -0.54 -4.22
CA LEU A 29 0.38 -1.61 -4.28
C LEU A 29 0.29 -2.36 -5.61
N GLU A 30 -0.90 -2.37 -6.19
CA GLU A 30 -1.13 -3.06 -7.46
C GLU A 30 -0.57 -2.25 -8.62
N GLN A 31 0.14 -1.17 -8.30
CA GLN A 31 0.73 -0.30 -9.32
C GLN A 31 2.25 -0.45 -9.34
N LEU A 32 2.83 -0.77 -8.20
CA LEU A 32 4.27 -0.94 -8.08
C LEU A 32 4.75 -2.08 -8.97
N GLY A 33 3.87 -3.04 -9.23
CA GLY A 33 4.22 -4.16 -10.08
C GLY A 33 3.11 -5.19 -10.18
N PRO A 34 3.23 -6.11 -11.15
CA PRO A 34 2.24 -7.16 -11.35
C PRO A 34 2.25 -8.20 -10.24
N TRP A 35 3.38 -8.32 -9.56
CA TRP A 35 3.52 -9.28 -8.47
C TRP A 35 2.67 -8.87 -7.27
N ALA A 36 2.23 -7.62 -7.27
CA ALA A 36 1.40 -7.10 -6.18
C ALA A 36 0.16 -7.95 -5.99
N SER A 37 -0.45 -8.37 -7.09
CA SER A 37 -1.66 -9.18 -7.05
C SER A 37 -1.40 -10.49 -6.31
N LEU A 38 -0.13 -10.81 -6.10
CA LEU A 38 0.25 -12.04 -5.42
C LEU A 38 0.22 -11.84 -3.90
N TYR A 39 0.09 -10.58 -3.48
CA TYR A 39 0.05 -10.25 -2.06
C TYR A 39 -1.27 -9.57 -1.70
N ARG A 40 -1.78 -8.77 -2.64
CA ARG A 40 -3.03 -8.06 -2.41
C ARG A 40 -4.01 -8.89 -1.59
N ASP A 41 -4.08 -10.18 -1.90
CA ASP A 41 -4.97 -11.09 -1.20
C ASP A 41 -4.84 -10.91 0.31
N ARG A 42 -3.60 -10.89 0.79
CA ARG A 42 -3.34 -10.72 2.22
C ARG A 42 -3.95 -9.43 2.74
N PHE A 43 -3.81 -8.36 1.96
CA PHE A 43 -4.35 -7.06 2.34
C PHE A 43 -5.85 -7.13 2.57
N LEU A 44 -6.58 -7.55 1.54
CA LEU A 44 -8.04 -7.67 1.62
C LEU A 44 -8.44 -8.58 2.78
N SER A 45 -7.95 -9.81 2.76
CA SER A 45 -8.26 -10.78 3.80
C SER A 45 -7.99 -10.18 5.19
N GLU A 46 -6.84 -9.55 5.34
CA GLU A 46 -6.45 -8.94 6.61
C GLU A 46 -7.01 -7.51 6.71
N ARG A 47 -7.88 -7.15 5.77
CA ARG A 47 -8.48 -5.82 5.76
C ARG A 47 -7.45 -4.76 6.12
N VAL A 48 -6.23 -4.92 5.60
CA VAL A 48 -5.16 -3.96 5.86
C VAL A 48 -5.46 -2.61 5.25
N ASN A 49 -5.88 -1.67 6.09
CA ASN A 49 -6.21 -0.32 5.63
C ASN A 49 -4.95 0.54 5.53
N GLY A 50 -5.08 1.69 4.86
CA GLY A 50 -3.94 2.58 4.71
C GLY A 50 -3.20 2.80 6.01
N ARG A 51 -3.91 3.32 7.01
CA ARG A 51 -3.31 3.59 8.32
C ARG A 51 -2.40 2.45 8.74
N LEU A 52 -2.93 1.23 8.71
CA LEU A 52 -2.16 0.05 9.10
C LEU A 52 -0.94 -0.12 8.19
N LEU A 53 -1.12 0.16 6.91
CA LEU A 53 -0.04 0.03 5.93
C LEU A 53 1.15 0.89 6.35
N LEU A 54 0.87 2.06 6.92
CA LEU A 54 1.92 2.97 7.37
C LEU A 54 2.69 2.39 8.55
N THR A 55 1.95 2.04 9.60
CA THR A 55 2.56 1.47 10.80
C THR A 55 3.47 0.30 10.45
N LEU A 56 3.11 -0.44 9.41
CA LEU A 56 3.90 -1.58 8.97
C LEU A 56 5.31 -1.15 8.57
N THR A 57 6.31 -1.84 9.11
CA THR A 57 7.70 -1.52 8.80
C THR A 57 8.42 -2.74 8.22
N GLU A 58 9.60 -2.51 7.65
CA GLU A 58 10.38 -3.58 7.07
C GLU A 58 10.30 -4.84 7.92
N GLU A 59 10.06 -4.66 9.21
CA GLU A 59 9.95 -5.80 10.14
C GLU A 59 8.55 -6.40 10.09
N GLU A 60 7.56 -5.63 10.55
CA GLU A 60 6.19 -6.09 10.56
C GLU A 60 5.84 -6.85 9.28
N PHE A 61 6.32 -6.32 8.16
CA PHE A 61 6.07 -6.93 6.85
C PHE A 61 6.68 -8.33 6.79
N SER A 62 7.86 -8.48 7.38
CA SER A 62 8.57 -9.76 7.38
C SER A 62 7.96 -10.71 8.41
N ARG A 63 6.88 -10.26 9.05
CA ARG A 63 6.20 -11.08 10.06
C ARG A 63 4.82 -11.52 9.56
N ALA A 64 4.39 -12.70 10.01
CA ALA A 64 3.09 -13.23 9.61
C ALA A 64 1.96 -12.32 10.10
N PRO A 65 0.78 -12.46 9.47
CA PRO A 65 0.58 -13.42 8.38
C PRO A 65 1.33 -13.02 7.11
N TYR A 66 1.53 -11.72 6.93
CA TYR A 66 2.24 -11.21 5.75
C TYR A 66 3.50 -12.01 5.49
N THR A 67 4.26 -12.28 6.56
CA THR A 67 5.50 -13.04 6.44
C THR A 67 6.15 -12.83 5.08
N ILE A 68 6.14 -11.59 4.61
CA ILE A 68 6.73 -11.26 3.32
C ILE A 68 8.17 -11.76 3.23
N GLU A 69 8.34 -12.97 2.72
CA GLU A 69 9.67 -13.55 2.58
C GLU A 69 10.31 -13.13 1.26
N ASN A 70 10.20 -11.85 0.94
CA ASN A 70 10.77 -11.32 -0.30
C ASN A 70 11.19 -9.87 -0.12
N SER A 71 12.51 -9.64 -0.09
CA SER A 71 13.05 -8.30 0.08
C SER A 71 12.44 -7.33 -0.94
N SER A 72 12.67 -7.62 -2.21
CA SER A 72 12.14 -6.78 -3.28
C SER A 72 10.78 -6.21 -2.92
N HIS A 73 9.88 -7.08 -2.46
CA HIS A 73 8.54 -6.67 -2.08
C HIS A 73 8.60 -5.54 -1.04
N ARG A 74 9.35 -5.75 0.01
CA ARG A 74 9.49 -4.75 1.07
C ARG A 74 10.15 -3.48 0.54
N ARG A 75 11.25 -3.65 -0.20
CA ARG A 75 11.97 -2.53 -0.76
C ARG A 75 11.04 -1.66 -1.60
N VAL A 76 10.18 -2.30 -2.38
CA VAL A 76 9.24 -1.58 -3.24
C VAL A 76 8.12 -0.96 -2.42
N ILE A 77 7.46 -1.78 -1.61
CA ILE A 77 6.36 -1.31 -0.78
C ILE A 77 6.80 -0.14 0.10
N LEU A 78 7.74 -0.41 1.01
CA LEU A 78 8.25 0.62 1.91
C LEU A 78 8.62 1.88 1.13
N THR A 79 9.68 1.78 0.33
CA THR A 79 10.14 2.91 -0.46
C THR A 79 8.97 3.73 -0.99
N GLU A 80 8.12 3.10 -1.78
CA GLU A 80 6.95 3.77 -2.36
C GLU A 80 6.07 4.36 -1.25
N LEU A 81 6.00 3.65 -0.13
CA LEU A 81 5.19 4.10 1.00
C LEU A 81 5.77 5.37 1.62
N GLU A 82 7.11 5.42 1.68
CA GLU A 82 7.79 6.57 2.26
C GLU A 82 7.47 7.84 1.49
N ARG A 83 7.03 7.67 0.24
CA ARG A 83 6.69 8.80 -0.61
C ARG A 83 5.23 9.20 -0.43
N VAL A 84 4.33 8.27 -0.73
CA VAL A 84 2.90 8.53 -0.59
C VAL A 84 2.56 9.06 0.80
N ARG A 85 3.32 8.60 1.80
CA ARG A 85 3.10 9.02 3.17
C ARG A 85 3.64 10.43 3.40
N SER A 86 4.79 10.73 2.82
CA SER A 86 5.41 12.03 2.96
C SER A 86 4.74 13.06 2.06
N GLY A 87 5.13 14.32 2.20
CA GLY A 87 4.56 15.37 1.39
C GLY A 87 5.61 16.22 0.70
N PRO A 88 5.29 16.69 -0.52
CA PRO A 88 6.21 17.53 -1.30
C PRO A 88 6.39 18.92 -0.69
N SER A 89 5.75 19.14 0.45
CA SER A 89 5.85 20.43 1.13
C SER A 89 7.24 21.04 0.98
N SER A 90 7.29 22.34 0.73
CA SER A 90 8.56 23.03 0.56
C SER A 90 8.62 24.29 1.43
N GLY A 91 9.82 24.81 1.61
CA GLY A 91 9.98 26.01 2.42
C GLY A 91 11.31 26.03 3.16
N GLY A 1 -26.78 -2.38 -5.65
CA GLY A 1 -25.34 -2.45 -5.79
C GLY A 1 -24.64 -1.24 -5.18
N SER A 2 -24.05 -0.41 -6.04
CA SER A 2 -23.34 0.78 -5.59
C SER A 2 -23.60 1.96 -6.52
N SER A 3 -23.14 3.14 -6.12
CA SER A 3 -23.32 4.34 -6.92
C SER A 3 -22.14 4.55 -7.87
N GLY A 4 -20.94 4.61 -7.30
CA GLY A 4 -19.75 4.81 -8.10
C GLY A 4 -18.47 4.49 -7.34
N SER A 5 -17.35 5.03 -7.81
CA SER A 5 -16.07 4.81 -7.17
C SER A 5 -15.33 6.12 -6.94
N SER A 6 -15.15 6.89 -8.02
CA SER A 6 -14.47 8.18 -7.94
C SER A 6 -13.00 7.98 -7.54
N GLY A 7 -12.31 7.12 -8.28
CA GLY A 7 -10.90 6.86 -7.99
C GLY A 7 -10.04 6.94 -9.22
N GLU A 8 -9.31 8.05 -9.37
CA GLU A 8 -8.44 8.25 -10.51
C GLU A 8 -6.97 8.19 -10.09
N HIS A 9 -6.30 7.09 -10.44
CA HIS A 9 -4.90 6.90 -10.10
C HIS A 9 -4.15 8.22 -10.15
N GLY A 10 -3.80 8.75 -8.98
CA GLY A 10 -3.08 10.01 -8.92
C GLY A 10 -3.33 10.76 -7.63
N LEU A 11 -4.58 10.71 -7.15
CA LEU A 11 -4.95 11.39 -5.92
C LEU A 11 -4.39 10.67 -4.70
N LEU A 12 -3.65 9.59 -4.95
CA LEU A 12 -3.06 8.80 -3.88
C LEU A 12 -1.95 9.59 -3.17
N VAL A 13 -1.05 10.16 -3.97
CA VAL A 13 0.06 10.93 -3.42
C VAL A 13 -0.45 12.19 -2.71
N HIS A 14 -1.64 12.63 -3.11
CA HIS A 14 -2.24 13.83 -2.51
C HIS A 14 -2.94 13.49 -1.21
N LYS A 15 -3.72 12.41 -1.22
CA LYS A 15 -4.45 11.97 -0.04
C LYS A 15 -3.54 11.19 0.90
N ALA A 16 -3.61 11.50 2.20
CA ALA A 16 -2.80 10.80 3.19
C ALA A 16 -3.08 9.31 3.17
N VAL A 17 -2.01 8.51 3.23
CA VAL A 17 -2.14 7.06 3.23
C VAL A 17 -2.87 6.57 4.47
N ASP A 18 -2.68 7.28 5.58
CA ASP A 18 -3.32 6.92 6.84
C ASP A 18 -4.83 7.05 6.73
N LYS A 19 -5.30 7.58 5.61
CA LYS A 19 -6.73 7.77 5.37
C LYS A 19 -7.22 6.87 4.25
N TRP A 20 -6.30 6.11 3.66
CA TRP A 20 -6.65 5.20 2.57
C TRP A 20 -7.56 4.09 3.07
N THR A 21 -8.23 3.41 2.13
CA THR A 21 -9.14 2.33 2.46
C THR A 21 -8.60 0.99 1.96
N THR A 22 -9.06 -0.10 2.58
CA THR A 22 -8.63 -1.43 2.20
C THR A 22 -8.47 -1.55 0.68
N GLU A 23 -9.34 -0.86 -0.05
CA GLU A 23 -9.29 -0.88 -1.51
C GLU A 23 -8.10 -0.10 -2.03
N GLU A 24 -8.04 1.18 -1.70
CA GLU A 24 -6.95 2.05 -2.12
C GLU A 24 -5.59 1.43 -1.78
N VAL A 25 -5.48 0.93 -0.55
CA VAL A 25 -4.25 0.31 -0.10
C VAL A 25 -3.72 -0.70 -1.12
N VAL A 26 -4.60 -1.60 -1.54
CA VAL A 26 -4.23 -2.62 -2.52
C VAL A 26 -3.97 -2.00 -3.89
N LEU A 27 -4.78 -1.01 -4.25
CA LEU A 27 -4.64 -0.34 -5.54
C LEU A 27 -3.26 0.27 -5.68
N TRP A 28 -2.83 1.02 -4.68
CA TRP A 28 -1.51 1.66 -4.69
C TRP A 28 -0.41 0.62 -4.88
N LEU A 29 -0.55 -0.52 -4.21
CA LEU A 29 0.43 -1.59 -4.31
C LEU A 29 0.34 -2.31 -5.65
N GLU A 30 -0.86 -2.28 -6.24
CA GLU A 30 -1.09 -2.93 -7.52
C GLU A 30 -0.52 -2.08 -8.66
N GLN A 31 0.20 -1.02 -8.31
CA GLN A 31 0.80 -0.14 -9.30
C GLN A 31 2.32 -0.25 -9.28
N LEU A 32 2.86 -0.72 -8.15
CA LEU A 32 4.30 -0.88 -8.01
C LEU A 32 4.82 -2.04 -8.85
N GLY A 33 3.94 -3.02 -9.09
CA GLY A 33 4.32 -4.17 -9.87
C GLY A 33 3.21 -5.19 -9.98
N PRO A 34 3.34 -6.13 -10.94
CA PRO A 34 2.35 -7.18 -11.16
C PRO A 34 2.32 -8.20 -10.03
N TRP A 35 3.43 -8.33 -9.32
CA TRP A 35 3.52 -9.27 -8.21
C TRP A 35 2.62 -8.85 -7.06
N ALA A 36 2.19 -7.59 -7.08
CA ALA A 36 1.30 -7.07 -6.04
C ALA A 36 0.02 -7.89 -5.94
N SER A 37 -0.40 -8.46 -7.06
CA SER A 37 -1.62 -9.27 -7.10
C SER A 37 -1.42 -10.57 -6.33
N LEU A 38 -0.17 -10.85 -5.96
CA LEU A 38 0.15 -12.06 -5.22
C LEU A 38 0.01 -11.85 -3.72
N TYR A 39 -0.15 -10.59 -3.32
CA TYR A 39 -0.30 -10.25 -1.91
C TYR A 39 -1.64 -9.57 -1.65
N ARG A 40 -2.20 -8.98 -2.70
CA ARG A 40 -3.49 -8.29 -2.58
C ARG A 40 -4.44 -9.07 -1.67
N ASP A 41 -4.55 -10.37 -1.90
CA ASP A 41 -5.42 -11.23 -1.11
C ASP A 41 -5.11 -11.07 0.38
N ARG A 42 -3.83 -10.96 0.71
CA ARG A 42 -3.41 -10.82 2.10
C ARG A 42 -3.83 -9.46 2.66
N PHE A 43 -3.81 -8.44 1.80
CA PHE A 43 -4.19 -7.09 2.21
C PHE A 43 -5.67 -7.02 2.51
N LEU A 44 -6.49 -7.47 1.56
CA LEU A 44 -7.94 -7.46 1.73
C LEU A 44 -8.36 -8.33 2.90
N SER A 45 -7.96 -9.60 2.86
CA SER A 45 -8.30 -10.54 3.93
C SER A 45 -7.94 -9.96 5.30
N GLU A 46 -6.71 -9.47 5.42
CA GLU A 46 -6.24 -8.89 6.67
C GLU A 46 -6.82 -7.50 6.88
N ARG A 47 -7.74 -7.11 6.00
CA ARG A 47 -8.37 -5.80 6.09
C ARG A 47 -7.33 -4.70 6.28
N VAL A 48 -6.16 -4.90 5.70
CA VAL A 48 -5.07 -3.93 5.80
C VAL A 48 -5.47 -2.59 5.19
N ASN A 49 -5.92 -1.67 6.05
CA ASN A 49 -6.34 -0.35 5.59
C ASN A 49 -5.17 0.64 5.64
N GLY A 50 -5.32 1.75 4.93
CA GLY A 50 -4.27 2.76 4.90
C GLY A 50 -3.53 2.85 6.22
N ARG A 51 -4.21 3.31 7.26
CA ARG A 51 -3.62 3.45 8.57
C ARG A 51 -2.75 2.25 8.92
N LEU A 52 -3.28 1.05 8.64
CA LEU A 52 -2.55 -0.18 8.91
C LEU A 52 -1.28 -0.26 8.07
N LEU A 53 -1.42 -0.03 6.77
CA LEU A 53 -0.28 -0.08 5.86
C LEU A 53 0.89 0.74 6.41
N LEU A 54 0.58 1.86 7.04
CA LEU A 54 1.61 2.72 7.61
C LEU A 54 2.22 2.09 8.85
N THR A 55 1.37 1.68 9.80
CA THR A 55 1.83 1.06 11.03
C THR A 55 2.79 -0.10 10.73
N LEU A 56 2.74 -0.59 9.50
CA LEU A 56 3.59 -1.70 9.09
C LEU A 56 5.04 -1.24 8.91
N THR A 57 5.98 -2.11 9.24
CA THR A 57 7.40 -1.80 9.12
C THR A 57 8.17 -2.97 8.53
N GLU A 58 9.38 -2.71 8.05
CA GLU A 58 10.22 -3.74 7.47
C GLU A 58 10.02 -5.07 8.17
N GLU A 59 9.76 -5.01 9.47
CA GLU A 59 9.55 -6.21 10.27
C GLU A 59 8.19 -6.84 9.97
N GLU A 60 7.13 -6.21 10.47
CA GLU A 60 5.78 -6.71 10.26
C GLU A 60 5.64 -7.31 8.87
N PHE A 61 6.25 -6.66 7.89
CA PHE A 61 6.18 -7.13 6.51
C PHE A 61 6.83 -8.51 6.37
N SER A 62 8.00 -8.66 6.98
CA SER A 62 8.74 -9.92 6.93
C SER A 62 8.10 -10.95 7.85
N ARG A 63 7.15 -10.51 8.67
CA ARG A 63 6.46 -11.40 9.60
C ARG A 63 5.14 -11.88 9.01
N ALA A 64 4.75 -13.09 9.38
CA ALA A 64 3.51 -13.67 8.90
C ALA A 64 2.31 -12.83 9.31
N PRO A 65 1.18 -13.02 8.61
CA PRO A 65 1.07 -13.97 7.51
C PRO A 65 1.87 -13.54 6.28
N TYR A 66 2.05 -12.23 6.14
CA TYR A 66 2.80 -11.68 5.02
C TYR A 66 4.14 -12.38 4.86
N THR A 67 4.81 -12.61 5.99
CA THR A 67 6.11 -13.26 5.97
C THR A 67 6.92 -12.87 4.75
N ILE A 68 6.72 -11.64 4.27
CA ILE A 68 7.43 -11.14 3.11
C ILE A 68 8.90 -11.50 3.17
N GLU A 69 9.30 -12.47 2.35
CA GLU A 69 10.70 -12.91 2.31
C GLU A 69 11.44 -12.26 1.14
N ASN A 70 10.69 -11.92 0.10
CA ASN A 70 11.28 -11.29 -1.08
C ASN A 70 11.59 -9.82 -0.82
N SER A 71 12.80 -9.54 -0.38
CA SER A 71 13.23 -8.17 -0.10
C SER A 71 12.55 -7.19 -1.05
N SER A 72 12.71 -7.43 -2.35
CA SER A 72 12.12 -6.57 -3.36
C SER A 72 10.76 -6.04 -2.91
N HIS A 73 9.91 -6.94 -2.44
CA HIS A 73 8.58 -6.57 -1.98
C HIS A 73 8.67 -5.51 -0.88
N ARG A 74 9.57 -5.73 0.07
CA ARG A 74 9.75 -4.79 1.18
C ARG A 74 10.31 -3.46 0.68
N ARG A 75 11.34 -3.53 -0.15
CA ARG A 75 11.96 -2.33 -0.70
C ARG A 75 10.96 -1.51 -1.50
N VAL A 76 10.17 -2.18 -2.32
CA VAL A 76 9.16 -1.51 -3.14
C VAL A 76 8.09 -0.86 -2.27
N ILE A 77 7.42 -1.69 -1.47
CA ILE A 77 6.37 -1.19 -0.58
C ILE A 77 6.89 -0.07 0.32
N LEU A 78 7.91 -0.38 1.11
CA LEU A 78 8.49 0.61 2.01
C LEU A 78 8.89 1.87 1.26
N THR A 79 9.91 1.75 0.40
CA THR A 79 10.38 2.89 -0.38
C THR A 79 9.22 3.75 -0.85
N GLU A 80 8.35 3.18 -1.68
CA GLU A 80 7.20 3.91 -2.20
C GLU A 80 6.39 4.53 -1.07
N LEU A 81 6.12 3.73 -0.04
CA LEU A 81 5.35 4.20 1.11
C LEU A 81 6.00 5.45 1.73
N GLU A 82 7.32 5.52 1.63
CA GLU A 82 8.06 6.65 2.18
C GLU A 82 7.89 7.89 1.30
N ARG A 83 7.41 7.68 0.09
CA ARG A 83 7.20 8.77 -0.85
C ARG A 83 5.76 9.27 -0.80
N VAL A 84 4.81 8.36 -0.98
CA VAL A 84 3.39 8.71 -0.95
C VAL A 84 3.05 9.48 0.32
N ARG A 85 3.59 9.04 1.45
CA ARG A 85 3.35 9.69 2.73
C ARG A 85 3.88 11.12 2.72
N SER A 86 5.09 11.30 2.23
CA SER A 86 5.71 12.63 2.16
C SER A 86 4.68 13.68 1.79
N GLY A 87 4.25 13.66 0.53
CA GLY A 87 3.27 14.63 0.06
C GLY A 87 3.85 15.59 -0.96
N PRO A 88 4.16 16.82 -0.51
CA PRO A 88 4.71 17.86 -1.38
C PRO A 88 6.16 17.56 -1.80
N SER A 89 6.79 16.64 -1.07
CA SER A 89 8.17 16.26 -1.36
C SER A 89 8.24 15.47 -2.68
N SER A 90 7.59 14.31 -2.71
CA SER A 90 7.58 13.47 -3.88
C SER A 90 6.20 13.44 -4.53
N GLY A 91 6.16 13.11 -5.82
CA GLY A 91 4.90 13.06 -6.52
C GLY A 91 5.07 12.83 -8.01
N GLY A 1 -23.13 2.71 6.73
CA GLY A 1 -23.38 3.27 5.41
C GLY A 1 -22.15 3.23 4.53
N SER A 2 -22.00 2.15 3.77
CA SER A 2 -20.87 1.99 2.88
C SER A 2 -20.97 2.95 1.69
N SER A 3 -20.09 3.95 1.68
CA SER A 3 -20.09 4.94 0.61
C SER A 3 -18.65 5.34 0.25
N GLY A 4 -18.35 5.30 -1.05
CA GLY A 4 -17.01 5.65 -1.50
C GLY A 4 -16.60 4.88 -2.74
N SER A 5 -17.05 5.33 -3.90
CA SER A 5 -16.72 4.67 -5.17
C SER A 5 -15.85 5.57 -6.04
N SER A 6 -14.54 5.33 -6.01
CA SER A 6 -13.61 6.13 -6.80
C SER A 6 -12.26 5.43 -6.88
N GLY A 7 -11.52 5.70 -7.96
CA GLY A 7 -10.22 5.10 -8.15
C GLY A 7 -9.49 5.65 -9.35
N GLU A 8 -8.56 6.57 -9.11
CA GLU A 8 -7.79 7.19 -10.19
C GLU A 8 -6.35 7.42 -9.76
N HIS A 9 -5.41 6.92 -10.55
CA HIS A 9 -3.99 7.07 -10.25
C HIS A 9 -3.63 8.54 -10.11
N GLY A 10 -3.43 8.97 -8.86
CA GLY A 10 -3.08 10.35 -8.61
C GLY A 10 -3.31 10.77 -7.17
N LEU A 11 -4.56 11.07 -6.83
CA LEU A 11 -4.92 11.48 -5.48
C LEU A 11 -4.10 10.71 -4.45
N LEU A 12 -3.75 9.47 -4.78
CA LEU A 12 -2.95 8.63 -3.88
C LEU A 12 -1.98 9.48 -3.08
N VAL A 13 -1.06 10.15 -3.79
CA VAL A 13 -0.07 10.99 -3.14
C VAL A 13 -0.72 12.16 -2.42
N HIS A 14 -1.74 12.74 -3.06
CA HIS A 14 -2.45 13.87 -2.47
C HIS A 14 -3.09 13.49 -1.14
N LYS A 15 -4.11 12.63 -1.20
CA LYS A 15 -4.80 12.18 0.01
C LYS A 15 -3.86 11.40 0.92
N ALA A 16 -3.93 11.68 2.21
CA ALA A 16 -3.09 10.99 3.19
C ALA A 16 -3.27 9.48 3.11
N VAL A 17 -2.17 8.75 3.13
CA VAL A 17 -2.21 7.29 3.06
C VAL A 17 -2.92 6.71 4.28
N ASP A 18 -2.83 7.42 5.40
CA ASP A 18 -3.46 6.97 6.64
C ASP A 18 -4.98 7.06 6.53
N LYS A 19 -5.46 7.54 5.39
CA LYS A 19 -6.89 7.69 5.17
C LYS A 19 -7.37 6.74 4.07
N TRP A 20 -6.44 5.99 3.50
CA TRP A 20 -6.76 5.04 2.44
C TRP A 20 -7.66 3.92 2.96
N THR A 21 -8.31 3.21 2.06
CA THR A 21 -9.20 2.12 2.43
C THR A 21 -8.71 0.79 1.88
N THR A 22 -9.13 -0.31 2.51
CA THR A 22 -8.72 -1.64 2.08
C THR A 22 -8.65 -1.73 0.55
N GLU A 23 -9.45 -0.91 -0.12
CA GLU A 23 -9.49 -0.89 -1.57
C GLU A 23 -8.30 -0.13 -2.13
N GLU A 24 -8.16 1.13 -1.72
CA GLU A 24 -7.06 1.97 -2.19
C GLU A 24 -5.72 1.37 -1.81
N VAL A 25 -5.61 0.88 -0.58
CA VAL A 25 -4.38 0.27 -0.09
C VAL A 25 -3.83 -0.74 -1.11
N VAL A 26 -4.68 -1.63 -1.57
CA VAL A 26 -4.29 -2.66 -2.54
C VAL A 26 -4.05 -2.03 -3.92
N LEU A 27 -4.85 -1.02 -4.24
CA LEU A 27 -4.72 -0.34 -5.53
C LEU A 27 -3.33 0.27 -5.69
N TRP A 28 -2.91 1.04 -4.70
CA TRP A 28 -1.60 1.68 -4.73
C TRP A 28 -0.49 0.64 -4.93
N LEU A 29 -0.63 -0.50 -4.26
CA LEU A 29 0.36 -1.57 -4.36
C LEU A 29 0.27 -2.26 -5.72
N GLU A 30 -0.92 -2.23 -6.32
CA GLU A 30 -1.14 -2.85 -7.62
C GLU A 30 -0.54 -2.00 -8.74
N GLN A 31 0.16 -0.94 -8.35
CA GLN A 31 0.78 -0.04 -9.32
C GLN A 31 2.30 -0.21 -9.32
N LEU A 32 2.84 -0.65 -8.19
CA LEU A 32 4.28 -0.85 -8.05
C LEU A 32 4.76 -2.00 -8.94
N GLY A 33 3.86 -2.96 -9.18
CA GLY A 33 4.21 -4.10 -10.01
C GLY A 33 3.09 -5.11 -10.12
N PRO A 34 3.18 -6.01 -11.11
CA PRO A 34 2.17 -7.05 -11.34
C PRO A 34 2.16 -8.10 -10.24
N TRP A 35 3.28 -8.23 -9.54
CA TRP A 35 3.40 -9.20 -8.46
C TRP A 35 2.54 -8.81 -7.27
N ALA A 36 2.11 -7.56 -7.25
CA ALA A 36 1.26 -7.06 -6.16
C ALA A 36 0.03 -7.93 -5.99
N SER A 37 -0.52 -8.41 -7.09
CA SER A 37 -1.70 -9.26 -7.05
C SER A 37 -1.41 -10.58 -6.35
N LEU A 38 -0.13 -10.85 -6.13
CA LEU A 38 0.29 -12.08 -5.46
C LEU A 38 0.26 -11.92 -3.94
N TYR A 39 0.19 -10.67 -3.50
CA TYR A 39 0.15 -10.38 -2.07
C TYR A 39 -1.17 -9.72 -1.68
N ARG A 40 -1.76 -8.98 -2.62
CA ARG A 40 -3.02 -8.29 -2.38
C ARG A 40 -3.96 -9.17 -1.57
N ASP A 41 -3.94 -10.47 -1.82
CA ASP A 41 -4.78 -11.42 -1.11
C ASP A 41 -4.66 -11.23 0.40
N ARG A 42 -3.42 -11.10 0.87
CA ARG A 42 -3.16 -10.93 2.29
C ARG A 42 -3.65 -9.56 2.77
N PHE A 43 -3.62 -8.58 1.88
CA PHE A 43 -4.07 -7.24 2.20
C PHE A 43 -5.58 -7.20 2.44
N LEU A 44 -6.32 -7.75 1.48
CA LEU A 44 -7.78 -7.78 1.59
C LEU A 44 -8.23 -8.65 2.76
N SER A 45 -7.75 -9.89 2.79
CA SER A 45 -8.11 -10.82 3.86
C SER A 45 -7.85 -10.19 5.22
N GLU A 46 -6.70 -9.54 5.36
CA GLU A 46 -6.32 -8.90 6.61
C GLU A 46 -6.91 -7.49 6.71
N ARG A 47 -7.71 -7.13 5.71
CA ARG A 47 -8.33 -5.81 5.68
C ARG A 47 -7.31 -4.72 6.01
N VAL A 48 -6.09 -4.88 5.51
CA VAL A 48 -5.03 -3.92 5.76
C VAL A 48 -5.37 -2.57 5.15
N ASN A 49 -5.85 -1.65 5.99
CA ASN A 49 -6.22 -0.32 5.54
C ASN A 49 -5.03 0.63 5.61
N GLY A 50 -5.11 1.75 4.90
CA GLY A 50 -4.03 2.72 4.90
C GLY A 50 -3.42 2.91 6.28
N ARG A 51 -4.24 3.37 7.22
CA ARG A 51 -3.78 3.60 8.59
C ARG A 51 -2.90 2.45 9.06
N LEU A 52 -3.33 1.23 8.78
CA LEU A 52 -2.59 0.03 9.18
C LEU A 52 -1.31 -0.10 8.36
N LEU A 53 -1.39 0.20 7.08
CA LEU A 53 -0.23 0.12 6.19
C LEU A 53 0.93 0.97 6.73
N LEU A 54 0.66 2.25 6.95
CA LEU A 54 1.67 3.16 7.47
C LEU A 54 2.38 2.57 8.68
N THR A 55 1.60 2.20 9.69
CA THR A 55 2.15 1.62 10.91
C THR A 55 3.08 0.46 10.59
N LEU A 56 2.64 -0.42 9.70
CA LEU A 56 3.45 -1.58 9.30
C LEU A 56 4.84 -1.14 8.87
N THR A 57 5.86 -1.81 9.41
CA THR A 57 7.24 -1.50 9.07
C THR A 57 7.92 -2.68 8.37
N GLU A 58 9.13 -2.45 7.88
CA GLU A 58 9.89 -3.49 7.19
C GLU A 58 9.73 -4.84 7.90
N GLU A 59 9.79 -4.81 9.23
CA GLU A 59 9.65 -6.03 10.02
C GLU A 59 8.25 -6.61 9.88
N GLU A 60 7.26 -5.94 10.46
CA GLU A 60 5.89 -6.40 10.39
C GLU A 60 5.60 -7.07 9.06
N PHE A 61 6.07 -6.44 7.97
CA PHE A 61 5.86 -6.97 6.63
C PHE A 61 6.43 -8.38 6.51
N SER A 62 7.64 -8.57 7.03
CA SER A 62 8.30 -9.86 6.97
C SER A 62 7.72 -10.82 8.01
N ARG A 63 6.86 -10.29 8.87
CA ARG A 63 6.23 -11.09 9.92
C ARG A 63 4.85 -11.56 9.48
N ALA A 64 4.47 -12.76 9.91
CA ALA A 64 3.17 -13.32 9.57
C ALA A 64 2.03 -12.41 10.04
N PRO A 65 0.86 -12.57 9.42
CA PRO A 65 0.64 -13.57 8.36
C PRO A 65 1.37 -13.20 7.07
N TYR A 66 1.56 -11.90 6.85
CA TYR A 66 2.24 -11.43 5.65
C TYR A 66 3.51 -12.23 5.39
N THR A 67 4.27 -12.46 6.45
CA THR A 67 5.52 -13.22 6.34
C THR A 67 6.16 -13.02 4.96
N ILE A 68 6.13 -11.79 4.47
CA ILE A 68 6.71 -11.47 3.18
C ILE A 68 8.14 -12.00 3.07
N GLU A 69 8.27 -13.24 2.59
CA GLU A 69 9.57 -13.87 2.44
C GLU A 69 10.26 -13.39 1.16
N ASN A 70 10.19 -12.08 0.93
CA ASN A 70 10.81 -11.49 -0.25
C ASN A 70 11.15 -10.02 -0.02
N SER A 71 12.45 -9.71 -0.02
CA SER A 71 12.91 -8.35 0.20
C SER A 71 12.36 -7.41 -0.88
N SER A 72 12.67 -7.74 -2.14
CA SER A 72 12.21 -6.93 -3.26
C SER A 72 10.82 -6.36 -3.00
N HIS A 73 9.94 -7.19 -2.45
CA HIS A 73 8.58 -6.77 -2.14
C HIS A 73 8.57 -5.66 -1.09
N ARG A 74 9.30 -5.89 0.00
CA ARG A 74 9.37 -4.92 1.08
C ARG A 74 10.01 -3.62 0.61
N ARG A 75 11.09 -3.75 -0.17
CA ARG A 75 11.80 -2.59 -0.69
C ARG A 75 10.85 -1.68 -1.48
N VAL A 76 10.07 -2.29 -2.38
CA VAL A 76 9.12 -1.54 -3.19
C VAL A 76 8.04 -0.90 -2.32
N ILE A 77 7.31 -1.73 -1.59
CA ILE A 77 6.25 -1.26 -0.72
C ILE A 77 6.73 -0.11 0.16
N LEU A 78 7.79 -0.37 0.93
CA LEU A 78 8.35 0.65 1.82
C LEU A 78 8.80 1.87 1.04
N THR A 79 9.89 1.71 0.27
CA THR A 79 10.42 2.81 -0.52
C THR A 79 9.30 3.69 -1.05
N GLU A 80 8.30 3.09 -1.68
CA GLU A 80 7.18 3.83 -2.22
C GLU A 80 6.38 4.51 -1.12
N LEU A 81 6.11 3.76 -0.04
CA LEU A 81 5.35 4.29 1.08
C LEU A 81 6.09 5.47 1.72
N GLU A 82 7.41 5.45 1.65
CA GLU A 82 8.23 6.51 2.23
C GLU A 82 8.02 7.82 1.48
N ARG A 83 7.67 7.72 0.19
CA ARG A 83 7.44 8.89 -0.64
C ARG A 83 6.01 9.40 -0.48
N VAL A 84 5.05 8.57 -0.86
CA VAL A 84 3.64 8.93 -0.76
C VAL A 84 3.34 9.62 0.57
N ARG A 85 3.95 9.12 1.63
CA ARG A 85 3.76 9.67 2.96
C ARG A 85 4.50 11.01 3.11
N SER A 86 5.77 11.02 2.71
CA SER A 86 6.58 12.22 2.80
C SER A 86 5.90 13.39 2.10
N GLY A 87 6.00 14.57 2.72
CA GLY A 87 5.38 15.76 2.14
C GLY A 87 5.30 16.89 3.14
N PRO A 88 5.46 18.13 2.63
CA PRO A 88 5.40 19.34 3.47
C PRO A 88 4.00 19.63 3.98
N SER A 89 3.89 20.58 4.91
CA SER A 89 2.60 20.95 5.49
C SER A 89 1.81 21.83 4.52
N SER A 90 0.51 21.57 4.42
CA SER A 90 -0.36 22.34 3.55
C SER A 90 -1.03 23.48 4.30
N GLY A 91 -1.54 23.18 5.49
CA GLY A 91 -2.20 24.18 6.29
C GLY A 91 -3.61 23.77 6.70
#